data_2KV1
#
_entry.id   2KV1
#
loop_
_entity.id
_entity.type
_entity.pdbx_description
1 polymer 'Methionine-R-sulfoxide reductase B1'
2 non-polymer 'ZINC ION'
#
_entity_poly.entity_id   1
_entity_poly.type   'polypeptide(L)'
_entity_poly.pdbx_seq_one_letter_code
;MSFCSFFGGEVFQNHFEPGVYVCAKCSYELFSSHSKYAHSSPWPAFTETIHPDSVTKCPEKNRPEALKVSCGKCGNGLGH
EFLNDGPKRGQSRFCIFSSSLKFVPKGKEAAASQGHLEHHHHHH
;
_entity_poly.pdbx_strand_id   A
#
loop_
_chem_comp.id
_chem_comp.type
_chem_comp.name
_chem_comp.formula
ZN non-polymer 'ZINC ION' 'Zn 2'
#
# COMPACT_ATOMS: atom_id res chain seq x y z
N MET A 1 -34.07 8.99 34.94
CA MET A 1 -33.81 9.15 33.50
C MET A 1 -32.52 9.91 33.29
N SER A 2 -31.62 9.37 32.46
CA SER A 2 -30.36 10.01 32.06
C SER A 2 -29.93 9.47 30.69
N PHE A 3 -29.24 8.31 30.65
CA PHE A 3 -28.64 7.67 29.47
C PHE A 3 -27.56 8.53 28.78
N CYS A 4 -26.42 7.90 28.44
CA CYS A 4 -25.28 8.56 27.80
C CYS A 4 -24.85 7.83 26.52
N SER A 5 -24.55 8.59 25.46
CA SER A 5 -24.06 8.10 24.17
C SER A 5 -23.52 9.28 23.36
N PHE A 6 -22.36 9.12 22.73
CA PHE A 6 -21.86 9.99 21.68
C PHE A 6 -21.05 9.19 20.65
N PHE A 7 -21.38 9.35 19.37
CA PHE A 7 -20.75 8.69 18.24
C PHE A 7 -20.97 9.52 16.97
N GLY A 8 -20.21 9.30 15.91
CA GLY A 8 -20.44 9.94 14.60
C GLY A 8 -21.19 9.03 13.62
N GLY A 9 -20.95 7.73 13.69
CA GLY A 9 -21.55 6.68 12.86
C GLY A 9 -20.50 5.72 12.27
N GLU A 10 -19.31 6.24 11.97
CA GLU A 10 -18.15 5.44 11.56
C GLU A 10 -16.84 6.12 11.94
N VAL A 11 -15.77 5.33 12.09
CA VAL A 11 -14.45 5.80 12.52
C VAL A 11 -13.59 6.40 11.38
N PHE A 12 -14.07 6.33 10.13
CA PHE A 12 -13.20 6.41 8.94
C PHE A 12 -12.39 7.71 8.78
N GLN A 13 -12.87 8.84 9.32
CA GLN A 13 -12.32 10.17 9.02
C GLN A 13 -10.86 10.38 9.42
N ASN A 14 -10.29 9.55 10.30
CA ASN A 14 -8.92 9.61 10.76
C ASN A 14 -7.97 8.67 9.97
N HIS A 15 -8.44 7.96 8.94
CA HIS A 15 -7.62 7.02 8.15
C HIS A 15 -6.87 7.71 7.00
N PHE A 16 -6.00 8.65 7.35
CA PHE A 16 -5.10 9.36 6.43
C PHE A 16 -3.65 9.48 6.93
N GLU A 17 -3.33 8.91 8.09
CA GLU A 17 -2.00 9.03 8.71
C GLU A 17 -0.92 8.21 7.97
N PRO A 18 0.36 8.65 7.97
CA PRO A 18 1.39 8.12 7.09
C PRO A 18 1.88 6.71 7.49
N GLY A 19 2.43 5.99 6.51
CA GLY A 19 2.86 4.60 6.67
C GLY A 19 3.38 3.99 5.38
N VAL A 20 3.51 2.66 5.40
CA VAL A 20 4.04 1.82 4.32
C VAL A 20 3.14 0.60 4.10
N TYR A 21 3.29 -0.08 2.96
CA TYR A 21 2.57 -1.32 2.66
C TYR A 21 3.55 -2.49 2.54
N VAL A 22 3.13 -3.68 2.99
CA VAL A 22 3.97 -4.89 2.99
C VAL A 22 3.17 -6.12 2.58
N CYS A 23 3.85 -7.13 2.04
CA CYS A 23 3.15 -8.27 1.47
C CYS A 23 2.33 -9.06 2.52
N ALA A 24 1.16 -9.54 2.10
CA ALA A 24 0.33 -10.42 2.93
C ALA A 24 0.98 -11.82 3.11
N LYS A 25 1.95 -12.17 2.26
CA LYS A 25 2.66 -13.46 2.21
C LYS A 25 4.14 -13.32 2.53
N CYS A 26 4.76 -12.31 1.94
CA CYS A 26 6.21 -12.11 1.92
C CYS A 26 6.69 -11.14 3.02
N SER A 27 5.79 -10.29 3.53
CA SER A 27 6.01 -9.26 4.56
C SER A 27 7.04 -8.18 4.21
N TYR A 28 7.61 -8.24 3.00
CA TYR A 28 8.61 -7.30 2.52
C TYR A 28 7.96 -5.96 2.17
N GLU A 29 8.57 -4.84 2.56
CA GLU A 29 7.91 -3.53 2.46
C GLU A 29 8.09 -2.94 1.07
N LEU A 30 6.98 -2.75 0.37
CA LEU A 30 6.96 -2.26 -1.01
C LEU A 30 5.65 -1.53 -1.35
N PHE A 31 5.84 -0.26 -1.69
CA PHE A 31 4.96 0.68 -2.39
C PHE A 31 5.79 1.91 -2.80
N SER A 32 5.60 2.49 -3.99
CA SER A 32 6.24 3.78 -4.33
C SER A 32 5.52 4.95 -3.66
N SER A 33 6.29 5.93 -3.19
CA SER A 33 5.74 7.14 -2.56
C SER A 33 4.91 8.01 -3.53
N HIS A 34 5.01 7.77 -4.84
CA HIS A 34 4.35 8.57 -5.89
C HIS A 34 3.03 7.99 -6.40
N SER A 35 2.74 6.73 -6.08
CA SER A 35 1.63 5.95 -6.62
C SER A 35 0.30 6.18 -5.90
N LYS A 36 0.34 6.79 -4.71
CA LYS A 36 -0.85 7.19 -3.95
C LYS A 36 -0.73 8.62 -3.41
N TYR A 37 -1.90 9.25 -3.22
CA TYR A 37 -2.03 10.57 -2.60
C TYR A 37 -2.80 10.50 -1.27
N ALA A 38 -2.95 11.65 -0.62
CA ALA A 38 -3.57 11.81 0.70
C ALA A 38 -5.00 12.36 0.59
N HIS A 39 -5.96 11.66 1.21
CA HIS A 39 -7.37 12.05 1.30
C HIS A 39 -8.05 11.27 2.44
N SER A 40 -9.15 11.79 3.00
CA SER A 40 -10.01 11.07 3.94
C SER A 40 -11.45 10.96 3.41
N SER A 41 -11.81 9.79 2.91
CA SER A 41 -13.09 9.51 2.24
C SER A 41 -13.40 8.01 2.21
N PRO A 42 -14.64 7.61 1.86
CA PRO A 42 -14.88 6.30 1.27
C PRO A 42 -14.06 6.07 -0.02
N TRP A 43 -14.09 4.83 -0.52
CA TRP A 43 -13.45 4.36 -1.75
C TRP A 43 -11.93 4.65 -1.87
N PRO A 44 -11.09 4.22 -0.92
CA PRO A 44 -9.64 4.36 -1.02
C PRO A 44 -9.06 3.50 -2.15
N ALA A 45 -8.11 4.09 -2.91
CA ALA A 45 -7.46 3.50 -4.09
C ALA A 45 -6.06 4.11 -4.30
N PHE A 46 -5.31 3.65 -5.29
CA PHE A 46 -4.06 4.28 -5.75
C PHE A 46 -4.04 4.46 -7.28
N THR A 47 -3.50 5.59 -7.75
CA THR A 47 -3.54 5.99 -9.17
C THR A 47 -2.60 5.16 -10.03
N GLU A 48 -1.38 4.93 -9.54
CA GLU A 48 -0.33 4.19 -10.17
C GLU A 48 0.10 3.01 -9.27
N THR A 49 1.12 2.28 -9.73
CA THR A 49 1.83 1.26 -8.93
C THR A 49 3.35 1.30 -9.18
N ILE A 50 4.10 0.52 -8.41
CA ILE A 50 5.57 0.45 -8.42
C ILE A 50 6.13 -0.26 -9.67
N HIS A 51 5.29 -1.03 -10.36
CA HIS A 51 5.61 -1.87 -11.53
C HIS A 51 6.95 -2.66 -11.39
N PRO A 52 7.10 -3.51 -10.34
CA PRO A 52 8.27 -4.37 -10.18
C PRO A 52 8.15 -5.64 -11.04
N ASP A 53 9.15 -6.50 -10.96
CA ASP A 53 9.24 -7.80 -11.62
C ASP A 53 8.50 -8.94 -10.93
N SER A 54 8.29 -8.75 -9.64
CA SER A 54 7.90 -9.77 -8.67
C SER A 54 6.39 -9.93 -8.47
N VAL A 55 5.66 -8.97 -9.00
CA VAL A 55 4.19 -8.99 -9.12
C VAL A 55 3.82 -8.97 -10.60
N THR A 56 2.67 -9.56 -10.95
CA THR A 56 2.19 -9.60 -12.34
C THR A 56 0.69 -9.50 -12.43
N LYS A 57 0.15 -9.26 -13.62
CA LYS A 57 -1.28 -9.08 -13.86
C LYS A 57 -1.80 -9.84 -15.06
N CYS A 58 -3.12 -9.94 -15.16
CA CYS A 58 -3.79 -10.44 -16.34
C CYS A 58 -5.19 -9.84 -16.62
N PRO A 59 -5.57 -9.64 -17.90
CA PRO A 59 -6.85 -9.03 -18.26
C PRO A 59 -8.04 -9.95 -18.02
N GLU A 60 -9.18 -9.34 -17.78
CA GLU A 60 -10.46 -10.04 -17.76
C GLU A 60 -11.05 -10.36 -19.14
N LYS A 61 -11.95 -11.34 -19.12
CA LYS A 61 -12.62 -11.92 -20.29
C LYS A 61 -14.08 -11.52 -20.43
N ASN A 62 -14.72 -11.64 -19.29
CA ASN A 62 -16.07 -11.33 -18.91
C ASN A 62 -16.24 -9.87 -18.46
N ARG A 63 -15.11 -9.16 -18.33
CA ARG A 63 -15.03 -7.76 -17.90
C ARG A 63 -13.99 -6.96 -18.71
N PRO A 64 -14.10 -6.88 -20.05
CA PRO A 64 -12.99 -6.51 -20.96
C PRO A 64 -12.63 -5.02 -21.02
N GLU A 65 -12.93 -4.32 -19.94
CA GLU A 65 -12.67 -2.92 -19.61
C GLU A 65 -11.84 -2.77 -18.32
N ALA A 66 -11.36 -3.89 -17.78
CA ALA A 66 -10.68 -4.01 -16.51
C ALA A 66 -9.79 -5.27 -16.48
N LEU A 67 -8.83 -5.27 -15.58
CA LEU A 67 -7.89 -6.35 -15.36
C LEU A 67 -7.66 -6.69 -13.87
N LYS A 68 -7.28 -7.94 -13.60
CA LYS A 68 -6.87 -8.39 -12.27
C LYS A 68 -5.35 -8.42 -12.16
N VAL A 69 -4.81 -8.02 -11.01
CA VAL A 69 -3.38 -8.06 -10.69
C VAL A 69 -3.10 -9.01 -9.51
N SER A 70 -2.02 -9.80 -9.59
CA SER A 70 -1.56 -10.72 -8.54
C SER A 70 -0.15 -10.49 -7.99
N CYS A 71 0.05 -10.95 -6.74
CA CYS A 71 1.41 -11.18 -6.24
C CYS A 71 1.91 -12.53 -6.80
N GLY A 72 2.41 -12.50 -8.04
CA GLY A 72 2.89 -13.70 -8.72
C GLY A 72 4.14 -14.37 -8.12
N LYS A 73 4.77 -13.77 -7.10
CA LYS A 73 5.92 -14.33 -6.37
C LYS A 73 5.51 -15.45 -5.41
N CYS A 74 4.57 -15.16 -4.54
CA CYS A 74 3.98 -16.02 -3.54
C CYS A 74 2.68 -16.69 -4.05
N GLY A 75 2.11 -16.13 -5.12
CA GLY A 75 1.02 -16.68 -5.89
C GLY A 75 -0.35 -16.23 -5.37
N ASN A 76 -0.54 -14.92 -5.17
CA ASN A 76 -1.79 -14.32 -4.75
C ASN A 76 -2.64 -13.97 -5.99
N GLY A 77 -3.56 -13.00 -5.88
CA GLY A 77 -4.32 -12.46 -7.00
C GLY A 77 -5.68 -11.85 -6.71
N LEU A 78 -5.66 -10.74 -5.99
CA LEU A 78 -6.87 -10.14 -5.41
C LEU A 78 -7.05 -8.66 -5.77
N GLY A 79 -6.00 -7.97 -6.20
CA GLY A 79 -6.09 -6.58 -6.61
C GLY A 79 -6.39 -6.46 -8.10
N HIS A 80 -6.72 -5.26 -8.53
CA HIS A 80 -7.20 -4.94 -9.86
C HIS A 80 -6.70 -3.57 -10.34
N GLU A 81 -6.80 -3.36 -11.64
CA GLU A 81 -6.76 -2.07 -12.33
C GLU A 81 -7.88 -2.08 -13.38
N PHE A 82 -8.72 -1.06 -13.35
CA PHE A 82 -9.80 -0.86 -14.33
C PHE A 82 -9.28 -0.15 -15.60
N LEU A 83 -8.40 -0.83 -16.35
CA LEU A 83 -7.55 -0.22 -17.39
C LEU A 83 -8.23 -0.05 -18.76
N ASN A 84 -7.70 0.95 -19.45
CA ASN A 84 -8.07 1.53 -20.75
C ASN A 84 -9.43 2.24 -20.81
N ASP A 85 -10.20 2.20 -19.73
CA ASP A 85 -11.56 2.74 -19.66
C ASP A 85 -11.57 4.25 -19.42
N GLY A 86 -10.56 4.76 -18.71
CA GLY A 86 -10.55 6.08 -18.12
C GLY A 86 -9.56 7.17 -18.59
N PRO A 87 -8.77 7.01 -19.68
CA PRO A 87 -7.40 7.54 -19.80
C PRO A 87 -7.19 9.05 -19.61
N LYS A 88 -8.21 9.88 -19.83
CA LYS A 88 -8.16 11.33 -19.63
C LYS A 88 -8.37 11.81 -18.19
N ARG A 89 -9.20 11.12 -17.42
CA ARG A 89 -9.56 11.39 -16.03
C ARG A 89 -8.64 10.70 -15.00
N GLY A 90 -9.01 10.83 -13.72
CA GLY A 90 -8.66 9.94 -12.63
C GLY A 90 -9.46 8.64 -12.56
N GLN A 91 -10.24 8.35 -13.61
CA GLN A 91 -10.67 7.03 -14.01
C GLN A 91 -9.44 6.16 -14.37
N SER A 92 -9.57 4.83 -14.31
CA SER A 92 -8.46 3.87 -14.32
C SER A 92 -7.42 4.16 -13.23
N ARG A 93 -7.73 3.59 -12.06
CA ARG A 93 -6.91 3.57 -10.85
C ARG A 93 -6.97 2.16 -10.25
N PHE A 94 -5.86 1.73 -9.65
CA PHE A 94 -5.77 0.42 -9.03
C PHE A 94 -6.55 0.41 -7.72
N CYS A 95 -7.17 -0.74 -7.44
CA CYS A 95 -7.79 -1.03 -6.15
C CYS A 95 -7.43 -2.46 -5.69
N ILE A 96 -7.27 -2.69 -4.39
CA ILE A 96 -6.73 -3.93 -3.83
C ILE A 96 -7.52 -4.42 -2.60
N PHE A 97 -7.36 -5.71 -2.27
CA PHE A 97 -7.87 -6.30 -1.02
C PHE A 97 -6.88 -6.16 0.14
N SER A 98 -7.42 -6.00 1.35
CA SER A 98 -6.70 -6.09 2.64
C SER A 98 -6.01 -7.45 2.89
N SER A 99 -6.54 -8.52 2.31
CA SER A 99 -5.91 -9.86 2.32
C SER A 99 -4.81 -10.02 1.23
N SER A 100 -4.61 -9.02 0.36
CA SER A 100 -3.55 -9.03 -0.66
C SER A 100 -2.22 -8.48 -0.15
N LEU A 101 -2.28 -7.45 0.68
CA LEU A 101 -1.15 -6.86 1.41
C LEU A 101 -1.61 -6.00 2.59
N LYS A 102 -0.71 -5.83 3.57
CA LYS A 102 -0.95 -5.21 4.87
C LYS A 102 -0.43 -3.78 4.93
N PHE A 103 -0.89 -3.03 5.94
CA PHE A 103 -0.46 -1.69 6.27
C PHE A 103 0.32 -1.70 7.59
N VAL A 104 1.48 -1.06 7.53
CA VAL A 104 2.34 -0.73 8.67
C VAL A 104 2.53 0.79 8.75
N PRO A 105 1.86 1.48 9.70
CA PRO A 105 1.96 2.93 9.81
C PRO A 105 3.30 3.38 10.40
N LYS A 106 3.60 4.68 10.30
CA LYS A 106 4.66 5.33 11.04
C LYS A 106 4.38 5.41 12.54
N GLY A 107 5.34 6.01 13.24
CA GLY A 107 5.41 6.02 14.70
C GLY A 107 4.19 6.72 15.28
N LYS A 108 4.12 8.04 15.05
CA LYS A 108 2.94 8.89 15.16
C LYS A 108 2.50 9.38 13.79
N GLU A 109 3.31 10.26 13.18
CA GLU A 109 3.05 10.88 11.91
C GLU A 109 4.36 11.04 11.13
N ALA A 110 4.93 12.25 11.15
CA ALA A 110 6.11 12.66 10.36
C ALA A 110 6.00 12.23 8.88
N ALA A 111 7.07 11.66 8.30
CA ALA A 111 7.15 11.18 6.92
C ALA A 111 6.90 12.27 5.84
N ALA A 112 6.68 11.84 4.59
CA ALA A 112 6.31 12.65 3.42
C ALA A 112 7.07 13.99 3.26
N SER A 113 8.38 13.90 3.45
CA SER A 113 9.33 15.02 3.52
C SER A 113 10.76 14.55 3.25
N GLN A 114 11.66 15.50 2.97
CA GLN A 114 12.99 15.28 2.42
C GLN A 114 14.10 15.34 3.50
N GLY A 115 15.14 14.52 3.34
CA GLY A 115 16.36 14.61 4.14
C GLY A 115 17.42 13.62 3.66
N HIS A 116 18.64 14.11 3.39
CA HIS A 116 19.69 13.35 2.68
C HIS A 116 21.08 13.54 3.32
N LEU A 117 21.74 12.42 3.60
CA LEU A 117 23.11 12.33 4.09
C LEU A 117 23.68 10.97 3.64
N GLU A 118 24.55 10.96 2.63
CA GLU A 118 25.17 9.74 2.10
C GLU A 118 26.54 10.02 1.47
N HIS A 119 27.53 9.18 1.76
CA HIS A 119 28.83 9.19 1.06
C HIS A 119 29.62 7.89 1.18
N HIS A 120 30.25 7.49 0.08
CA HIS A 120 31.42 6.63 0.06
C HIS A 120 32.32 7.01 -1.14
N HIS A 121 33.58 7.33 -0.90
CA HIS A 121 34.55 7.55 -1.98
C HIS A 121 35.97 7.17 -1.55
N HIS A 122 36.75 6.62 -2.47
CA HIS A 122 38.11 6.10 -2.24
C HIS A 122 38.97 6.35 -3.49
N HIS A 123 40.26 6.65 -3.29
CA HIS A 123 41.26 6.51 -4.34
C HIS A 123 42.65 6.23 -3.74
N HIS A 124 43.22 5.11 -4.17
CA HIS A 124 44.52 4.57 -3.79
C HIS A 124 45.03 3.64 -4.90
ZN ZN B . 4.04 -11.53 -2.12
N MET A 1 -17.01 -5.12 46.60
CA MET A 1 -15.70 -5.77 46.31
C MET A 1 -15.84 -6.79 45.19
N SER A 2 -16.06 -6.29 43.97
CA SER A 2 -15.94 -7.07 42.73
C SER A 2 -15.66 -6.11 41.56
N PHE A 3 -16.67 -5.30 41.18
CA PHE A 3 -16.61 -4.15 40.27
C PHE A 3 -16.22 -4.42 38.80
N CYS A 4 -16.74 -3.58 37.89
CA CYS A 4 -16.42 -3.54 36.47
C CYS A 4 -16.58 -2.11 35.93
N SER A 5 -15.70 -1.67 35.03
CA SER A 5 -15.85 -0.45 34.23
C SER A 5 -14.98 -0.52 32.97
N PHE A 6 -15.56 -0.25 31.80
CA PHE A 6 -14.85 -0.26 30.51
C PHE A 6 -14.94 1.12 29.82
N PHE A 7 -13.82 1.86 29.75
CA PHE A 7 -13.79 3.25 29.29
C PHE A 7 -12.61 3.60 28.37
N GLY A 8 -12.08 2.59 27.68
CA GLY A 8 -10.83 2.67 26.93
C GLY A 8 -10.26 1.29 26.61
N GLY A 9 -10.96 0.52 25.77
CA GLY A 9 -10.58 -0.86 25.41
C GLY A 9 -9.19 -0.97 24.75
N GLU A 10 -8.89 -0.12 23.77
CA GLU A 10 -7.58 -0.05 23.12
C GLU A 10 -7.21 1.38 22.72
N VAL A 11 -5.92 1.67 22.72
CA VAL A 11 -5.35 3.01 22.44
C VAL A 11 -5.26 3.32 20.94
N PHE A 12 -5.14 2.30 20.08
CA PHE A 12 -4.68 2.47 18.69
C PHE A 12 -5.58 3.33 17.79
N GLN A 13 -6.85 3.50 18.14
CA GLN A 13 -7.80 4.38 17.42
C GLN A 13 -7.32 5.84 17.38
N ASN A 14 -6.47 6.26 18.33
CA ASN A 14 -5.96 7.62 18.45
C ASN A 14 -4.65 7.90 17.66
N HIS A 15 -4.12 6.94 16.90
CA HIS A 15 -3.13 7.25 15.87
C HIS A 15 -3.70 8.31 14.91
N PHE A 16 -2.92 9.37 14.70
CA PHE A 16 -3.05 10.35 13.61
C PHE A 16 -1.79 10.35 12.72
N GLU A 17 -1.04 9.25 12.78
CA GLU A 17 0.37 9.14 12.41
C GLU A 17 0.56 8.38 11.07
N PRO A 18 1.65 8.65 10.32
CA PRO A 18 1.91 8.00 9.03
C PRO A 18 2.38 6.54 9.18
N GLY A 19 2.41 5.80 8.07
CA GLY A 19 2.79 4.38 8.05
C GLY A 19 3.26 3.87 6.69
N VAL A 20 3.56 2.58 6.62
CA VAL A 20 4.15 1.91 5.43
C VAL A 20 3.25 0.76 4.97
N TYR A 21 3.44 0.28 3.75
CA TYR A 21 2.68 -0.84 3.17
C TYR A 21 3.64 -1.98 2.80
N VAL A 22 3.23 -3.22 3.03
CA VAL A 22 4.07 -4.43 2.79
C VAL A 22 3.25 -5.62 2.29
N CYS A 23 3.90 -6.55 1.58
CA CYS A 23 3.23 -7.71 1.03
C CYS A 23 2.70 -8.65 2.13
N ALA A 24 1.52 -9.23 1.92
CA ALA A 24 0.97 -10.21 2.86
C ALA A 24 1.72 -11.56 2.81
N LYS A 25 2.52 -11.80 1.76
CA LYS A 25 3.32 -13.02 1.52
C LYS A 25 4.83 -12.78 1.47
N CYS A 26 5.23 -11.78 0.69
CA CYS A 26 6.62 -11.44 0.45
C CYS A 26 7.21 -10.63 1.61
N SER A 27 6.33 -9.91 2.34
CA SER A 27 6.62 -9.05 3.50
C SER A 27 7.60 -7.90 3.24
N TYR A 28 7.94 -7.70 1.97
CA TYR A 28 8.77 -6.60 1.48
C TYR A 28 7.95 -5.31 1.40
N GLU A 29 8.53 -4.19 1.83
CA GLU A 29 7.80 -2.93 2.01
C GLU A 29 7.84 -2.06 0.76
N LEU A 30 6.66 -1.71 0.26
CA LEU A 30 6.47 -0.96 -0.99
C LEU A 30 5.11 -0.24 -1.03
N PHE A 31 5.18 1.07 -1.19
CA PHE A 31 4.15 2.06 -1.48
C PHE A 31 4.81 3.44 -1.78
N SER A 32 4.13 4.34 -2.50
CA SER A 32 4.58 5.69 -2.84
C SER A 32 3.52 6.76 -2.50
N SER A 33 3.97 7.97 -2.13
CA SER A 33 3.11 9.12 -1.84
C SER A 33 2.41 9.72 -3.08
N HIS A 34 2.59 9.13 -4.27
CA HIS A 34 2.01 9.59 -5.54
C HIS A 34 1.24 8.51 -6.33
N SER A 35 1.35 7.25 -5.94
CA SER A 35 0.64 6.09 -6.48
C SER A 35 -0.80 5.99 -5.97
N LYS A 36 -1.19 6.89 -5.08
CA LYS A 36 -2.54 7.03 -4.53
C LYS A 36 -3.05 8.46 -4.64
N TYR A 37 -4.35 8.62 -4.90
CA TYR A 37 -5.05 9.90 -4.77
C TYR A 37 -5.74 9.99 -3.40
N ALA A 38 -6.14 11.21 -3.07
CA ALA A 38 -6.84 11.54 -1.83
C ALA A 38 -8.33 11.15 -1.90
N HIS A 39 -8.80 10.30 -0.99
CA HIS A 39 -10.21 9.91 -0.91
C HIS A 39 -10.63 9.52 0.51
N SER A 40 -11.83 9.94 0.93
CA SER A 40 -12.40 9.67 2.25
C SER A 40 -13.22 8.38 2.22
N SER A 41 -12.58 7.25 2.52
CA SER A 41 -13.22 5.92 2.56
C SER A 41 -12.37 4.92 3.36
N PRO A 42 -12.95 3.82 3.87
CA PRO A 42 -12.17 2.60 4.11
C PRO A 42 -11.63 2.07 2.76
N TRP A 43 -10.43 1.45 2.78
CA TRP A 43 -9.70 0.99 1.59
C TRP A 43 -9.70 1.98 0.40
N PRO A 44 -9.33 3.26 0.60
CA PRO A 44 -9.51 4.31 -0.41
C PRO A 44 -8.52 4.14 -1.57
N ALA A 45 -9.04 3.99 -2.79
CA ALA A 45 -8.33 3.41 -3.94
C ALA A 45 -7.10 4.19 -4.44
N PHE A 46 -6.34 3.52 -5.33
CA PHE A 46 -5.03 3.90 -5.85
C PHE A 46 -5.11 4.34 -7.33
N THR A 47 -4.09 5.04 -7.82
CA THR A 47 -3.87 5.17 -9.27
C THR A 47 -3.09 3.97 -9.80
N GLU A 48 -1.92 3.70 -9.23
CA GLU A 48 -0.87 2.86 -9.82
C GLU A 48 -0.32 1.82 -8.82
N THR A 49 0.70 1.10 -9.28
CA THR A 49 1.49 0.11 -8.52
C THR A 49 2.97 0.53 -8.46
N ILE A 50 3.65 0.28 -7.33
CA ILE A 50 4.96 0.89 -7.02
C ILE A 50 6.16 -0.03 -7.34
N HIS A 51 5.92 -1.33 -7.38
CA HIS A 51 6.88 -2.36 -7.75
C HIS A 51 6.29 -3.17 -8.93
N PRO A 52 6.48 -2.70 -10.18
CA PRO A 52 5.71 -3.14 -11.35
C PRO A 52 5.86 -4.62 -11.69
N ASP A 53 7.10 -5.07 -11.65
CA ASP A 53 7.58 -6.42 -11.93
C ASP A 53 7.53 -7.38 -10.73
N SER A 54 6.98 -6.93 -9.59
CA SER A 54 6.58 -7.83 -8.49
C SER A 54 5.16 -8.38 -8.60
N VAL A 55 4.34 -7.72 -9.41
CA VAL A 55 2.95 -8.06 -9.66
C VAL A 55 2.72 -8.34 -11.15
N THR A 56 1.58 -8.93 -11.50
CA THR A 56 1.09 -9.03 -12.87
C THR A 56 -0.43 -9.00 -12.90
N LYS A 57 -1.04 -8.74 -14.05
CA LYS A 57 -2.47 -8.55 -14.15
C LYS A 57 -3.13 -9.11 -15.40
N CYS A 58 -4.41 -9.43 -15.25
CA CYS A 58 -5.22 -10.11 -16.27
C CYS A 58 -6.70 -9.68 -16.34
N PRO A 59 -7.34 -9.71 -17.52
CA PRO A 59 -8.74 -9.29 -17.68
C PRO A 59 -9.74 -10.26 -17.07
N GLU A 60 -10.91 -9.73 -16.66
CA GLU A 60 -12.12 -10.54 -16.58
C GLU A 60 -12.65 -10.92 -17.96
N LYS A 61 -13.44 -11.99 -17.94
CA LYS A 61 -14.00 -12.63 -19.13
C LYS A 61 -15.47 -12.31 -19.37
N ASN A 62 -16.22 -12.37 -18.30
CA ASN A 62 -17.63 -12.00 -18.17
C ASN A 62 -17.81 -10.63 -17.51
N ARG A 63 -16.72 -9.88 -17.30
CA ARG A 63 -16.71 -8.47 -16.92
C ARG A 63 -15.68 -7.66 -17.71
N PRO A 64 -15.75 -7.65 -19.06
CA PRO A 64 -14.61 -7.33 -19.95
C PRO A 64 -14.26 -5.83 -20.07
N GLU A 65 -14.43 -5.10 -18.96
CA GLU A 65 -14.25 -3.67 -18.80
C GLU A 65 -13.26 -3.31 -17.67
N ALA A 66 -12.62 -4.32 -17.08
CA ALA A 66 -11.70 -4.23 -15.95
C ALA A 66 -10.75 -5.43 -15.93
N LEU A 67 -9.61 -5.26 -15.27
CA LEU A 67 -8.65 -6.33 -15.00
C LEU A 67 -8.65 -6.72 -13.52
N LYS A 68 -8.44 -8.00 -13.24
CA LYS A 68 -7.83 -8.51 -12.00
C LYS A 68 -6.33 -8.25 -12.00
N VAL A 69 -5.74 -8.07 -10.83
CA VAL A 69 -4.31 -8.04 -10.62
C VAL A 69 -3.88 -9.09 -9.60
N SER A 70 -2.85 -9.84 -9.95
CA SER A 70 -2.17 -10.78 -9.06
C SER A 70 -0.81 -10.32 -8.54
N CYS A 71 -0.48 -10.75 -7.32
CA CYS A 71 0.87 -10.60 -6.81
C CYS A 71 1.73 -11.74 -7.37
N GLY A 72 2.18 -11.59 -8.61
CA GLY A 72 2.94 -12.59 -9.34
C GLY A 72 4.26 -13.02 -8.69
N LYS A 73 4.81 -12.21 -7.77
CA LYS A 73 5.95 -12.54 -6.89
C LYS A 73 5.77 -13.86 -6.14
N CYS A 74 4.59 -14.02 -5.55
CA CYS A 74 4.22 -15.08 -4.63
C CYS A 74 3.01 -15.90 -5.15
N GLY A 75 2.46 -15.49 -6.30
CA GLY A 75 1.44 -16.16 -7.10
C GLY A 75 0.01 -15.88 -6.65
N ASN A 76 -0.27 -14.67 -6.15
CA ASN A 76 -1.56 -14.29 -5.58
C ASN A 76 -2.58 -13.92 -6.67
N GLY A 77 -3.52 -13.03 -6.37
CA GLY A 77 -4.62 -12.68 -7.27
C GLY A 77 -5.88 -12.04 -6.70
N LEU A 78 -5.72 -11.01 -5.87
CA LEU A 78 -6.79 -10.46 -5.00
C LEU A 78 -7.03 -8.96 -5.20
N GLY A 79 -6.36 -8.37 -6.18
CA GLY A 79 -6.62 -7.01 -6.63
C GLY A 79 -7.25 -6.91 -8.02
N HIS A 80 -7.46 -5.66 -8.43
CA HIS A 80 -8.03 -5.22 -9.68
C HIS A 80 -7.37 -3.92 -10.19
N GLU A 81 -7.35 -3.72 -11.50
CA GLU A 81 -6.96 -2.51 -12.21
C GLU A 81 -8.00 -2.22 -13.32
N PHE A 82 -8.70 -1.10 -13.19
CA PHE A 82 -9.60 -0.59 -14.22
C PHE A 82 -8.80 0.33 -15.17
N LEU A 83 -8.24 -0.27 -16.24
CA LEU A 83 -7.37 0.37 -17.21
C LEU A 83 -8.14 0.91 -18.41
N ASN A 84 -7.40 1.53 -19.33
CA ASN A 84 -7.86 1.93 -20.67
C ASN A 84 -8.92 3.06 -20.65
N ASP A 85 -9.19 3.62 -19.48
CA ASP A 85 -10.16 4.69 -19.25
C ASP A 85 -9.57 6.10 -19.49
N GLY A 86 -8.31 6.27 -19.12
CA GLY A 86 -7.59 7.54 -19.12
C GLY A 86 -6.31 7.59 -19.98
N PRO A 87 -6.29 7.08 -21.23
CA PRO A 87 -5.05 6.76 -21.96
C PRO A 87 -4.11 7.96 -22.22
N LYS A 88 -4.64 9.19 -22.27
CA LYS A 88 -3.91 10.43 -22.52
C LYS A 88 -3.34 11.09 -21.26
N ARG A 89 -3.90 10.78 -20.10
CA ARG A 89 -3.64 11.29 -18.76
C ARG A 89 -2.52 10.57 -18.00
N GLY A 90 -2.24 11.05 -16.79
CA GLY A 90 -1.35 10.44 -15.81
C GLY A 90 -1.95 9.25 -15.05
N GLN A 91 -3.16 8.85 -15.42
CA GLN A 91 -3.99 7.89 -14.71
C GLN A 91 -3.62 6.39 -14.92
N SER A 92 -4.00 5.60 -13.93
CA SER A 92 -4.69 4.32 -14.01
C SER A 92 -5.64 4.35 -12.78
N ARG A 93 -6.31 3.24 -12.51
CA ARG A 93 -7.15 3.03 -11.30
C ARG A 93 -6.91 1.63 -10.74
N PHE A 94 -6.36 1.53 -9.53
CA PHE A 94 -5.96 0.27 -8.90
C PHE A 94 -6.67 0.08 -7.54
N CYS A 95 -7.19 -1.13 -7.28
CA CYS A 95 -7.95 -1.47 -6.08
C CYS A 95 -7.71 -2.92 -5.64
N ILE A 96 -7.12 -3.12 -4.45
CA ILE A 96 -6.67 -4.42 -3.94
C ILE A 96 -7.16 -4.74 -2.52
N PHE A 97 -7.39 -6.03 -2.25
CA PHE A 97 -7.72 -6.52 -0.91
C PHE A 97 -6.53 -6.46 0.05
N SER A 98 -6.80 -6.06 1.29
CA SER A 98 -5.89 -6.16 2.44
C SER A 98 -5.36 -7.57 2.72
N SER A 99 -6.09 -8.60 2.29
CA SER A 99 -5.63 -10.00 2.34
C SER A 99 -4.38 -10.23 1.47
N SER A 100 -4.17 -9.41 0.43
CA SER A 100 -2.95 -9.46 -0.39
C SER A 100 -1.78 -8.68 0.19
N LEU A 101 -2.04 -7.61 0.93
CA LEU A 101 -1.01 -6.75 1.52
C LEU A 101 -1.53 -5.79 2.60
N LYS A 102 -0.65 -5.49 3.56
CA LYS A 102 -0.97 -4.87 4.85
C LYS A 102 -0.30 -3.52 5.05
N PHE A 103 -0.90 -2.76 5.97
CA PHE A 103 -0.42 -1.50 6.50
C PHE A 103 0.20 -1.71 7.87
N VAL A 104 1.43 -1.23 7.99
CA VAL A 104 2.22 -1.19 9.22
C VAL A 104 2.48 0.26 9.63
N PRO A 105 1.73 0.81 10.61
CA PRO A 105 1.85 2.21 10.97
C PRO A 105 3.14 2.53 11.74
N LYS A 106 3.49 3.82 11.77
CA LYS A 106 4.57 4.41 12.52
C LYS A 106 4.10 5.47 13.51
N GLY A 107 5.08 6.07 14.16
CA GLY A 107 4.89 7.06 15.20
C GLY A 107 6.12 7.80 15.71
N LYS A 108 6.98 8.24 14.79
CA LYS A 108 8.29 8.87 15.08
C LYS A 108 8.30 10.40 15.00
N GLU A 109 7.60 10.95 14.01
CA GLU A 109 7.64 12.38 13.62
C GLU A 109 6.83 13.29 14.55
N ALA A 110 5.51 13.16 14.47
CA ALA A 110 4.52 13.88 15.30
C ALA A 110 4.67 15.41 15.30
N ALA A 111 4.85 16.00 14.11
CA ALA A 111 4.97 17.42 13.78
C ALA A 111 6.16 18.20 14.38
N ALA A 112 6.75 17.74 15.49
CA ALA A 112 8.04 18.14 16.07
C ALA A 112 8.34 19.66 16.03
N SER A 113 7.47 20.43 16.69
CA SER A 113 7.48 21.89 16.69
C SER A 113 7.11 22.55 18.03
N GLN A 114 7.51 21.89 19.13
CA GLN A 114 7.14 22.29 20.50
C GLN A 114 7.68 23.68 20.89
N GLY A 115 6.92 24.39 21.73
CA GLY A 115 7.28 25.69 22.31
C GLY A 115 6.24 26.77 22.06
N HIS A 116 5.79 27.44 23.12
CA HIS A 116 4.86 28.57 23.10
C HIS A 116 5.17 29.53 24.26
N LEU A 117 4.77 30.81 24.12
CA LEU A 117 5.12 31.91 25.01
C LEU A 117 3.98 32.93 25.17
N GLU A 118 2.80 32.39 25.48
CA GLU A 118 1.57 33.13 25.79
C GLU A 118 1.29 33.11 27.31
N HIS A 119 0.05 32.83 27.72
CA HIS A 119 -0.41 32.85 29.11
C HIS A 119 -1.76 32.14 29.23
N HIS A 120 -1.73 30.90 29.74
CA HIS A 120 -2.89 30.00 29.83
C HIS A 120 -4.02 30.55 30.72
N HIS A 121 -3.66 31.27 31.79
CA HIS A 121 -4.55 32.04 32.67
C HIS A 121 -5.79 31.24 33.16
N HIS A 122 -5.58 29.97 33.54
CA HIS A 122 -6.66 29.03 33.86
C HIS A 122 -7.27 29.27 35.27
N HIS A 123 -8.34 28.54 35.57
CA HIS A 123 -9.19 28.65 36.77
C HIS A 123 -9.99 29.97 36.88
N HIS A 124 -10.90 30.03 37.86
CA HIS A 124 -11.63 31.24 38.27
C HIS A 124 -11.94 31.17 39.78
ZN ZN B . 3.56 -10.77 -2.80
N MET A 1 -13.60 -28.58 20.73
CA MET A 1 -14.51 -28.68 21.91
C MET A 1 -14.56 -27.36 22.68
N SER A 2 -14.48 -26.23 21.97
CA SER A 2 -13.84 -25.01 22.49
C SER A 2 -14.14 -23.81 21.57
N PHE A 3 -14.67 -22.71 22.11
CA PHE A 3 -14.87 -21.46 21.35
C PHE A 3 -14.98 -20.18 22.21
N CYS A 4 -14.64 -19.06 21.59
CA CYS A 4 -14.96 -17.67 21.96
C CYS A 4 -14.82 -16.83 20.68
N SER A 5 -15.79 -15.98 20.32
CA SER A 5 -15.80 -15.31 19.01
C SER A 5 -16.65 -14.04 18.97
N PHE A 6 -16.00 -12.89 18.76
CA PHE A 6 -16.60 -11.58 18.56
C PHE A 6 -15.73 -10.71 17.63
N PHE A 7 -16.35 -9.81 16.87
CA PHE A 7 -15.70 -8.74 16.10
C PHE A 7 -16.72 -7.68 15.66
N GLY A 8 -16.27 -6.44 15.44
CA GLY A 8 -17.06 -5.34 14.89
C GLY A 8 -17.14 -4.14 15.83
N GLY A 9 -16.06 -3.37 15.96
CA GLY A 9 -15.99 -2.17 16.80
C GLY A 9 -14.71 -1.33 16.63
N GLU A 10 -14.25 -1.15 15.40
CA GLU A 10 -12.95 -0.60 15.07
C GLU A 10 -13.02 0.88 14.67
N VAL A 11 -11.90 1.58 14.89
CA VAL A 11 -11.70 3.01 14.58
C VAL A 11 -10.39 3.28 13.82
N PHE A 12 -9.62 2.24 13.47
CA PHE A 12 -8.33 2.37 12.77
C PHE A 12 -8.46 2.86 11.32
N GLN A 13 -9.67 2.84 10.74
CA GLN A 13 -10.03 3.49 9.48
C GLN A 13 -9.72 5.00 9.42
N ASN A 14 -9.53 5.66 10.57
CA ASN A 14 -9.45 7.11 10.69
C ASN A 14 -8.03 7.69 10.84
N HIS A 15 -6.95 6.90 10.78
CA HIS A 15 -5.59 7.39 10.95
C HIS A 15 -5.11 8.27 9.80
N PHE A 16 -4.18 9.17 10.12
CA PHE A 16 -3.51 10.09 9.18
C PHE A 16 -1.98 10.20 9.38
N GLU A 17 -1.40 9.48 10.34
CA GLU A 17 0.05 9.39 10.52
C GLU A 17 0.70 8.40 9.52
N PRO A 18 1.98 8.58 9.16
CA PRO A 18 2.60 7.89 8.02
C PRO A 18 2.92 6.41 8.29
N GLY A 19 2.96 5.64 7.21
CA GLY A 19 3.24 4.21 7.25
C GLY A 19 3.48 3.60 5.87
N VAL A 20 3.74 2.30 5.83
CA VAL A 20 4.20 1.55 4.64
C VAL A 20 3.33 0.31 4.44
N TYR A 21 3.43 -0.35 3.29
CA TYR A 21 2.78 -1.63 3.01
C TYR A 21 3.80 -2.78 2.99
N VAL A 22 3.34 -4.00 3.28
CA VAL A 22 4.14 -5.23 3.13
C VAL A 22 3.30 -6.34 2.53
N CYS A 23 3.95 -7.30 1.87
CA CYS A 23 3.25 -8.37 1.17
C CYS A 23 2.47 -9.32 2.11
N ALA A 24 1.43 -9.94 1.57
CA ALA A 24 0.64 -10.96 2.28
C ALA A 24 1.41 -12.28 2.49
N LYS A 25 2.39 -12.61 1.65
CA LYS A 25 3.15 -13.88 1.69
C LYS A 25 4.68 -13.75 1.66
N CYS A 26 5.18 -12.77 0.93
CA CYS A 26 6.56 -12.35 0.93
C CYS A 26 6.88 -11.54 2.22
N SER A 27 5.91 -10.72 2.67
CA SER A 27 6.04 -9.69 3.71
C SER A 27 7.21 -8.72 3.54
N TYR A 28 7.75 -8.63 2.32
CA TYR A 28 8.71 -7.62 1.89
C TYR A 28 8.08 -6.22 1.97
N GLU A 29 8.71 -5.27 2.67
CA GLU A 29 8.13 -3.93 2.86
C GLU A 29 8.37 -3.02 1.65
N LEU A 30 7.29 -2.52 1.03
CA LEU A 30 7.31 -1.70 -0.17
C LEU A 30 5.96 -1.00 -0.43
N PHE A 31 6.01 0.29 -0.77
CA PHE A 31 5.03 1.03 -1.58
C PHE A 31 5.60 2.37 -2.09
N SER A 32 5.21 2.85 -3.29
CA SER A 32 5.47 4.22 -3.72
C SER A 32 4.77 5.27 -2.84
N SER A 33 5.31 6.49 -2.78
CA SER A 33 4.62 7.65 -2.15
C SER A 33 3.75 8.45 -3.11
N HIS A 34 3.98 8.35 -4.43
CA HIS A 34 3.20 9.06 -5.46
C HIS A 34 1.84 8.42 -5.78
N SER A 35 1.62 7.18 -5.35
CA SER A 35 0.61 6.25 -5.84
C SER A 35 -0.69 6.22 -5.07
N LYS A 36 -0.67 6.73 -3.84
CA LYS A 36 -1.70 6.49 -2.82
C LYS A 36 -2.11 7.78 -2.13
N TYR A 37 -3.42 8.01 -1.98
CA TYR A 37 -3.95 9.28 -1.46
C TYR A 37 -5.01 9.09 -0.38
N ALA A 38 -5.06 10.05 0.54
CA ALA A 38 -6.20 10.33 1.39
C ALA A 38 -7.16 11.31 0.68
N HIS A 39 -8.45 11.26 0.98
CA HIS A 39 -9.48 12.07 0.35
C HIS A 39 -10.68 12.30 1.28
N SER A 40 -11.49 13.31 1.00
CA SER A 40 -12.68 13.74 1.73
C SER A 40 -13.88 12.81 1.57
N SER A 41 -13.68 11.49 1.48
CA SER A 41 -14.70 10.48 1.13
C SER A 41 -14.39 9.12 1.77
N PRO A 42 -15.34 8.16 1.74
CA PRO A 42 -14.98 6.74 1.80
C PRO A 42 -14.26 6.28 0.52
N TRP A 43 -13.85 5.01 0.50
CA TRP A 43 -13.39 4.27 -0.67
C TRP A 43 -12.24 4.91 -1.50
N PRO A 44 -11.10 5.29 -0.87
CA PRO A 44 -9.89 5.68 -1.60
C PRO A 44 -9.28 4.50 -2.37
N ALA A 45 -8.48 4.79 -3.41
CA ALA A 45 -7.82 3.81 -4.27
C ALA A 45 -6.40 4.28 -4.66
N PHE A 46 -5.64 3.43 -5.35
CA PHE A 46 -4.29 3.75 -5.84
C PHE A 46 -4.29 4.05 -7.34
N THR A 47 -3.26 4.76 -7.80
CA THR A 47 -3.02 5.05 -9.23
C THR A 47 -2.00 4.12 -9.89
N GLU A 48 -0.85 3.92 -9.24
CA GLU A 48 0.32 3.24 -9.76
C GLU A 48 0.92 2.24 -8.77
N THR A 49 1.80 1.44 -9.34
CA THR A 49 2.64 0.45 -8.65
C THR A 49 4.06 0.97 -8.49
N ILE A 50 4.76 0.45 -7.47
CA ILE A 50 6.13 0.81 -7.09
C ILE A 50 7.13 0.53 -8.22
N HIS A 51 6.87 -0.56 -8.93
CA HIS A 51 7.55 -0.99 -10.15
C HIS A 51 6.51 -1.67 -11.06
N PRO A 52 6.61 -1.57 -12.40
CA PRO A 52 5.68 -2.20 -13.35
C PRO A 52 5.43 -3.69 -13.10
N ASP A 53 6.51 -4.37 -12.75
CA ASP A 53 6.69 -5.80 -12.53
C ASP A 53 6.68 -6.25 -11.08
N SER A 54 6.63 -5.30 -10.13
CA SER A 54 6.62 -5.64 -8.69
C SER A 54 5.34 -6.36 -8.25
N VAL A 55 4.34 -6.33 -9.12
CA VAL A 55 3.18 -7.22 -9.18
C VAL A 55 2.90 -7.53 -10.66
N THR A 56 2.18 -8.61 -10.93
CA THR A 56 1.80 -9.00 -12.31
C THR A 56 0.32 -9.15 -12.46
N LYS A 57 -0.20 -8.49 -13.49
CA LYS A 57 -1.62 -8.32 -13.74
C LYS A 57 -2.07 -8.85 -15.09
N CYS A 58 -3.31 -9.28 -15.11
CA CYS A 58 -3.94 -9.98 -16.23
C CYS A 58 -5.43 -9.65 -16.42
N PRO A 59 -5.95 -9.73 -17.65
CA PRO A 59 -7.36 -9.41 -17.92
C PRO A 59 -8.33 -10.41 -17.28
N GLU A 60 -9.53 -9.93 -16.98
CA GLU A 60 -10.67 -10.78 -16.71
C GLU A 60 -11.40 -11.20 -17.99
N LYS A 61 -12.06 -12.34 -17.90
CA LYS A 61 -12.83 -12.98 -18.95
C LYS A 61 -14.32 -12.74 -18.78
N ASN A 62 -14.81 -12.94 -17.56
CA ASN A 62 -16.19 -12.64 -17.17
C ASN A 62 -16.39 -11.18 -16.69
N ARG A 63 -15.33 -10.36 -16.70
CA ARG A 63 -15.35 -8.92 -16.47
C ARG A 63 -14.58 -8.12 -17.55
N PRO A 64 -14.96 -8.22 -18.83
CA PRO A 64 -14.08 -7.91 -19.97
C PRO A 64 -13.90 -6.42 -20.29
N GLU A 65 -13.91 -5.57 -19.26
CA GLU A 65 -13.70 -4.13 -19.28
C GLU A 65 -12.64 -3.63 -18.28
N ALA A 66 -12.04 -4.56 -17.53
CA ALA A 66 -11.07 -4.33 -16.47
C ALA A 66 -10.10 -5.53 -16.39
N LEU A 67 -9.07 -5.37 -15.57
CA LEU A 67 -8.05 -6.39 -15.30
C LEU A 67 -8.00 -6.75 -13.81
N LYS A 68 -7.61 -7.98 -13.50
CA LYS A 68 -7.24 -8.44 -12.15
C LYS A 68 -5.72 -8.36 -11.96
N VAL A 69 -5.26 -8.11 -10.75
CA VAL A 69 -3.83 -8.04 -10.41
C VAL A 69 -3.43 -9.12 -9.40
N SER A 70 -2.28 -9.75 -9.64
CA SER A 70 -1.63 -10.65 -8.65
C SER A 70 -0.28 -10.20 -8.10
N CYS A 71 -0.03 -10.60 -6.86
CA CYS A 71 1.29 -10.44 -6.25
C CYS A 71 2.21 -11.62 -6.69
N GLY A 72 2.73 -11.53 -7.90
CA GLY A 72 3.48 -12.60 -8.58
C GLY A 72 4.87 -12.95 -8.04
N LYS A 73 5.23 -12.54 -6.81
CA LYS A 73 6.44 -12.97 -6.10
C LYS A 73 6.22 -14.29 -5.37
N CYS A 74 5.21 -14.29 -4.51
CA CYS A 74 4.65 -15.42 -3.80
C CYS A 74 3.58 -16.14 -4.66
N GLY A 75 2.80 -15.35 -5.39
CA GLY A 75 1.71 -15.77 -6.24
C GLY A 75 0.35 -15.60 -5.56
N ASN A 76 -0.04 -14.35 -5.29
CA ASN A 76 -1.38 -13.99 -4.85
C ASN A 76 -2.28 -13.82 -6.10
N GLY A 77 -3.31 -12.98 -6.02
CA GLY A 77 -4.17 -12.67 -7.16
C GLY A 77 -5.57 -12.15 -6.89
N LEU A 78 -5.64 -11.10 -6.07
CA LEU A 78 -6.89 -10.63 -5.47
C LEU A 78 -7.22 -9.16 -5.79
N GLY A 79 -6.26 -8.41 -6.33
CA GLY A 79 -6.46 -7.01 -6.69
C GLY A 79 -7.04 -6.85 -8.09
N HIS A 80 -7.22 -5.59 -8.50
CA HIS A 80 -7.70 -5.18 -9.82
C HIS A 80 -7.06 -3.88 -10.31
N GLU A 81 -7.15 -3.72 -11.63
CA GLU A 81 -6.67 -2.60 -12.44
C GLU A 81 -7.74 -2.28 -13.49
N PHE A 82 -8.43 -1.16 -13.34
CA PHE A 82 -9.56 -0.78 -14.21
C PHE A 82 -9.11 0.19 -15.32
N LEU A 83 -9.63 -0.01 -16.53
CA LEU A 83 -9.18 0.62 -17.78
C LEU A 83 -10.38 0.95 -18.71
N ASN A 84 -10.11 1.37 -19.95
CA ASN A 84 -11.05 1.55 -21.06
C ASN A 84 -12.04 2.72 -20.94
N ASP A 85 -11.98 3.42 -19.81
CA ASP A 85 -12.89 4.51 -19.46
C ASP A 85 -12.43 5.85 -20.06
N GLY A 86 -11.12 6.09 -19.99
CA GLY A 86 -10.50 7.37 -20.25
C GLY A 86 -9.02 7.36 -20.67
N PRO A 87 -8.58 6.51 -21.63
CA PRO A 87 -7.17 6.18 -21.88
C PRO A 87 -6.22 7.35 -22.18
N LYS A 88 -6.75 8.51 -22.61
CA LYS A 88 -5.98 9.74 -22.83
C LYS A 88 -5.40 10.38 -21.56
N ARG A 89 -6.04 10.16 -20.41
CA ARG A 89 -5.66 10.67 -19.11
C ARG A 89 -4.47 9.95 -18.47
N GLY A 90 -3.86 10.60 -17.49
CA GLY A 90 -2.93 9.99 -16.55
C GLY A 90 -3.59 9.14 -15.46
N GLN A 91 -4.91 9.20 -15.37
CA GLN A 91 -5.73 8.38 -14.50
C GLN A 91 -5.61 6.88 -14.82
N SER A 92 -5.78 6.11 -13.77
CA SER A 92 -5.62 4.67 -13.66
C SER A 92 -6.19 4.32 -12.28
N ARG A 93 -7.14 3.40 -12.22
CA ARG A 93 -7.71 2.95 -10.94
C ARG A 93 -7.21 1.56 -10.60
N PHE A 94 -6.29 1.51 -9.64
CA PHE A 94 -5.72 0.31 -9.07
C PHE A 94 -6.38 0.07 -7.70
N CYS A 95 -7.02 -1.09 -7.55
CA CYS A 95 -7.78 -1.46 -6.37
C CYS A 95 -7.30 -2.82 -5.82
N ILE A 96 -7.43 -3.06 -4.52
CA ILE A 96 -6.81 -4.20 -3.85
C ILE A 96 -7.71 -4.80 -2.76
N PHE A 97 -7.40 -6.03 -2.33
CA PHE A 97 -8.11 -6.68 -1.22
C PHE A 97 -7.50 -6.35 0.15
N SER A 98 -8.36 -6.34 1.17
CA SER A 98 -8.02 -6.29 2.61
C SER A 98 -6.93 -7.27 3.06
N SER A 99 -6.78 -8.39 2.34
CA SER A 99 -5.86 -9.49 2.65
C SER A 99 -4.84 -9.77 1.52
N SER A 100 -4.80 -8.97 0.43
CA SER A 100 -3.83 -9.15 -0.65
C SER A 100 -2.43 -8.66 -0.31
N LEU A 101 -2.35 -7.65 0.57
CA LEU A 101 -1.17 -7.19 1.28
C LEU A 101 -1.58 -6.45 2.56
N LYS A 102 -0.62 -6.20 3.47
CA LYS A 102 -0.79 -5.61 4.79
C LYS A 102 -0.23 -4.18 4.86
N PHE A 103 -0.58 -3.44 5.90
CA PHE A 103 -0.12 -2.10 6.22
C PHE A 103 0.62 -2.11 7.55
N VAL A 104 1.79 -1.48 7.58
CA VAL A 104 2.66 -1.28 8.74
C VAL A 104 2.88 0.22 9.03
N PRO A 105 2.19 0.80 10.02
CA PRO A 105 2.35 2.21 10.36
C PRO A 105 3.61 2.48 11.20
N LYS A 106 4.05 3.75 11.23
CA LYS A 106 5.09 4.22 12.15
C LYS A 106 4.65 4.18 13.62
N GLY A 107 5.51 4.73 14.48
CA GLY A 107 5.34 4.81 15.92
C GLY A 107 6.60 4.99 16.75
N LYS A 108 7.40 6.03 16.45
CA LYS A 108 8.60 6.42 17.20
C LYS A 108 8.29 7.45 18.29
N GLU A 109 7.83 8.63 17.88
CA GLU A 109 7.60 9.75 18.80
C GLU A 109 6.26 9.65 19.54
N ALA A 110 5.19 9.61 18.73
CA ALA A 110 3.80 9.88 19.15
C ALA A 110 3.67 11.27 19.84
N ALA A 111 2.53 11.55 20.49
CA ALA A 111 2.26 12.71 21.34
C ALA A 111 2.43 14.14 20.75
N ALA A 112 2.87 14.26 19.49
CA ALA A 112 3.33 15.48 18.80
C ALA A 112 4.55 16.17 19.42
N SER A 113 5.41 16.74 18.54
CA SER A 113 6.61 17.50 18.88
C SER A 113 6.94 18.57 17.83
N GLN A 114 7.57 19.67 18.27
CA GLN A 114 8.02 20.79 17.46
C GLN A 114 9.43 21.26 17.92
N GLY A 115 10.24 21.85 17.04
CA GLY A 115 11.57 22.37 17.38
C GLY A 115 12.53 22.43 16.19
N HIS A 116 13.82 22.62 16.46
CA HIS A 116 14.89 22.55 15.46
C HIS A 116 16.21 22.01 16.05
N LEU A 117 17.19 21.76 15.18
CA LEU A 117 18.60 21.54 15.51
C LEU A 117 19.43 22.76 15.05
N GLU A 118 20.63 22.91 15.60
CA GLU A 118 21.58 23.97 15.28
C GLU A 118 23.01 23.43 15.13
N HIS A 119 23.93 24.27 14.66
CA HIS A 119 25.37 23.98 14.68
C HIS A 119 26.17 25.17 15.25
N HIS A 120 27.01 24.86 16.22
CA HIS A 120 27.84 25.76 17.03
C HIS A 120 29.31 25.29 16.97
N HIS A 121 30.19 25.71 17.89
CA HIS A 121 31.56 25.16 18.02
C HIS A 121 32.46 25.35 16.77
N HIS A 122 32.26 26.45 16.03
CA HIS A 122 32.93 26.73 14.76
C HIS A 122 34.38 27.24 14.91
N HIS A 123 35.09 27.47 13.79
CA HIS A 123 36.52 27.80 13.77
C HIS A 123 36.93 28.76 12.62
N HIS A 124 38.17 29.28 12.71
CA HIS A 124 38.72 30.45 12.00
C HIS A 124 38.13 31.81 12.41
ZN ZN B . 4.09 -11.20 -2.73
N MET A 1 24.83 -12.90 20.82
CA MET A 1 25.54 -12.25 19.70
C MET A 1 24.86 -10.94 19.35
N SER A 2 25.66 -9.89 19.15
CA SER A 2 25.22 -8.53 18.80
C SER A 2 26.17 -7.98 17.72
N PHE A 3 25.67 -7.59 16.56
CA PHE A 3 26.47 -7.23 15.37
C PHE A 3 26.12 -5.85 14.81
N CYS A 4 26.90 -5.39 13.82
CA CYS A 4 26.79 -4.08 13.16
C CYS A 4 26.99 -2.91 14.13
N SER A 5 28.25 -2.52 14.36
CA SER A 5 28.61 -1.43 15.28
C SER A 5 28.15 -0.06 14.77
N PHE A 6 26.90 0.29 15.11
CA PHE A 6 26.19 1.55 14.92
C PHE A 6 25.94 2.04 13.48
N PHE A 7 26.67 1.50 12.48
CA PHE A 7 26.35 1.67 11.07
C PHE A 7 25.07 0.91 10.73
N GLY A 8 24.07 1.60 10.17
CA GLY A 8 22.74 1.08 9.90
C GLY A 8 21.75 1.18 11.08
N GLY A 9 22.18 1.73 12.22
CA GLY A 9 21.55 1.47 13.52
C GLY A 9 20.27 2.22 13.92
N GLU A 10 19.80 3.21 13.16
CA GLU A 10 18.79 4.17 13.61
C GLU A 10 17.47 4.22 12.83
N VAL A 11 16.41 4.58 13.55
CA VAL A 11 15.00 4.40 13.16
C VAL A 11 14.44 5.60 12.36
N PHE A 12 15.33 6.43 11.81
CA PHE A 12 15.00 7.61 10.99
C PHE A 12 15.82 7.73 9.69
N GLN A 13 16.68 6.75 9.38
CA GLN A 13 17.76 6.89 8.39
C GLN A 13 17.36 7.39 7.00
N ASN A 14 16.18 6.99 6.47
CA ASN A 14 15.84 7.26 5.07
C ASN A 14 14.35 7.46 4.77
N HIS A 15 13.50 7.55 5.79
CA HIS A 15 12.05 7.39 5.67
C HIS A 15 11.31 8.57 6.31
N PHE A 16 10.64 9.37 5.47
CA PHE A 16 9.80 10.49 5.89
C PHE A 16 8.48 10.61 5.11
N GLU A 17 8.24 9.72 4.13
CA GLU A 17 6.93 9.50 3.51
C GLU A 17 6.01 8.68 4.45
N PRO A 18 4.67 8.83 4.38
CA PRO A 18 3.80 8.41 5.47
C PRO A 18 3.47 6.92 5.48
N GLY A 19 3.88 6.26 6.56
CA GLY A 19 3.69 4.83 6.79
C GLY A 19 4.52 3.91 5.89
N VAL A 20 4.27 2.60 5.98
CA VAL A 20 4.96 1.59 5.14
C VAL A 20 3.96 0.54 4.65
N TYR A 21 4.32 -0.16 3.58
CA TYR A 21 3.52 -1.19 2.90
C TYR A 21 4.34 -2.48 2.91
N VAL A 22 3.69 -3.63 3.12
CA VAL A 22 4.35 -4.95 3.12
C VAL A 22 3.47 -6.00 2.46
N CYS A 23 4.09 -7.03 1.87
CA CYS A 23 3.35 -8.10 1.21
C CYS A 23 2.65 -9.02 2.24
N ALA A 24 1.53 -9.64 1.85
CA ALA A 24 0.90 -10.66 2.67
C ALA A 24 1.68 -11.99 2.65
N LYS A 25 2.54 -12.19 1.63
CA LYS A 25 3.21 -13.45 1.29
C LYS A 25 4.72 -13.41 1.08
N CYS A 26 5.20 -12.33 0.48
CA CYS A 26 6.62 -12.02 0.39
C CYS A 26 7.12 -11.52 1.78
N SER A 27 6.21 -10.86 2.51
CA SER A 27 6.42 -10.13 3.78
C SER A 27 7.57 -9.12 3.77
N TYR A 28 8.09 -8.79 2.58
CA TYR A 28 9.06 -7.73 2.40
C TYR A 28 8.40 -6.35 2.47
N GLU A 29 9.03 -5.41 3.16
CA GLU A 29 8.53 -4.06 3.37
C GLU A 29 8.99 -3.13 2.23
N LEU A 30 8.06 -2.73 1.37
CA LEU A 30 8.32 -1.99 0.15
C LEU A 30 7.16 -1.01 -0.10
N PHE A 31 7.51 0.26 -0.28
CA PHE A 31 6.58 1.38 -0.36
C PHE A 31 7.19 2.63 -1.02
N SER A 32 6.31 3.44 -1.63
CA SER A 32 6.58 4.77 -2.18
C SER A 32 5.34 5.67 -2.06
N SER A 33 5.58 6.96 -1.93
CA SER A 33 4.55 8.01 -1.96
C SER A 33 3.95 8.21 -3.36
N HIS A 34 4.66 7.92 -4.45
CA HIS A 34 4.10 8.04 -5.80
C HIS A 34 3.00 7.02 -6.13
N SER A 35 2.90 5.94 -5.35
CA SER A 35 1.86 4.95 -5.37
C SER A 35 0.63 5.26 -4.50
N LYS A 36 0.69 6.30 -3.64
CA LYS A 36 -0.47 6.78 -2.86
C LYS A 36 -0.57 8.30 -2.81
N TYR A 37 -1.59 8.85 -3.49
CA TYR A 37 -1.96 10.26 -3.38
C TYR A 37 -3.16 10.43 -2.43
N ALA A 38 -3.31 11.65 -1.93
CA ALA A 38 -4.40 12.08 -1.05
C ALA A 38 -5.60 12.60 -1.87
N HIS A 39 -6.83 12.40 -1.37
CA HIS A 39 -8.06 12.78 -2.05
C HIS A 39 -9.24 12.94 -1.07
N SER A 40 -10.20 13.82 -1.37
CA SER A 40 -11.43 14.04 -0.60
C SER A 40 -12.46 12.92 -0.89
N SER A 41 -12.19 11.69 -0.43
CA SER A 41 -13.09 10.54 -0.63
C SER A 41 -12.85 9.40 0.38
N PRO A 42 -13.90 8.68 0.84
CA PRO A 42 -13.76 7.39 1.52
C PRO A 42 -13.24 6.30 0.57
N TRP A 43 -12.82 5.15 1.11
CA TRP A 43 -12.23 4.03 0.38
C TRP A 43 -11.14 4.42 -0.65
N PRO A 44 -10.12 5.22 -0.29
CA PRO A 44 -9.11 5.70 -1.23
C PRO A 44 -8.27 4.55 -1.82
N ALA A 45 -8.23 4.49 -3.15
CA ALA A 45 -7.42 3.56 -3.93
C ALA A 45 -5.97 4.04 -4.10
N PHE A 46 -5.11 3.19 -4.67
CA PHE A 46 -3.70 3.50 -4.95
C PHE A 46 -3.55 3.91 -6.43
N THR A 47 -2.46 4.59 -6.77
CA THR A 47 -2.13 4.96 -8.16
C THR A 47 -1.36 3.86 -8.88
N GLU A 48 -0.36 3.30 -8.20
CA GLU A 48 0.60 2.31 -8.68
C GLU A 48 0.96 1.33 -7.54
N THR A 49 1.94 0.45 -7.77
CA THR A 49 2.58 -0.38 -6.72
C THR A 49 4.10 -0.51 -6.90
N ILE A 50 4.80 -0.85 -5.81
CA ILE A 50 6.27 -0.74 -5.68
C ILE A 50 7.01 -2.08 -5.91
N HIS A 51 6.27 -3.17 -6.00
CA HIS A 51 6.73 -4.51 -6.33
C HIS A 51 7.57 -4.60 -7.64
N PRO A 52 8.50 -5.55 -7.76
CA PRO A 52 9.22 -5.83 -9.00
C PRO A 52 8.34 -6.52 -10.06
N ASP A 53 8.88 -6.70 -11.27
CA ASP A 53 8.30 -7.29 -12.49
C ASP A 53 7.84 -8.75 -12.35
N SER A 54 8.16 -9.35 -11.22
CA SER A 54 7.56 -10.62 -10.79
C SER A 54 6.06 -10.53 -10.52
N VAL A 55 5.52 -9.34 -10.34
CA VAL A 55 4.07 -9.09 -10.29
C VAL A 55 3.52 -8.68 -11.65
N THR A 56 2.32 -9.17 -11.95
CA THR A 56 1.69 -9.09 -13.27
C THR A 56 0.16 -9.02 -13.17
N LYS A 57 -0.52 -8.64 -14.25
CA LYS A 57 -1.98 -8.53 -14.30
C LYS A 57 -2.62 -9.15 -15.53
N CYS A 58 -3.90 -9.46 -15.39
CA CYS A 58 -4.76 -10.10 -16.39
C CYS A 58 -6.13 -9.41 -16.54
N PRO A 59 -6.76 -9.45 -17.73
CA PRO A 59 -8.08 -8.89 -17.93
C PRO A 59 -9.18 -9.74 -17.28
N GLU A 60 -10.30 -9.08 -16.98
CA GLU A 60 -11.56 -9.78 -16.80
C GLU A 60 -12.05 -10.49 -18.07
N LYS A 61 -12.95 -11.43 -17.80
CA LYS A 61 -13.46 -12.40 -18.76
C LYS A 61 -14.94 -12.31 -19.06
N ASN A 62 -15.61 -11.52 -18.25
CA ASN A 62 -16.96 -11.03 -18.49
C ASN A 62 -17.09 -9.52 -18.26
N ARG A 63 -15.95 -8.80 -18.07
CA ARG A 63 -15.95 -7.36 -17.79
C ARG A 63 -14.87 -6.61 -18.58
N PRO A 64 -15.16 -6.07 -19.77
CA PRO A 64 -14.23 -5.25 -20.55
C PRO A 64 -14.02 -3.84 -19.95
N GLU A 65 -13.90 -3.75 -18.62
CA GLU A 65 -13.96 -2.51 -17.83
C GLU A 65 -12.90 -2.39 -16.71
N ALA A 66 -12.05 -3.39 -16.54
CA ALA A 66 -11.03 -3.47 -15.49
C ALA A 66 -9.98 -4.54 -15.83
N LEU A 67 -8.81 -4.43 -15.19
CA LEU A 67 -7.85 -5.53 -15.07
C LEU A 67 -7.83 -6.06 -13.64
N LYS A 68 -7.66 -7.37 -13.46
CA LYS A 68 -7.28 -8.03 -12.21
C LYS A 68 -5.78 -8.23 -12.14
N VAL A 69 -5.19 -8.10 -10.95
CA VAL A 69 -3.73 -8.10 -10.76
C VAL A 69 -3.29 -9.18 -9.78
N SER A 70 -2.18 -9.84 -10.11
CA SER A 70 -1.58 -10.93 -9.35
C SER A 70 -0.14 -10.67 -8.89
N CYS A 71 0.13 -10.98 -7.61
CA CYS A 71 1.49 -11.00 -7.09
C CYS A 71 2.15 -12.34 -7.47
N GLY A 72 2.60 -12.45 -8.73
CA GLY A 72 3.38 -13.59 -9.23
C GLY A 72 4.78 -13.74 -8.57
N LYS A 73 5.18 -12.80 -7.71
CA LYS A 73 6.33 -12.88 -6.80
C LYS A 73 6.27 -14.12 -5.92
N CYS A 74 5.10 -14.31 -5.32
CA CYS A 74 4.80 -15.33 -4.32
C CYS A 74 3.61 -16.24 -4.73
N GLY A 75 2.82 -15.82 -5.71
CA GLY A 75 1.66 -16.52 -6.24
C GLY A 75 0.40 -16.12 -5.49
N ASN A 76 0.00 -14.86 -5.61
CA ASN A 76 -1.25 -14.29 -5.15
C ASN A 76 -1.92 -13.65 -6.38
N GLY A 77 -3.20 -13.35 -6.33
CA GLY A 77 -4.00 -13.00 -7.50
C GLY A 77 -5.37 -12.39 -7.29
N LEU A 78 -5.36 -11.35 -6.45
CA LEU A 78 -6.57 -10.82 -5.79
C LEU A 78 -6.84 -9.34 -6.06
N GLY A 79 -5.84 -8.61 -6.54
CA GLY A 79 -5.95 -7.16 -6.74
C GLY A 79 -6.55 -6.80 -8.09
N HIS A 80 -6.65 -5.51 -8.34
CA HIS A 80 -7.23 -4.90 -9.52
C HIS A 80 -6.49 -3.62 -9.93
N GLU A 81 -6.53 -3.34 -11.23
CA GLU A 81 -6.05 -2.13 -11.88
C GLU A 81 -7.15 -1.65 -12.84
N PHE A 82 -7.96 -0.69 -12.38
CA PHE A 82 -8.97 -0.08 -13.22
C PHE A 82 -8.31 1.02 -14.05
N LEU A 83 -7.99 0.69 -15.31
CA LEU A 83 -7.29 1.55 -16.26
C LEU A 83 -7.78 1.23 -17.69
N ASN A 84 -7.60 2.19 -18.58
CA ASN A 84 -8.06 2.21 -19.98
C ASN A 84 -9.59 2.26 -20.15
N ASP A 85 -10.34 2.29 -19.05
CA ASP A 85 -11.81 2.25 -19.07
C ASP A 85 -12.47 3.65 -19.09
N GLY A 86 -11.76 4.66 -18.58
CA GLY A 86 -12.18 6.05 -18.50
C GLY A 86 -11.42 7.02 -19.41
N PRO A 87 -11.24 6.77 -20.73
CA PRO A 87 -10.40 7.60 -21.61
C PRO A 87 -10.90 9.02 -21.86
N LYS A 88 -12.14 9.32 -21.44
CA LYS A 88 -12.68 10.68 -21.28
C LYS A 88 -11.91 11.51 -20.24
N ARG A 89 -11.49 10.87 -19.15
CA ARG A 89 -10.82 11.41 -17.98
C ARG A 89 -9.34 11.04 -17.89
N GLY A 90 -8.72 11.55 -16.82
CA GLY A 90 -7.39 11.21 -16.33
C GLY A 90 -7.33 9.95 -15.46
N GLN A 91 -8.43 9.21 -15.39
CA GLN A 91 -8.63 8.12 -14.46
C GLN A 91 -7.63 6.96 -14.58
N SER A 92 -7.32 6.43 -13.40
CA SER A 92 -6.60 5.22 -13.06
C SER A 92 -6.86 5.01 -11.56
N ARG A 93 -7.18 3.78 -11.16
CA ARG A 93 -7.24 3.39 -9.73
C ARG A 93 -6.91 1.93 -9.52
N PHE A 94 -5.85 1.68 -8.75
CA PHE A 94 -5.34 0.37 -8.36
C PHE A 94 -5.92 -0.02 -7.00
N CYS A 95 -6.60 -1.16 -6.91
CA CYS A 95 -7.31 -1.62 -5.72
C CYS A 95 -6.94 -3.07 -5.37
N ILE A 96 -6.12 -3.26 -4.33
CA ILE A 96 -5.57 -4.54 -3.90
C ILE A 96 -5.97 -4.87 -2.45
N PHE A 97 -6.20 -6.17 -2.21
CA PHE A 97 -6.83 -6.67 -0.98
C PHE A 97 -5.84 -6.93 0.15
N SER A 98 -6.34 -6.94 1.39
CA SER A 98 -5.61 -7.30 2.63
C SER A 98 -5.07 -8.74 2.67
N SER A 99 -5.76 -9.68 1.99
CA SER A 99 -5.25 -11.03 1.70
C SER A 99 -4.10 -11.04 0.67
N SER A 100 -3.93 -9.94 -0.08
CA SER A 100 -2.82 -9.76 -1.01
C SER A 100 -1.62 -9.10 -0.36
N LEU A 101 -1.85 -8.04 0.43
CA LEU A 101 -0.85 -7.26 1.15
C LEU A 101 -1.43 -6.27 2.17
N LYS A 102 -0.59 -5.77 3.08
CA LYS A 102 -0.96 -4.91 4.21
C LYS A 102 -0.25 -3.56 4.20
N PHE A 103 -0.77 -2.64 4.99
CA PHE A 103 -0.26 -1.29 5.20
C PHE A 103 -0.16 -1.02 6.71
N VAL A 104 1.00 -0.53 7.12
CA VAL A 104 1.34 -0.14 8.49
C VAL A 104 1.63 1.36 8.56
N PRO A 105 0.58 2.21 8.67
CA PRO A 105 0.75 3.64 8.84
C PRO A 105 1.14 4.01 10.28
N LYS A 106 1.84 5.14 10.43
CA LYS A 106 2.27 5.71 11.70
C LYS A 106 1.16 6.40 12.49
N GLY A 107 1.54 6.99 13.63
CA GLY A 107 0.68 7.57 14.65
C GLY A 107 -0.18 6.58 15.41
N LYS A 108 0.33 5.35 15.53
CA LYS A 108 -0.29 4.19 16.17
C LYS A 108 -0.13 4.16 17.69
N GLU A 109 1.02 4.63 18.14
CA GLU A 109 1.49 4.48 19.50
C GLU A 109 1.73 5.83 20.17
N ALA A 110 2.45 6.69 19.45
CA ALA A 110 2.84 8.04 19.87
C ALA A 110 3.41 8.05 21.30
N ALA A 111 3.03 9.04 22.12
CA ALA A 111 3.27 9.10 23.56
C ALA A 111 4.75 8.93 23.99
N ALA A 112 4.96 8.65 25.28
CA ALA A 112 6.25 8.34 25.92
C ALA A 112 7.40 9.29 25.57
N SER A 113 7.17 10.59 25.79
CA SER A 113 8.15 11.67 25.67
C SER A 113 9.07 11.78 26.90
N GLN A 114 9.52 10.62 27.37
CA GLN A 114 10.21 10.39 28.64
C GLN A 114 11.74 10.40 28.47
N GLY A 115 12.48 10.89 29.46
CA GLY A 115 13.95 10.80 29.48
C GLY A 115 14.59 11.56 30.64
N HIS A 116 15.69 11.02 31.17
CA HIS A 116 16.52 11.64 32.22
C HIS A 116 17.93 11.01 32.24
N LEU A 117 18.95 11.83 32.49
CA LEU A 117 20.35 11.42 32.54
C LEU A 117 20.70 10.67 33.84
N GLU A 118 21.67 9.78 33.79
CA GLU A 118 22.20 9.07 34.96
C GLU A 118 23.12 9.94 35.83
N HIS A 119 22.99 9.85 37.15
CA HIS A 119 23.85 10.55 38.13
C HIS A 119 24.91 9.60 38.73
N HIS A 120 25.94 10.18 39.36
CA HIS A 120 27.04 9.44 40.01
C HIS A 120 27.41 10.06 41.37
N HIS A 121 28.07 9.28 42.24
CA HIS A 121 28.75 9.78 43.44
C HIS A 121 30.28 9.83 43.22
N HIS A 122 31.04 10.44 44.13
CA HIS A 122 32.52 10.40 44.13
C HIS A 122 33.08 9.99 45.51
N HIS A 123 32.83 10.81 46.55
CA HIS A 123 33.35 10.67 47.93
C HIS A 123 34.89 10.78 48.08
N HIS A 124 35.66 10.06 47.25
CA HIS A 124 37.13 9.99 47.22
C HIS A 124 37.76 9.57 48.57
ZN ZN B . 3.74 -11.00 -2.73
N MET A 1 -35.13 24.86 9.45
CA MET A 1 -34.17 25.94 9.72
C MET A 1 -32.89 25.37 10.37
N SER A 2 -31.80 26.13 10.35
CA SER A 2 -30.44 25.73 10.77
C SER A 2 -29.77 24.63 9.94
N PHE A 3 -28.47 24.44 10.17
CA PHE A 3 -27.59 23.48 9.50
C PHE A 3 -26.32 23.25 10.36
N CYS A 4 -25.63 22.12 10.16
CA CYS A 4 -24.31 21.86 10.72
C CYS A 4 -23.39 21.22 9.66
N SER A 5 -22.16 21.73 9.54
CA SER A 5 -21.19 21.39 8.49
C SER A 5 -19.77 21.34 9.05
N PHE A 6 -19.17 20.14 9.08
CA PHE A 6 -17.75 19.96 9.37
C PHE A 6 -16.95 19.84 8.06
N PHE A 7 -15.84 20.57 7.95
CA PHE A 7 -14.80 20.29 6.96
C PHE A 7 -13.92 19.15 7.47
N GLY A 8 -13.66 18.14 6.65
CA GLY A 8 -13.07 16.88 7.11
C GLY A 8 -12.53 15.93 6.03
N GLY A 9 -12.39 16.38 4.78
CA GLY A 9 -12.05 15.57 3.59
C GLY A 9 -10.67 14.89 3.54
N GLU A 10 -9.94 14.80 4.66
CA GLU A 10 -8.52 14.46 4.75
C GLU A 10 -8.25 13.17 5.56
N VAL A 11 -7.04 12.62 5.43
CA VAL A 11 -6.58 11.39 6.09
C VAL A 11 -6.59 11.49 7.64
N PHE A 12 -6.69 12.71 8.16
CA PHE A 12 -6.90 12.99 9.59
C PHE A 12 -8.31 12.61 10.11
N GLN A 13 -9.12 11.91 9.31
CA GLN A 13 -10.25 11.10 9.81
C GLN A 13 -9.83 10.12 10.93
N ASN A 14 -8.57 9.65 10.89
CA ASN A 14 -8.03 8.70 11.86
C ASN A 14 -6.52 8.82 12.10
N HIS A 15 -5.79 8.95 11.01
CA HIS A 15 -4.35 8.73 10.98
C HIS A 15 -3.58 10.06 11.08
N PHE A 16 -2.74 10.18 12.12
CA PHE A 16 -1.78 11.27 12.28
C PHE A 16 -0.31 10.80 12.24
N GLU A 17 -0.07 9.51 11.96
CA GLU A 17 1.26 8.89 11.91
C GLU A 17 1.65 8.37 10.51
N PRO A 18 2.95 8.43 10.13
CA PRO A 18 3.44 7.93 8.84
C PRO A 18 3.65 6.41 8.86
N GLY A 19 3.85 5.80 7.68
CA GLY A 19 4.05 4.36 7.56
C GLY A 19 4.32 3.86 6.15
N VAL A 20 4.32 2.52 5.98
CA VAL A 20 4.65 1.84 4.72
C VAL A 20 3.73 0.62 4.50
N TYR A 21 3.66 0.11 3.27
CA TYR A 21 2.95 -1.13 2.91
C TYR A 21 3.94 -2.28 2.70
N VAL A 22 3.52 -3.52 2.98
CA VAL A 22 4.35 -4.73 2.81
C VAL A 22 3.54 -5.91 2.27
N CYS A 23 4.20 -6.92 1.70
CA CYS A 23 3.51 -8.05 1.09
C CYS A 23 2.64 -8.84 2.09
N ALA A 24 1.56 -9.44 1.57
CA ALA A 24 0.74 -10.42 2.28
C ALA A 24 1.57 -11.63 2.76
N LYS A 25 2.56 -12.06 1.95
CA LYS A 25 3.33 -13.30 2.10
C LYS A 25 4.83 -13.11 2.27
N CYS A 26 5.38 -12.18 1.50
CA CYS A 26 6.81 -11.96 1.33
C CYS A 26 7.38 -11.01 2.41
N SER A 27 6.48 -10.23 3.03
CA SER A 27 6.71 -9.19 4.05
C SER A 27 7.68 -8.08 3.66
N TYR A 28 8.11 -8.04 2.40
CA TYR A 28 8.98 -7.01 1.84
C TYR A 28 8.23 -5.69 1.66
N GLU A 29 8.87 -4.57 2.00
CA GLU A 29 8.22 -3.27 2.18
C GLU A 29 8.35 -2.36 0.96
N LEU A 30 7.22 -1.93 0.37
CA LEU A 30 7.16 -1.04 -0.78
C LEU A 30 5.78 -0.38 -0.95
N PHE A 31 5.81 0.88 -1.33
CA PHE A 31 4.70 1.61 -1.94
C PHE A 31 5.15 2.83 -2.78
N SER A 32 4.52 3.04 -3.93
CA SER A 32 4.55 4.27 -4.73
C SER A 32 4.03 5.50 -3.97
N SER A 33 4.23 6.70 -4.55
CA SER A 33 3.77 7.97 -3.98
C SER A 33 2.72 8.68 -4.83
N HIS A 34 2.75 8.47 -6.15
CA HIS A 34 1.74 8.94 -7.11
C HIS A 34 0.42 8.15 -7.04
N SER A 35 0.44 7.01 -6.33
CA SER A 35 -0.61 6.03 -6.13
C SER A 35 -1.72 6.48 -5.17
N LYS A 36 -1.42 7.43 -4.29
CA LYS A 36 -2.23 7.76 -3.11
C LYS A 36 -2.78 9.20 -3.15
N TYR A 37 -4.02 9.36 -2.68
CA TYR A 37 -4.67 10.65 -2.39
C TYR A 37 -5.66 10.51 -1.22
N ALA A 38 -6.16 11.66 -0.73
CA ALA A 38 -6.97 11.74 0.50
C ALA A 38 -8.44 12.09 0.25
N HIS A 39 -9.35 11.39 0.96
CA HIS A 39 -10.80 11.53 0.97
C HIS A 39 -11.35 10.98 2.30
N SER A 40 -12.49 11.47 2.78
CA SER A 40 -13.16 10.96 3.98
C SER A 40 -14.32 10.03 3.62
N SER A 41 -14.00 8.77 3.29
CA SER A 41 -14.95 7.77 2.77
C SER A 41 -14.55 6.33 3.14
N PRO A 42 -15.51 5.39 3.30
CA PRO A 42 -15.26 3.95 3.29
C PRO A 42 -14.97 3.44 1.87
N TRP A 43 -14.29 2.29 1.76
CA TRP A 43 -13.78 1.69 0.52
C TRP A 43 -13.18 2.68 -0.50
N PRO A 44 -12.14 3.47 -0.12
CA PRO A 44 -11.41 4.32 -1.06
C PRO A 44 -10.58 3.50 -2.06
N ALA A 45 -10.27 4.08 -3.22
CA ALA A 45 -9.46 3.47 -4.27
C ALA A 45 -8.25 4.35 -4.60
N PHE A 46 -7.09 3.74 -4.81
CA PHE A 46 -5.83 4.39 -5.21
C PHE A 46 -5.93 4.87 -6.67
N THR A 47 -5.01 5.72 -7.11
CA THR A 47 -4.74 5.91 -8.54
C THR A 47 -4.02 4.69 -9.09
N GLU A 48 -2.93 4.26 -8.45
CA GLU A 48 -2.00 3.26 -8.95
C GLU A 48 -1.47 2.35 -7.83
N THR A 49 -0.55 1.47 -8.20
CA THR A 49 0.35 0.75 -7.29
C THR A 49 1.80 0.89 -7.77
N ILE A 50 2.72 0.07 -7.24
CA ILE A 50 4.14 0.13 -7.56
C ILE A 50 4.49 -0.62 -8.85
N HIS A 51 3.68 -1.63 -9.20
CA HIS A 51 3.71 -2.47 -10.39
C HIS A 51 5.13 -2.91 -10.90
N PRO A 52 5.97 -3.53 -10.04
CA PRO A 52 7.36 -3.93 -10.38
C PRO A 52 7.46 -5.28 -11.11
N ASP A 53 8.69 -5.71 -11.42
CA ASP A 53 9.07 -6.97 -12.07
C ASP A 53 8.79 -8.23 -11.23
N SER A 54 8.47 -8.03 -9.96
CA SER A 54 8.11 -9.07 -8.98
C SER A 54 6.67 -9.57 -9.07
N VAL A 55 5.82 -8.78 -9.70
CA VAL A 55 4.37 -8.96 -9.77
C VAL A 55 3.89 -9.14 -11.20
N THR A 56 2.64 -9.55 -11.34
CA THR A 56 1.97 -9.87 -12.62
C THR A 56 0.52 -9.41 -12.60
N LYS A 57 -0.10 -9.29 -13.78
CA LYS A 57 -1.52 -9.13 -13.92
C LYS A 57 -2.12 -9.96 -15.05
N CYS A 58 -3.44 -9.93 -15.05
CA CYS A 58 -4.33 -10.52 -16.05
C CYS A 58 -5.59 -9.65 -16.28
N PRO A 59 -6.29 -9.82 -17.41
CA PRO A 59 -7.61 -9.22 -17.60
C PRO A 59 -8.69 -9.94 -16.79
N GLU A 60 -9.79 -9.25 -16.50
CA GLU A 60 -11.05 -9.90 -16.19
C GLU A 60 -11.64 -10.56 -17.45
N LYS A 61 -12.50 -11.55 -17.24
CA LYS A 61 -13.07 -12.39 -18.28
C LYS A 61 -14.52 -12.04 -18.58
N ASN A 62 -15.19 -11.86 -17.47
CA ASN A 62 -16.56 -11.45 -17.18
C ASN A 62 -16.73 -9.93 -17.18
N ARG A 63 -15.62 -9.20 -17.26
CA ARG A 63 -15.55 -7.74 -17.22
C ARG A 63 -14.49 -7.18 -18.18
N PRO A 64 -14.67 -7.26 -19.52
CA PRO A 64 -13.62 -7.02 -20.52
C PRO A 64 -13.25 -5.52 -20.72
N GLU A 65 -13.23 -4.76 -19.63
CA GLU A 65 -13.05 -3.32 -19.54
C GLU A 65 -11.92 -2.89 -18.60
N ALA A 66 -11.42 -3.83 -17.80
CA ALA A 66 -10.52 -3.65 -16.66
C ALA A 66 -9.67 -4.90 -16.41
N LEU A 67 -8.71 -4.78 -15.50
CA LEU A 67 -7.75 -5.83 -15.15
C LEU A 67 -7.76 -6.22 -13.67
N LYS A 68 -7.35 -7.45 -13.39
CA LYS A 68 -6.98 -8.01 -12.09
C LYS A 68 -5.46 -8.17 -11.99
N VAL A 69 -4.85 -7.68 -10.92
CA VAL A 69 -3.39 -7.73 -10.71
C VAL A 69 -3.05 -8.61 -9.49
N SER A 70 -2.06 -9.50 -9.60
CA SER A 70 -1.65 -10.40 -8.52
C SER A 70 -0.15 -10.39 -8.21
N CYS A 71 0.16 -10.78 -6.97
CA CYS A 71 1.53 -11.07 -6.58
C CYS A 71 1.82 -12.50 -7.01
N GLY A 72 2.15 -12.68 -8.29
CA GLY A 72 2.37 -14.04 -8.83
C GLY A 72 3.61 -14.72 -8.24
N LYS A 73 4.46 -13.97 -7.52
CA LYS A 73 5.61 -14.45 -6.75
C LYS A 73 5.25 -15.41 -5.62
N CYS A 74 4.34 -14.97 -4.75
CA CYS A 74 3.82 -15.73 -3.62
C CYS A 74 2.49 -16.42 -3.96
N GLY A 75 1.78 -15.89 -4.96
CA GLY A 75 0.51 -16.40 -5.49
C GLY A 75 -0.72 -15.65 -4.97
N ASN A 76 -0.64 -14.33 -4.80
CA ASN A 76 -1.67 -13.48 -4.21
C ASN A 76 -2.60 -12.80 -5.24
N GLY A 77 -2.87 -11.53 -5.02
CA GLY A 77 -3.91 -10.75 -5.66
C GLY A 77 -3.99 -9.33 -5.10
N LEU A 78 -2.97 -8.55 -5.48
CA LEU A 78 -2.69 -7.16 -5.11
C LEU A 78 -3.86 -6.20 -5.34
N GLY A 79 -4.74 -6.56 -6.27
CA GLY A 79 -6.03 -5.89 -6.47
C GLY A 79 -6.53 -5.94 -7.90
N HIS A 80 -7.21 -4.88 -8.33
CA HIS A 80 -7.70 -4.62 -9.66
C HIS A 80 -7.23 -3.24 -10.16
N GLU A 81 -7.09 -3.10 -11.46
CA GLU A 81 -6.47 -1.97 -12.13
C GLU A 81 -7.31 -1.62 -13.37
N PHE A 82 -8.03 -0.50 -13.29
CA PHE A 82 -9.01 -0.13 -14.32
C PHE A 82 -8.35 0.73 -15.41
N LEU A 83 -7.54 0.07 -16.25
CA LEU A 83 -7.03 0.61 -17.50
C LEU A 83 -8.17 0.63 -18.55
N ASN A 84 -7.83 0.95 -19.80
CA ASN A 84 -8.67 0.85 -21.02
C ASN A 84 -9.81 1.86 -21.10
N ASP A 85 -10.02 2.63 -20.03
CA ASP A 85 -11.14 3.56 -19.89
C ASP A 85 -10.88 4.90 -20.59
N GLY A 86 -9.61 5.30 -20.58
CA GLY A 86 -9.12 6.55 -21.12
C GLY A 86 -7.62 6.58 -21.40
N PRO A 87 -7.04 5.62 -22.17
CA PRO A 87 -5.58 5.51 -22.36
C PRO A 87 -4.91 6.75 -22.96
N LYS A 88 -5.70 7.61 -23.61
CA LYS A 88 -5.30 8.93 -24.15
C LYS A 88 -5.02 10.00 -23.09
N ARG A 89 -5.28 9.76 -21.80
CA ARG A 89 -5.13 10.68 -20.67
C ARG A 89 -3.85 10.42 -19.84
N GLY A 90 -3.72 11.14 -18.73
CA GLY A 90 -2.90 10.82 -17.56
C GLY A 90 -3.64 10.11 -16.41
N GLN A 91 -4.80 9.54 -16.72
CA GLN A 91 -5.68 8.83 -15.79
C GLN A 91 -5.09 7.48 -15.30
N SER A 92 -5.50 7.12 -14.08
CA SER A 92 -5.11 5.94 -13.31
C SER A 92 -6.13 5.75 -12.18
N ARG A 93 -6.72 4.56 -12.06
CA ARG A 93 -7.42 4.05 -10.85
C ARG A 93 -7.12 2.57 -10.56
N PHE A 94 -6.92 2.25 -9.28
CA PHE A 94 -6.64 0.90 -8.78
C PHE A 94 -7.48 0.62 -7.51
N CYS A 95 -8.15 -0.54 -7.46
CA CYS A 95 -9.04 -0.93 -6.37
C CYS A 95 -8.66 -2.29 -5.77
N ILE A 96 -8.70 -2.43 -4.45
CA ILE A 96 -7.92 -3.42 -3.70
C ILE A 96 -8.76 -4.25 -2.71
N PHE A 97 -8.19 -5.36 -2.22
CA PHE A 97 -8.74 -6.19 -1.15
C PHE A 97 -7.95 -6.08 0.17
N SER A 98 -8.62 -6.34 1.28
CA SER A 98 -8.01 -6.47 2.62
C SER A 98 -6.94 -7.56 2.73
N SER A 99 -7.00 -8.58 1.88
CA SER A 99 -6.01 -9.67 1.81
C SER A 99 -4.97 -9.49 0.68
N SER A 100 -4.98 -8.34 -0.02
CA SER A 100 -4.02 -8.05 -1.09
C SER A 100 -2.61 -7.84 -0.55
N LEU A 101 -2.50 -7.18 0.60
CA LEU A 101 -1.25 -6.80 1.27
C LEU A 101 -1.47 -6.33 2.73
N LYS A 102 -0.38 -6.11 3.48
CA LYS A 102 -0.36 -5.61 4.85
C LYS A 102 0.26 -4.21 4.94
N PHE A 103 0.27 -3.65 6.15
CA PHE A 103 0.65 -2.29 6.47
C PHE A 103 1.49 -2.24 7.76
N VAL A 104 2.57 -1.47 7.72
CA VAL A 104 3.47 -1.19 8.85
C VAL A 104 3.53 0.33 9.12
N PRO A 105 2.69 0.86 10.01
CA PRO A 105 2.81 2.23 10.47
C PRO A 105 3.94 2.37 11.50
N LYS A 106 4.55 3.56 11.54
CA LYS A 106 5.67 3.90 12.38
C LYS A 106 5.33 3.95 13.87
N GLY A 107 6.40 3.91 14.65
CA GLY A 107 6.48 4.17 16.06
C GLY A 107 7.60 5.15 16.31
N LYS A 108 8.83 4.66 16.45
CA LYS A 108 10.07 5.43 16.39
C LYS A 108 10.77 5.21 15.04
N GLU A 109 11.22 3.98 14.80
CA GLU A 109 12.16 3.62 13.72
C GLU A 109 11.47 3.06 12.47
N ALA A 110 11.13 1.77 12.49
CA ALA A 110 10.47 0.96 11.44
C ALA A 110 11.16 0.87 10.06
N ALA A 111 10.77 -0.17 9.29
CA ALA A 111 11.30 -0.61 7.99
C ALA A 111 12.78 -1.06 8.00
N ALA A 112 13.13 -1.97 7.08
CA ALA A 112 14.40 -2.71 7.10
C ALA A 112 14.70 -3.29 8.49
N SER A 113 13.75 -4.09 8.98
CA SER A 113 13.64 -4.51 10.37
C SER A 113 13.13 -5.94 10.50
N GLN A 114 13.78 -6.75 11.34
CA GLN A 114 13.41 -8.13 11.62
C GLN A 114 12.10 -8.22 12.43
N GLY A 115 11.40 -9.36 12.33
CA GLY A 115 10.02 -9.50 12.84
C GLY A 115 9.70 -10.85 13.47
N HIS A 116 8.41 -11.15 13.52
CA HIS A 116 7.78 -12.36 14.06
C HIS A 116 6.40 -12.59 13.41
N LEU A 117 5.83 -13.80 13.55
CA LEU A 117 4.48 -14.13 13.06
C LEU A 117 3.42 -13.30 13.80
N GLU A 118 2.49 -12.65 13.08
CA GLU A 118 1.46 -11.78 13.67
C GLU A 118 0.11 -12.49 13.87
N HIS A 119 -0.57 -12.20 14.98
CA HIS A 119 -1.67 -13.01 15.49
C HIS A 119 -2.67 -12.17 16.31
N HIS A 120 -3.96 -12.49 16.16
CA HIS A 120 -5.06 -11.57 16.49
C HIS A 120 -6.16 -12.23 17.36
N HIS A 121 -6.86 -13.22 16.81
CA HIS A 121 -8.09 -13.83 17.36
C HIS A 121 -8.51 -15.07 16.54
N HIS A 122 -9.25 -15.98 17.16
CA HIS A 122 -10.03 -17.06 16.52
C HIS A 122 -11.51 -16.98 16.94
N HIS A 123 -12.44 -17.62 16.23
CA HIS A 123 -13.89 -17.55 16.52
C HIS A 123 -14.46 -18.88 17.05
N HIS A 124 -14.84 -19.79 16.13
CA HIS A 124 -15.45 -21.10 16.39
C HIS A 124 -16.76 -21.02 17.22
ZN ZN B . 4.35 -11.15 -2.58
N MET A 1 -1.13 -32.59 11.16
CA MET A 1 -2.54 -32.17 11.32
C MET A 1 -2.69 -30.69 10.94
N SER A 2 -3.90 -30.30 10.53
CA SER A 2 -4.20 -28.97 9.97
C SER A 2 -5.38 -28.26 10.67
N PHE A 3 -5.59 -26.98 10.33
CA PHE A 3 -6.39 -26.00 11.10
C PHE A 3 -7.25 -25.08 10.21
N CYS A 4 -8.06 -24.22 10.84
CA CYS A 4 -8.96 -23.25 10.20
C CYS A 4 -8.28 -21.93 9.77
N SER A 5 -9.07 -20.96 9.26
CA SER A 5 -8.67 -19.58 9.02
C SER A 5 -9.91 -18.67 9.14
N PHE A 6 -9.75 -17.51 9.77
CA PHE A 6 -10.82 -16.60 10.19
C PHE A 6 -10.45 -15.10 10.04
N PHE A 7 -11.38 -14.18 10.30
CA PHE A 7 -11.24 -12.73 10.09
C PHE A 7 -10.10 -12.09 10.90
N GLY A 8 -9.44 -11.10 10.29
CA GLY A 8 -8.17 -10.51 10.72
C GLY A 8 -8.29 -9.45 11.82
N GLY A 9 -9.48 -8.86 11.97
CA GLY A 9 -9.79 -7.94 13.08
C GLY A 9 -9.25 -6.51 12.93
N GLU A 10 -9.23 -5.95 11.72
CA GLU A 10 -8.63 -4.64 11.44
C GLU A 10 -9.28 -3.49 12.23
N VAL A 11 -8.43 -2.53 12.59
CA VAL A 11 -8.74 -1.30 13.32
C VAL A 11 -8.24 -0.05 12.60
N PHE A 12 -7.31 -0.19 11.64
CA PHE A 12 -6.49 0.94 11.14
C PHE A 12 -7.21 1.92 10.19
N GLN A 13 -8.50 1.71 9.94
CA GLN A 13 -9.37 2.46 9.02
C GLN A 13 -9.22 3.99 9.13
N ASN A 14 -9.12 4.54 10.35
CA ASN A 14 -8.99 5.97 10.63
C ASN A 14 -7.66 6.36 11.30
N HIS A 15 -6.76 5.41 11.62
CA HIS A 15 -5.49 5.75 12.29
C HIS A 15 -4.51 6.42 11.32
N PHE A 16 -4.19 7.69 11.56
CA PHE A 16 -3.17 8.44 10.82
C PHE A 16 -1.74 8.19 11.38
N GLU A 17 -1.42 6.93 11.65
CA GLU A 17 -0.10 6.50 12.15
C GLU A 17 0.93 6.38 11.01
N PRO A 18 2.21 6.78 11.25
CA PRO A 18 3.26 6.70 10.24
C PRO A 18 3.77 5.26 10.08
N GLY A 19 3.87 4.76 8.85
CA GLY A 19 4.27 3.39 8.59
C GLY A 19 4.32 3.03 7.11
N VAL A 20 4.59 1.75 6.82
CA VAL A 20 4.91 1.24 5.48
C VAL A 20 4.07 0.00 5.16
N TYR A 21 3.97 -0.35 3.88
CA TYR A 21 3.34 -1.61 3.46
C TYR A 21 4.40 -2.67 3.14
N VAL A 22 4.02 -3.93 3.31
CA VAL A 22 4.82 -5.10 2.96
C VAL A 22 3.91 -6.17 2.37
N CYS A 23 4.44 -7.19 1.70
CA CYS A 23 3.59 -8.23 1.12
C CYS A 23 2.72 -8.97 2.16
N ALA A 24 1.52 -9.37 1.74
CA ALA A 24 0.57 -10.14 2.53
C ALA A 24 1.19 -11.43 3.11
N LYS A 25 2.09 -12.09 2.33
CA LYS A 25 2.70 -13.38 2.65
C LYS A 25 4.22 -13.40 2.57
N CYS A 26 4.80 -12.85 1.50
CA CYS A 26 6.22 -12.73 1.30
C CYS A 26 6.84 -11.77 2.34
N SER A 27 6.03 -10.77 2.72
CA SER A 27 6.39 -9.66 3.61
C SER A 27 7.62 -8.87 3.15
N TYR A 28 7.93 -8.94 1.85
CA TYR A 28 8.88 -8.03 1.20
C TYR A 28 8.36 -6.59 1.36
N GLU A 29 9.18 -5.67 1.86
CA GLU A 29 8.75 -4.32 2.18
C GLU A 29 8.67 -3.43 0.94
N LEU A 30 7.48 -2.88 0.66
CA LEU A 30 7.22 -2.08 -0.54
C LEU A 30 5.99 -1.18 -0.40
N PHE A 31 6.22 0.12 -0.63
CA PHE A 31 5.29 1.19 -1.00
C PHE A 31 6.05 2.47 -1.32
N SER A 32 5.65 3.22 -2.36
CA SER A 32 6.15 4.58 -2.61
C SER A 32 5.30 5.65 -1.92
N SER A 33 5.95 6.73 -1.47
CA SER A 33 5.36 7.99 -1.01
C SER A 33 4.29 8.55 -1.98
N HIS A 34 4.37 8.22 -3.27
CA HIS A 34 3.57 8.81 -4.35
C HIS A 34 2.36 7.98 -4.80
N SER A 35 2.31 6.70 -4.44
CA SER A 35 1.32 5.74 -4.95
C SER A 35 -0.05 5.87 -4.31
N LYS A 36 -0.13 6.60 -3.19
CA LYS A 36 -1.38 6.82 -2.45
C LYS A 36 -1.52 8.27 -1.98
N TYR A 37 -2.69 8.86 -2.23
CA TYR A 37 -3.10 10.16 -1.69
C TYR A 37 -4.05 9.99 -0.48
N ALA A 38 -4.51 11.11 0.05
CA ALA A 38 -5.49 11.18 1.15
C ALA A 38 -6.72 12.01 0.73
N HIS A 39 -7.92 11.54 1.08
CA HIS A 39 -9.19 12.25 0.84
C HIS A 39 -10.32 11.72 1.74
N SER A 40 -11.36 12.52 1.96
CA SER A 40 -12.63 12.03 2.51
C SER A 40 -13.54 11.48 1.41
N SER A 41 -13.47 10.16 1.19
CA SER A 41 -14.35 9.40 0.30
C SER A 41 -14.49 7.95 0.79
N PRO A 42 -15.67 7.31 0.65
CA PRO A 42 -15.75 5.85 0.62
C PRO A 42 -15.14 5.31 -0.68
N TRP A 43 -14.94 4.00 -0.76
CA TRP A 43 -14.44 3.29 -1.96
C TRP A 43 -13.15 3.89 -2.60
N PRO A 44 -12.12 4.27 -1.81
CA PRO A 44 -10.88 4.84 -2.34
C PRO A 44 -10.06 3.81 -3.14
N ALA A 45 -9.17 4.30 -3.99
CA ALA A 45 -8.22 3.52 -4.77
C ALA A 45 -6.94 4.34 -5.03
N PHE A 46 -5.87 3.68 -5.48
CA PHE A 46 -4.60 4.33 -5.84
C PHE A 46 -4.68 4.90 -7.26
N THR A 47 -3.81 5.85 -7.58
CA THR A 47 -3.63 6.37 -8.96
C THR A 47 -2.51 5.63 -9.68
N GLU A 48 -1.34 5.55 -9.05
CA GLU A 48 -0.14 4.88 -9.49
C GLU A 48 0.32 3.85 -8.47
N THR A 49 1.27 3.03 -8.89
CA THR A 49 1.93 2.02 -8.02
C THR A 49 3.44 1.98 -8.21
N ILE A 50 4.15 1.41 -7.23
CA ILE A 50 5.58 1.10 -7.28
C ILE A 50 5.95 0.08 -8.37
N HIS A 51 4.97 -0.67 -8.88
CA HIS A 51 5.06 -1.67 -9.95
C HIS A 51 6.27 -2.64 -9.84
N PRO A 52 6.42 -3.37 -8.71
CA PRO A 52 7.44 -4.41 -8.60
C PRO A 52 7.10 -5.61 -9.50
N ASP A 53 8.14 -6.35 -9.91
CA ASP A 53 8.12 -7.42 -10.90
C ASP A 53 7.98 -8.82 -10.29
N SER A 54 7.71 -8.90 -8.99
CA SER A 54 7.40 -10.13 -8.24
C SER A 54 5.91 -10.34 -7.97
N VAL A 55 5.12 -9.28 -8.21
CA VAL A 55 3.69 -9.39 -8.52
C VAL A 55 3.53 -9.44 -10.04
N THR A 56 2.40 -9.95 -10.53
CA THR A 56 2.06 -9.98 -11.95
C THR A 56 0.57 -9.75 -12.16
N LYS A 57 0.15 -9.50 -13.39
CA LYS A 57 -1.21 -9.09 -13.73
C LYS A 57 -1.76 -9.74 -15.00
N CYS A 58 -3.08 -9.80 -15.07
CA CYS A 58 -3.83 -10.47 -16.14
C CYS A 58 -5.16 -9.76 -16.51
N PRO A 59 -5.60 -9.79 -17.78
CA PRO A 59 -6.73 -9.00 -18.25
C PRO A 59 -8.11 -9.47 -17.76
N GLU A 60 -9.09 -8.56 -17.76
CA GLU A 60 -10.50 -8.94 -17.75
C GLU A 60 -10.95 -9.58 -19.06
N LYS A 61 -12.05 -10.33 -18.96
CA LYS A 61 -12.59 -11.17 -20.02
C LYS A 61 -13.98 -10.76 -20.49
N ASN A 62 -14.77 -10.31 -19.53
CA ASN A 62 -16.10 -9.74 -19.70
C ASN A 62 -16.09 -8.24 -19.35
N ARG A 63 -14.90 -7.65 -19.12
CA ARG A 63 -14.74 -6.23 -18.84
C ARG A 63 -13.51 -5.65 -19.58
N PRO A 64 -13.45 -5.70 -20.92
CA PRO A 64 -12.22 -5.47 -21.71
C PRO A 64 -11.84 -3.98 -21.83
N GLU A 65 -11.79 -3.32 -20.68
CA GLU A 65 -11.48 -1.92 -20.39
C GLU A 65 -10.66 -1.73 -19.10
N ALA A 66 -10.31 -2.85 -18.48
CA ALA A 66 -9.62 -2.98 -17.21
C ALA A 66 -8.88 -4.32 -17.13
N LEU A 67 -7.99 -4.42 -16.15
CA LEU A 67 -7.16 -5.60 -15.87
C LEU A 67 -7.25 -6.02 -14.39
N LYS A 68 -6.97 -7.28 -14.07
CA LYS A 68 -6.70 -7.79 -12.73
C LYS A 68 -5.20 -7.84 -12.42
N VAL A 69 -4.83 -7.79 -11.16
CA VAL A 69 -3.45 -7.90 -10.70
C VAL A 69 -3.34 -8.82 -9.47
N SER A 70 -2.37 -9.72 -9.52
CA SER A 70 -2.15 -10.79 -8.52
C SER A 70 -0.75 -10.80 -7.90
N CYS A 71 -0.64 -11.17 -6.61
CA CYS A 71 0.67 -11.50 -6.06
C CYS A 71 1.03 -12.94 -6.45
N GLY A 72 1.52 -13.11 -7.67
CA GLY A 72 1.90 -14.44 -8.17
C GLY A 72 3.04 -15.10 -7.38
N LYS A 73 3.85 -14.36 -6.61
CA LYS A 73 4.94 -14.88 -5.77
C LYS A 73 4.47 -15.88 -4.69
N CYS A 74 3.48 -15.48 -3.92
CA CYS A 74 2.86 -16.23 -2.84
C CYS A 74 1.45 -16.73 -3.19
N GLY A 75 0.95 -16.31 -4.36
CA GLY A 75 -0.25 -16.82 -5.01
C GLY A 75 -1.52 -16.15 -4.53
N ASN A 76 -1.51 -14.82 -4.40
CA ASN A 76 -2.67 -14.01 -4.10
C ASN A 76 -3.17 -13.40 -5.43
N GLY A 77 -4.26 -12.68 -5.39
CA GLY A 77 -5.00 -12.26 -6.58
C GLY A 77 -6.30 -11.54 -6.31
N LEU A 78 -6.16 -10.32 -5.78
CA LEU A 78 -7.26 -9.50 -5.29
C LEU A 78 -7.41 -8.16 -6.01
N GLY A 79 -6.30 -7.58 -6.49
CA GLY A 79 -6.30 -6.23 -7.01
C GLY A 79 -6.62 -6.18 -8.50
N HIS A 80 -6.87 -4.97 -8.97
CA HIS A 80 -7.18 -4.64 -10.34
C HIS A 80 -6.53 -3.33 -10.77
N GLU A 81 -6.23 -3.23 -12.05
CA GLU A 81 -5.70 -2.07 -12.76
C GLU A 81 -6.77 -1.63 -13.78
N PHE A 82 -7.70 -0.78 -13.34
CA PHE A 82 -8.71 -0.19 -14.22
C PHE A 82 -8.08 1.04 -14.85
N LEU A 83 -7.19 0.82 -15.82
CA LEU A 83 -6.28 1.83 -16.38
C LEU A 83 -5.77 1.42 -17.77
N ASN A 84 -5.16 2.36 -18.48
CA ASN A 84 -4.47 2.25 -19.77
C ASN A 84 -5.37 2.02 -20.99
N ASP A 85 -6.66 1.77 -20.77
CA ASP A 85 -7.62 1.39 -21.81
C ASP A 85 -8.65 2.47 -22.16
N GLY A 86 -9.00 3.30 -21.17
CA GLY A 86 -9.67 4.60 -21.31
C GLY A 86 -10.83 4.67 -22.31
N PRO A 87 -11.94 3.92 -22.11
CA PRO A 87 -13.03 3.81 -23.09
C PRO A 87 -14.07 4.96 -23.02
N LYS A 88 -14.28 5.50 -21.82
CA LYS A 88 -15.39 6.37 -21.43
C LYS A 88 -14.86 7.70 -20.88
N ARG A 89 -14.81 7.82 -19.55
CA ARG A 89 -14.20 8.94 -18.82
C ARG A 89 -12.68 8.95 -19.02
N GLY A 90 -12.09 10.08 -18.68
CA GLY A 90 -10.63 10.21 -18.60
C GLY A 90 -10.01 9.51 -17.39
N GLN A 91 -10.82 9.35 -16.35
CA GLN A 91 -10.50 8.74 -15.07
C GLN A 91 -10.27 7.22 -15.19
N SER A 92 -9.35 6.72 -14.36
CA SER A 92 -8.82 5.38 -14.26
C SER A 92 -8.08 5.34 -12.92
N ARG A 93 -8.21 4.24 -12.18
CA ARG A 93 -7.56 3.99 -10.88
C ARG A 93 -7.18 2.53 -10.65
N PHE A 94 -6.14 2.31 -9.83
CA PHE A 94 -5.64 1.01 -9.41
C PHE A 94 -6.33 0.58 -8.10
N CYS A 95 -7.17 -0.45 -8.16
CA CYS A 95 -8.12 -0.84 -7.14
C CYS A 95 -7.72 -2.17 -6.49
N ILE A 96 -6.99 -2.10 -5.37
CA ILE A 96 -6.46 -3.23 -4.62
C ILE A 96 -7.03 -3.33 -3.19
N PHE A 97 -7.14 -4.56 -2.69
CA PHE A 97 -7.54 -4.83 -1.32
C PHE A 97 -6.37 -4.66 -0.34
N SER A 98 -6.63 -4.12 0.84
CA SER A 98 -5.62 -3.96 1.89
C SER A 98 -4.91 -5.27 2.26
N SER A 99 -5.65 -6.38 2.34
CA SER A 99 -5.14 -7.72 2.66
C SER A 99 -4.43 -8.42 1.48
N SER A 100 -4.29 -7.73 0.34
CA SER A 100 -3.28 -8.07 -0.66
C SER A 100 -1.86 -7.76 -0.18
N LEU A 101 -1.73 -6.90 0.82
CA LEU A 101 -0.53 -6.55 1.58
C LEU A 101 -0.73 -6.84 3.09
N LYS A 102 0.28 -6.54 3.91
CA LYS A 102 0.17 -6.09 5.29
C LYS A 102 0.68 -4.64 5.43
N PHE A 103 0.51 -4.07 6.61
CA PHE A 103 1.04 -2.79 7.06
C PHE A 103 1.96 -3.03 8.26
N VAL A 104 3.06 -2.28 8.31
CA VAL A 104 4.01 -2.26 9.43
C VAL A 104 4.36 -0.81 9.85
N PRO A 105 4.07 -0.40 11.09
CA PRO A 105 4.23 0.99 11.51
C PRO A 105 5.62 1.33 12.07
N LYS A 106 5.90 2.63 12.12
CA LYS A 106 7.03 3.30 12.77
C LYS A 106 6.61 4.46 13.67
N GLY A 107 7.58 5.27 14.09
CA GLY A 107 7.38 6.42 14.96
C GLY A 107 8.66 7.12 15.42
N LYS A 108 9.41 7.75 14.51
CA LYS A 108 10.69 8.41 14.82
C LYS A 108 10.61 9.85 15.32
N GLU A 109 9.66 10.59 14.77
CA GLU A 109 9.55 12.06 14.95
C GLU A 109 9.46 12.49 16.42
N ALA A 110 8.52 11.88 17.14
CA ALA A 110 8.34 11.95 18.59
C ALA A 110 8.42 13.36 19.24
N ALA A 111 8.12 14.41 18.47
CA ALA A 111 8.35 15.84 18.76
C ALA A 111 9.83 16.29 18.99
N ALA A 112 10.77 15.36 19.19
CA ALA A 112 12.22 15.58 19.22
C ALA A 112 12.67 16.83 20.01
N SER A 113 12.25 16.90 21.27
CA SER A 113 12.41 18.05 22.19
C SER A 113 13.79 18.17 22.85
N GLN A 114 14.82 17.78 22.10
CA GLN A 114 16.19 17.55 22.54
C GLN A 114 17.25 18.30 21.70
N GLY A 115 18.49 18.33 22.20
CA GLY A 115 19.70 18.56 21.41
C GLY A 115 20.86 19.06 22.27
N HIS A 116 22.03 18.42 22.16
CA HIS A 116 23.31 18.93 22.69
C HIS A 116 24.50 18.28 21.96
N LEU A 117 25.66 18.94 21.97
CA LEU A 117 26.91 18.40 21.45
C LEU A 117 27.45 17.20 22.25
N GLU A 118 28.39 16.47 21.65
CA GLU A 118 29.09 15.30 22.20
C GLU A 118 30.61 15.53 22.29
N HIS A 119 31.30 14.76 23.14
CA HIS A 119 32.76 14.84 23.28
C HIS A 119 33.41 13.49 23.64
N HIS A 120 34.45 13.14 22.87
CA HIS A 120 35.46 12.12 23.17
C HIS A 120 36.74 12.46 22.39
N HIS A 121 37.90 12.22 22.99
CA HIS A 121 39.20 12.25 22.33
C HIS A 121 40.26 11.49 23.15
N HIS A 122 41.41 11.22 22.55
CA HIS A 122 42.59 10.70 23.27
C HIS A 122 43.92 11.23 22.72
N HIS A 123 44.16 11.11 21.42
CA HIS A 123 45.49 11.06 20.79
C HIS A 123 46.38 9.93 21.35
N HIS A 124 46.65 9.92 22.66
CA HIS A 124 47.50 8.98 23.42
C HIS A 124 48.82 8.64 22.72
ZN ZN B . 3.51 -11.77 -2.19
N MET A 1 17.81 19.90 -2.98
CA MET A 1 18.89 18.93 -3.21
C MET A 1 20.21 19.43 -2.64
N SER A 2 21.11 18.49 -2.31
CA SER A 2 22.41 18.77 -1.67
C SER A 2 23.50 17.82 -2.21
N PHE A 3 23.39 16.52 -1.89
CA PHE A 3 24.28 15.41 -2.28
C PHE A 3 25.75 15.53 -1.81
N CYS A 4 26.19 14.58 -0.99
CA CYS A 4 27.56 14.49 -0.45
C CYS A 4 27.86 13.08 0.09
N SER A 5 29.13 12.80 0.40
CA SER A 5 29.56 11.54 1.02
C SER A 5 29.20 11.51 2.53
N PHE A 6 27.94 11.18 2.84
CA PHE A 6 27.35 11.31 4.18
C PHE A 6 26.19 10.31 4.38
N PHE A 7 25.55 10.33 5.56
CA PHE A 7 24.33 9.56 5.83
C PHE A 7 23.07 10.33 5.39
N GLY A 8 22.04 9.58 4.97
CA GLY A 8 20.77 10.13 4.45
C GLY A 8 19.84 10.70 5.52
N GLY A 9 20.09 10.32 6.77
CA GLY A 9 19.61 11.01 7.97
C GLY A 9 18.09 11.08 8.13
N GLU A 10 17.41 9.93 8.12
CA GLU A 10 15.95 9.91 8.24
C GLU A 10 15.48 10.21 9.68
N VAL A 11 14.44 11.03 9.76
CA VAL A 11 13.77 11.54 10.96
C VAL A 11 12.23 11.41 10.85
N PHE A 12 11.70 10.76 9.79
CA PHE A 12 10.25 10.75 9.46
C PHE A 12 9.29 10.08 10.48
N GLN A 13 9.80 9.68 11.64
CA GLN A 13 9.03 9.37 12.84
C GLN A 13 8.30 10.61 13.38
N ASN A 14 8.93 11.79 13.25
CA ASN A 14 8.46 13.07 13.73
C ASN A 14 7.66 13.87 12.67
N HIS A 15 7.48 13.34 11.45
CA HIS A 15 6.94 14.07 10.30
C HIS A 15 5.79 13.32 9.64
N PHE A 16 4.89 14.06 8.98
CA PHE A 16 3.72 13.55 8.26
C PHE A 16 4.07 12.97 6.88
N GLU A 17 5.17 12.22 6.79
CA GLU A 17 5.36 11.26 5.71
C GLU A 17 4.47 10.02 5.97
N PRO A 18 3.92 9.37 4.93
CA PRO A 18 2.86 8.37 5.07
C PRO A 18 3.29 7.06 5.77
N GLY A 19 2.29 6.17 5.94
CA GLY A 19 2.50 4.77 6.28
C GLY A 19 3.09 3.94 5.13
N VAL A 20 3.29 2.64 5.36
CA VAL A 20 4.04 1.74 4.46
C VAL A 20 3.24 0.48 4.14
N TYR A 21 3.65 -0.26 3.12
CA TYR A 21 3.08 -1.53 2.66
C TYR A 21 4.05 -2.68 2.99
N VAL A 22 3.49 -3.82 3.41
CA VAL A 22 4.18 -5.11 3.36
C VAL A 22 3.28 -6.17 2.73
N CYS A 23 3.89 -7.17 2.10
CA CYS A 23 3.14 -8.23 1.46
C CYS A 23 2.52 -9.20 2.48
N ALA A 24 1.42 -9.85 2.11
CA ALA A 24 0.87 -10.92 2.94
C ALA A 24 1.70 -12.22 2.79
N LYS A 25 2.46 -12.36 1.70
CA LYS A 25 3.14 -13.58 1.28
C LYS A 25 4.64 -13.45 1.05
N CYS A 26 5.08 -12.34 0.50
CA CYS A 26 6.47 -11.94 0.49
C CYS A 26 6.91 -11.50 1.92
N SER A 27 5.98 -10.86 2.65
CA SER A 27 6.17 -10.20 3.97
C SER A 27 7.33 -9.21 4.06
N TYR A 28 7.85 -8.85 2.88
CA TYR A 28 8.89 -7.86 2.63
C TYR A 28 8.27 -6.46 2.52
N GLU A 29 8.98 -5.44 2.99
CA GLU A 29 8.42 -4.12 3.27
C GLU A 29 8.87 -3.07 2.23
N LEU A 30 7.92 -2.47 1.53
CA LEU A 30 8.18 -1.42 0.55
C LEU A 30 6.95 -0.55 0.24
N PHE A 31 7.19 0.75 0.21
CA PHE A 31 6.31 1.82 -0.27
C PHE A 31 7.13 3.11 -0.36
N SER A 32 7.17 3.79 -1.51
CA SER A 32 7.59 5.18 -1.56
C SER A 32 6.51 6.08 -0.96
N SER A 33 6.88 7.26 -0.49
CA SER A 33 5.90 8.31 -0.13
C SER A 33 5.11 8.85 -1.34
N HIS A 34 5.36 8.29 -2.54
CA HIS A 34 4.85 8.75 -3.84
C HIS A 34 3.80 7.83 -4.48
N SER A 35 3.69 6.57 -4.04
CA SER A 35 2.99 5.50 -4.75
C SER A 35 1.47 5.57 -4.62
N LYS A 36 1.00 6.37 -3.66
CA LYS A 36 -0.41 6.80 -3.55
C LYS A 36 -0.54 8.29 -3.26
N TYR A 37 -1.56 8.92 -3.83
CA TYR A 37 -1.79 10.36 -3.73
C TYR A 37 -2.76 10.71 -2.59
N ALA A 38 -3.08 11.98 -2.46
CA ALA A 38 -4.13 12.47 -1.56
C ALA A 38 -5.52 12.15 -2.14
N HIS A 39 -6.35 11.41 -1.39
CA HIS A 39 -7.72 11.06 -1.79
C HIS A 39 -8.62 10.80 -0.57
N SER A 40 -9.82 11.38 -0.57
CA SER A 40 -10.92 10.97 0.30
C SER A 40 -12.14 10.59 -0.53
N SER A 41 -12.58 9.34 -0.36
CA SER A 41 -13.76 8.72 -0.97
C SER A 41 -14.12 7.42 -0.22
N PRO A 42 -15.36 6.92 -0.31
CA PRO A 42 -15.64 5.50 -0.06
C PRO A 42 -14.82 4.63 -1.03
N TRP A 43 -14.37 3.45 -0.58
CA TRP A 43 -13.54 2.51 -1.35
C TRP A 43 -12.39 3.19 -2.12
N PRO A 44 -11.42 3.81 -1.41
CA PRO A 44 -10.26 4.45 -2.03
C PRO A 44 -9.31 3.41 -2.67
N ALA A 45 -8.39 3.92 -3.49
CA ALA A 45 -7.45 3.14 -4.30
C ALA A 45 -6.06 3.82 -4.35
N PHE A 46 -5.06 3.08 -4.82
CA PHE A 46 -3.76 3.62 -5.22
C PHE A 46 -3.71 3.78 -6.76
N THR A 47 -2.64 4.38 -7.25
CA THR A 47 -2.43 4.73 -8.67
C THR A 47 -1.15 4.08 -9.22
N GLU A 48 -0.08 4.14 -8.44
CA GLU A 48 1.25 3.74 -8.80
C GLU A 48 1.76 2.60 -7.90
N THR A 49 2.99 2.20 -8.19
CA THR A 49 3.79 1.24 -7.42
C THR A 49 5.26 1.56 -7.52
N ILE A 50 6.00 1.18 -6.49
CA ILE A 50 7.45 1.30 -6.38
C ILE A 50 8.18 0.33 -7.32
N HIS A 51 7.49 -0.74 -7.74
CA HIS A 51 8.09 -1.88 -8.45
C HIS A 51 7.01 -2.68 -9.23
N PRO A 52 6.38 -2.09 -10.27
CA PRO A 52 5.27 -2.71 -11.03
C PRO A 52 5.60 -4.09 -11.60
N ASP A 53 6.78 -4.18 -12.18
CA ASP A 53 7.35 -5.28 -12.94
C ASP A 53 7.75 -6.50 -12.09
N SER A 54 7.55 -6.42 -10.77
CA SER A 54 7.59 -7.59 -9.86
C SER A 54 6.28 -8.37 -9.74
N VAL A 55 5.18 -7.71 -10.08
CA VAL A 55 3.80 -8.22 -10.07
C VAL A 55 3.21 -8.19 -11.48
N THR A 56 1.99 -8.68 -11.63
CA THR A 56 1.29 -8.68 -12.94
C THR A 56 -0.23 -8.55 -12.81
N LYS A 57 -0.90 -8.16 -13.89
CA LYS A 57 -2.35 -8.17 -14.01
C LYS A 57 -2.88 -8.69 -15.33
N CYS A 58 -4.16 -9.06 -15.32
CA CYS A 58 -4.91 -9.51 -16.48
C CYS A 58 -6.41 -9.12 -16.49
N PRO A 59 -7.07 -9.05 -17.65
CA PRO A 59 -8.50 -8.74 -17.75
C PRO A 59 -9.41 -9.87 -17.28
N GLU A 60 -10.61 -9.49 -16.81
CA GLU A 60 -11.77 -10.35 -16.83
C GLU A 60 -12.54 -10.27 -18.15
N LYS A 61 -13.34 -11.30 -18.38
CA LYS A 61 -14.13 -11.56 -19.60
C LYS A 61 -15.62 -11.30 -19.39
N ASN A 62 -16.03 -11.74 -18.21
CA ASN A 62 -17.32 -11.58 -17.55
C ASN A 62 -17.46 -10.23 -16.84
N ARG A 63 -16.35 -9.49 -16.74
CA ARG A 63 -16.23 -8.09 -16.37
C ARG A 63 -15.28 -7.37 -17.33
N PRO A 64 -15.66 -7.16 -18.61
CA PRO A 64 -14.78 -6.59 -19.64
C PRO A 64 -14.61 -5.05 -19.51
N GLU A 65 -14.58 -4.59 -18.26
CA GLU A 65 -14.64 -3.19 -17.81
C GLU A 65 -13.63 -2.87 -16.70
N ALA A 66 -12.78 -3.84 -16.37
CA ALA A 66 -11.76 -3.80 -15.34
C ALA A 66 -10.73 -4.91 -15.60
N LEU A 67 -9.57 -4.78 -14.96
CA LEU A 67 -8.58 -5.85 -14.86
C LEU A 67 -8.52 -6.39 -13.43
N LYS A 68 -8.26 -7.69 -13.27
CA LYS A 68 -7.83 -8.33 -12.04
C LYS A 68 -6.30 -8.36 -11.95
N VAL A 69 -5.75 -8.21 -10.76
CA VAL A 69 -4.30 -8.08 -10.54
C VAL A 69 -3.78 -9.17 -9.59
N SER A 70 -2.63 -9.74 -9.93
CA SER A 70 -1.95 -10.81 -9.20
C SER A 70 -0.57 -10.44 -8.65
N CYS A 71 -0.30 -10.81 -7.39
CA CYS A 71 1.07 -10.76 -6.88
C CYS A 71 1.85 -11.94 -7.45
N GLY A 72 2.32 -11.78 -8.68
CA GLY A 72 3.23 -12.73 -9.33
C GLY A 72 4.65 -12.76 -8.72
N LYS A 73 4.90 -12.07 -7.60
CA LYS A 73 6.14 -12.16 -6.81
C LYS A 73 6.19 -13.46 -6.00
N CYS A 74 5.14 -13.71 -5.24
CA CYS A 74 4.94 -14.84 -4.37
C CYS A 74 3.91 -15.84 -4.92
N GLY A 75 3.00 -15.36 -5.77
CA GLY A 75 1.99 -16.14 -6.48
C GLY A 75 0.59 -16.01 -5.90
N ASN A 76 0.08 -14.79 -5.79
CA ASN A 76 -1.27 -14.48 -5.36
C ASN A 76 -2.02 -13.82 -6.54
N GLY A 77 -3.30 -13.50 -6.36
CA GLY A 77 -4.22 -13.16 -7.44
C GLY A 77 -5.62 -12.71 -7.06
N LEU A 78 -5.67 -11.64 -6.26
CA LEU A 78 -6.90 -11.18 -5.59
C LEU A 78 -7.28 -9.72 -5.91
N GLY A 79 -6.32 -8.91 -6.36
CA GLY A 79 -6.55 -7.48 -6.55
C GLY A 79 -7.22 -7.15 -7.88
N HIS A 80 -7.41 -5.87 -8.15
CA HIS A 80 -7.96 -5.31 -9.38
C HIS A 80 -7.35 -3.94 -9.71
N GLU A 81 -7.46 -3.62 -10.99
CA GLU A 81 -7.07 -2.38 -11.67
C GLU A 81 -8.24 -1.97 -12.57
N PHE A 82 -9.03 -0.99 -12.14
CA PHE A 82 -10.17 -0.55 -12.93
C PHE A 82 -9.71 0.43 -14.02
N LEU A 83 -10.00 0.09 -15.28
CA LEU A 83 -9.37 0.65 -16.48
C LEU A 83 -10.39 0.72 -17.63
N ASN A 84 -9.92 1.00 -18.85
CA ASN A 84 -10.64 0.99 -20.13
C ASN A 84 -11.73 2.08 -20.27
N ASP A 85 -11.96 2.80 -19.17
CA ASP A 85 -12.84 3.97 -19.02
C ASP A 85 -12.07 5.30 -19.07
N GLY A 86 -10.74 5.24 -18.92
CA GLY A 86 -9.82 6.37 -18.93
C GLY A 86 -8.92 6.43 -20.18
N PRO A 87 -9.46 6.70 -21.39
CA PRO A 87 -8.67 6.79 -22.62
C PRO A 87 -7.84 8.08 -22.72
N LYS A 88 -8.21 9.12 -21.95
CA LYS A 88 -7.67 10.49 -22.02
C LYS A 88 -6.90 10.93 -20.78
N ARG A 89 -7.50 10.75 -19.62
CA ARG A 89 -6.94 11.10 -18.33
C ARG A 89 -5.73 10.25 -17.93
N GLY A 90 -4.94 10.81 -17.02
CA GLY A 90 -3.75 10.21 -16.45
C GLY A 90 -4.02 9.20 -15.32
N GLN A 91 -5.27 9.05 -14.93
CA GLN A 91 -5.75 8.24 -13.81
C GLN A 91 -6.07 6.78 -14.16
N SER A 92 -5.97 5.95 -13.13
CA SER A 92 -6.27 4.53 -13.05
C SER A 92 -6.30 4.14 -11.58
N ARG A 93 -7.36 3.43 -11.16
CA ARG A 93 -7.54 2.99 -9.77
C ARG A 93 -7.15 1.52 -9.56
N PHE A 94 -6.02 1.31 -8.88
CA PHE A 94 -5.53 0.01 -8.41
C PHE A 94 -5.97 -0.24 -6.96
N CYS A 95 -6.64 -1.36 -6.70
CA CYS A 95 -7.12 -1.72 -5.37
C CYS A 95 -7.04 -3.24 -5.12
N ILE A 96 -6.54 -3.65 -3.95
CA ILE A 96 -6.20 -5.05 -3.62
C ILE A 96 -6.75 -5.48 -2.25
N PHE A 97 -6.81 -6.80 -2.03
CA PHE A 97 -7.31 -7.43 -0.80
C PHE A 97 -6.24 -7.58 0.28
N SER A 98 -6.70 -7.46 1.53
CA SER A 98 -5.99 -7.77 2.78
C SER A 98 -5.30 -9.15 2.82
N SER A 99 -5.89 -10.15 2.18
CA SER A 99 -5.32 -11.50 2.06
C SER A 99 -4.09 -11.55 1.13
N SER A 100 -3.98 -10.62 0.18
CA SER A 100 -2.78 -10.48 -0.66
C SER A 100 -1.70 -9.62 -0.03
N LEU A 101 -2.05 -8.55 0.68
CA LEU A 101 -1.12 -7.67 1.38
C LEU A 101 -1.77 -6.69 2.37
N LYS A 102 -0.91 -6.07 3.20
CA LYS A 102 -1.28 -5.17 4.30
C LYS A 102 -0.59 -3.81 4.19
N PHE A 103 -1.15 -2.85 4.92
CA PHE A 103 -0.64 -1.50 5.07
C PHE A 103 -0.49 -1.19 6.56
N VAL A 104 0.69 -0.75 6.93
CA VAL A 104 1.17 -0.47 8.26
C VAL A 104 1.39 1.04 8.42
N PRO A 105 0.40 1.77 8.98
CA PRO A 105 0.52 3.21 9.14
C PRO A 105 1.41 3.60 10.33
N LYS A 106 1.95 4.83 10.29
CA LYS A 106 2.63 5.51 11.37
C LYS A 106 1.77 5.59 12.64
N GLY A 107 2.43 5.93 13.74
CA GLY A 107 1.85 5.99 15.07
C GLY A 107 2.79 6.49 16.17
N LYS A 108 3.59 7.51 15.86
CA LYS A 108 4.59 8.12 16.73
C LYS A 108 4.15 9.51 17.24
N GLU A 109 3.48 10.27 16.39
CA GLU A 109 2.88 11.58 16.70
C GLU A 109 1.94 11.54 17.90
N ALA A 110 0.98 10.62 17.84
CA ALA A 110 -0.11 10.44 18.82
C ALA A 110 -0.99 11.70 19.02
N ALA A 111 -1.10 12.52 17.97
CA ALA A 111 -1.59 13.90 17.96
C ALA A 111 -0.69 14.87 18.77
N ALA A 112 0.25 15.49 18.02
CA ALA A 112 1.36 16.33 18.46
C ALA A 112 2.36 15.63 19.41
N SER A 113 3.59 15.49 18.90
CA SER A 113 4.64 14.61 19.43
C SER A 113 5.16 14.98 20.81
N GLN A 114 5.35 13.94 21.63
CA GLN A 114 5.69 14.03 23.04
C GLN A 114 7.15 14.44 23.24
N GLY A 115 7.37 15.69 23.65
CA GLY A 115 8.70 16.28 23.79
C GLY A 115 9.46 15.80 25.03
N HIS A 116 10.77 16.07 25.02
CA HIS A 116 11.68 15.84 26.15
C HIS A 116 12.80 16.89 26.15
N LEU A 117 13.44 17.08 27.30
CA LEU A 117 14.65 17.88 27.47
C LEU A 117 15.87 17.27 26.74
N GLU A 118 16.92 18.09 26.59
CA GLU A 118 18.29 17.68 26.25
C GLU A 118 19.31 18.53 27.02
N HIS A 119 20.45 17.93 27.40
CA HIS A 119 21.57 18.58 28.10
C HIS A 119 22.88 17.83 27.82
N HIS A 120 24.01 18.29 28.37
CA HIS A 120 25.33 17.70 28.20
C HIS A 120 26.05 17.52 29.54
N HIS A 121 27.02 16.60 29.60
CA HIS A 121 28.00 16.48 30.68
C HIS A 121 29.35 16.01 30.10
N HIS A 122 30.46 16.45 30.72
CA HIS A 122 31.84 16.15 30.30
C HIS A 122 32.81 16.40 31.46
N HIS A 123 34.01 15.80 31.42
CA HIS A 123 35.08 16.11 32.38
C HIS A 123 36.47 16.15 31.73
N HIS A 124 37.22 17.22 31.98
CA HIS A 124 38.62 17.44 31.62
C HIS A 124 39.36 18.22 32.71
ZN ZN B . 3.68 -10.73 -2.72
N MET A 1 -12.12 20.21 -13.19
CA MET A 1 -11.71 18.81 -12.99
C MET A 1 -10.62 18.36 -13.98
N SER A 2 -9.40 18.93 -13.89
CA SER A 2 -8.31 18.65 -14.85
C SER A 2 -6.92 18.44 -14.22
N PHE A 3 -6.85 18.08 -12.93
CA PHE A 3 -5.58 17.77 -12.24
C PHE A 3 -5.16 16.29 -12.40
N CYS A 4 -3.88 16.01 -12.14
CA CYS A 4 -3.43 14.69 -11.67
C CYS A 4 -3.66 14.59 -10.14
N SER A 5 -2.69 14.09 -9.36
CA SER A 5 -2.76 14.14 -7.87
C SER A 5 -2.48 15.56 -7.33
N PHE A 6 -3.35 16.50 -7.71
CA PHE A 6 -3.33 17.94 -7.37
C PHE A 6 -1.94 18.58 -7.55
N PHE A 7 -1.25 18.91 -6.45
CA PHE A 7 0.17 19.26 -6.41
C PHE A 7 0.75 19.01 -5.00
N GLY A 8 2.07 18.76 -4.90
CA GLY A 8 2.78 18.60 -3.62
C GLY A 8 4.12 19.34 -3.58
N GLY A 9 5.09 18.92 -4.40
CA GLY A 9 6.40 19.56 -4.54
C GLY A 9 7.43 18.61 -5.15
N GLU A 10 8.11 17.84 -4.30
CA GLU A 10 9.23 16.96 -4.62
C GLU A 10 9.08 15.56 -4.02
N VAL A 11 9.80 14.59 -4.59
CA VAL A 11 9.69 13.17 -4.21
C VAL A 11 10.05 12.95 -2.74
N PHE A 12 10.98 13.76 -2.22
CA PHE A 12 11.48 13.60 -0.83
C PHE A 12 10.49 14.10 0.22
N GLN A 13 9.64 15.06 -0.14
CA GLN A 13 8.57 15.62 0.70
C GLN A 13 7.15 15.20 0.27
N ASN A 14 7.11 14.20 -0.59
CA ASN A 14 5.98 13.36 -0.94
C ASN A 14 5.93 12.15 0.00
N HIS A 15 7.03 11.40 0.02
CA HIS A 15 7.21 10.15 0.76
C HIS A 15 7.52 10.38 2.25
N PHE A 16 6.47 10.63 3.05
CA PHE A 16 6.57 10.78 4.51
C PHE A 16 5.27 10.39 5.25
N GLU A 17 4.57 9.37 4.74
CA GLU A 17 3.35 8.85 5.39
C GLU A 17 3.68 8.00 6.64
N PRO A 18 2.75 7.85 7.60
CA PRO A 18 3.04 7.17 8.87
C PRO A 18 3.11 5.65 8.72
N GLY A 19 4.19 5.04 9.22
CA GLY A 19 4.43 3.60 9.09
C GLY A 19 4.95 3.18 7.73
N VAL A 20 4.82 1.89 7.45
CA VAL A 20 5.16 1.30 6.15
C VAL A 20 4.10 0.27 5.73
N TYR A 21 4.02 -0.04 4.44
CA TYR A 21 3.26 -1.18 3.93
C TYR A 21 4.23 -2.31 3.52
N VAL A 22 3.80 -3.56 3.63
CA VAL A 22 4.61 -4.74 3.34
C VAL A 22 3.79 -5.79 2.61
N CYS A 23 4.45 -6.72 1.89
CA CYS A 23 3.72 -7.75 1.17
C CYS A 23 2.87 -8.64 2.12
N ALA A 24 1.74 -9.11 1.60
CA ALA A 24 0.89 -10.10 2.25
C ALA A 24 1.68 -11.37 2.65
N LYS A 25 2.74 -11.71 1.89
CA LYS A 25 3.59 -12.89 2.10
C LYS A 25 5.10 -12.65 2.06
N CYS A 26 5.57 -11.83 1.13
CA CYS A 26 6.97 -11.60 0.87
C CYS A 26 7.63 -10.81 2.02
N SER A 27 6.78 -10.11 2.81
CA SER A 27 7.08 -9.26 3.97
C SER A 27 8.06 -8.11 3.70
N TYR A 28 8.38 -7.91 2.42
CA TYR A 28 9.26 -6.86 1.94
C TYR A 28 8.55 -5.51 2.03
N GLU A 29 9.22 -4.51 2.60
CA GLU A 29 8.57 -3.28 3.06
C GLU A 29 8.63 -2.20 1.98
N LEU A 30 7.51 -1.94 1.32
CA LEU A 30 7.42 -1.19 0.08
C LEU A 30 6.08 -0.45 -0.06
N PHE A 31 6.20 0.86 -0.29
CA PHE A 31 5.17 1.81 -0.73
C PHE A 31 5.83 3.16 -1.10
N SER A 32 5.32 3.88 -2.10
CA SER A 32 5.63 5.26 -2.43
C SER A 32 4.38 6.10 -2.24
N SER A 33 4.40 7.13 -1.38
CA SER A 33 3.21 7.95 -1.09
C SER A 33 2.66 8.70 -2.31
N HIS A 34 3.45 8.85 -3.38
CA HIS A 34 3.00 9.40 -4.66
C HIS A 34 1.95 8.54 -5.40
N SER A 35 1.76 7.30 -4.94
CA SER A 35 0.68 6.40 -5.32
C SER A 35 -0.70 6.92 -4.91
N LYS A 36 -0.74 7.88 -3.99
CA LYS A 36 -1.97 8.33 -3.34
C LYS A 36 -2.56 9.57 -4.02
N TYR A 37 -3.89 9.65 -4.06
CA TYR A 37 -4.62 10.88 -4.38
C TYR A 37 -5.77 11.14 -3.40
N ALA A 38 -6.32 12.35 -3.49
CA ALA A 38 -7.41 12.81 -2.63
C ALA A 38 -8.75 12.18 -3.05
N HIS A 39 -9.35 11.37 -2.18
CA HIS A 39 -10.67 10.80 -2.39
C HIS A 39 -11.39 10.55 -1.06
N SER A 40 -12.72 10.52 -1.09
CA SER A 40 -13.59 10.20 0.05
C SER A 40 -14.64 9.17 -0.37
N SER A 41 -14.35 7.88 -0.20
CA SER A 41 -15.23 6.78 -0.63
C SER A 41 -14.84 5.44 0.04
N PRO A 42 -15.73 4.43 0.06
CA PRO A 42 -15.30 3.03 0.14
C PRO A 42 -14.43 2.66 -1.08
N TRP A 43 -13.65 1.58 -0.95
CA TRP A 43 -12.80 0.96 -2.00
C TRP A 43 -12.21 1.93 -3.05
N PRO A 44 -11.40 2.93 -2.63
CA PRO A 44 -10.75 3.87 -3.54
C PRO A 44 -9.62 3.20 -4.35
N ALA A 45 -8.91 4.00 -5.14
CA ALA A 45 -7.77 3.56 -5.93
C ALA A 45 -6.48 4.32 -5.60
N PHE A 46 -5.37 3.78 -6.06
CA PHE A 46 -4.04 4.39 -6.10
C PHE A 46 -3.63 4.64 -7.56
N THR A 47 -2.72 5.58 -7.82
CA THR A 47 -2.24 5.91 -9.18
C THR A 47 -1.28 4.87 -9.75
N GLU A 48 -0.43 4.32 -8.89
CA GLU A 48 0.53 3.26 -9.14
C GLU A 48 0.39 2.11 -8.14
N THR A 49 1.15 1.06 -8.42
CA THR A 49 1.41 -0.08 -7.52
C THR A 49 2.91 -0.43 -7.49
N ILE A 50 3.46 -0.58 -6.28
CA ILE A 50 4.91 -0.58 -6.04
C ILE A 50 5.56 -1.98 -6.10
N HIS A 51 4.75 -3.03 -6.06
CA HIS A 51 5.20 -4.43 -6.14
C HIS A 51 6.08 -4.69 -7.40
N PRO A 52 7.16 -5.51 -7.30
CA PRO A 52 8.13 -5.70 -8.38
C PRO A 52 7.54 -6.37 -9.62
N ASP A 53 8.13 -6.12 -10.78
CA ASP A 53 7.72 -6.50 -12.15
C ASP A 53 7.85 -8.01 -12.45
N SER A 54 8.14 -8.78 -11.40
CA SER A 54 7.90 -10.23 -11.32
C SER A 54 6.45 -10.65 -11.06
N VAL A 55 5.61 -9.68 -10.69
CA VAL A 55 4.15 -9.82 -10.59
C VAL A 55 3.49 -9.86 -11.97
N THR A 56 2.22 -10.22 -11.98
CA THR A 56 1.42 -10.49 -13.17
C THR A 56 0.00 -9.98 -13.03
N LYS A 57 -0.66 -9.69 -14.15
CA LYS A 57 -2.06 -9.37 -14.22
C LYS A 57 -2.80 -10.07 -15.35
N CYS A 58 -4.09 -10.20 -15.15
CA CYS A 58 -5.01 -10.85 -16.09
C CYS A 58 -6.34 -10.10 -16.28
N PRO A 59 -7.02 -10.24 -17.44
CA PRO A 59 -8.27 -9.54 -17.70
C PRO A 59 -9.47 -10.12 -16.97
N GLU A 60 -10.45 -9.26 -16.75
CA GLU A 60 -11.82 -9.63 -16.39
C GLU A 60 -12.64 -10.26 -17.53
N LYS A 61 -13.84 -10.73 -17.16
CA LYS A 61 -14.79 -11.47 -18.00
C LYS A 61 -16.10 -10.73 -18.21
N ASN A 62 -16.63 -10.22 -17.11
CA ASN A 62 -17.79 -9.36 -17.04
C ASN A 62 -17.44 -7.87 -17.02
N ARG A 63 -16.16 -7.51 -17.11
CA ARG A 63 -15.67 -6.14 -17.14
C ARG A 63 -14.67 -5.90 -18.27
N PRO A 64 -15.11 -5.64 -19.51
CA PRO A 64 -14.25 -5.36 -20.67
C PRO A 64 -13.60 -3.95 -20.61
N GLU A 65 -13.17 -3.54 -19.41
CA GLU A 65 -12.66 -2.22 -19.04
C GLU A 65 -11.61 -2.28 -17.91
N ALA A 66 -11.27 -3.49 -17.46
CA ALA A 66 -10.55 -3.72 -16.22
C ALA A 66 -9.71 -5.01 -16.24
N LEU A 67 -8.57 -4.93 -15.56
CA LEU A 67 -7.74 -6.07 -15.20
C LEU A 67 -7.76 -6.32 -13.69
N LYS A 68 -7.69 -7.60 -13.34
CA LYS A 68 -7.36 -8.12 -12.00
C LYS A 68 -5.85 -8.42 -11.94
N VAL A 69 -5.15 -7.95 -10.90
CA VAL A 69 -3.68 -8.03 -10.81
C VAL A 69 -3.25 -8.86 -9.61
N SER A 70 -2.33 -9.81 -9.81
CA SER A 70 -1.81 -10.63 -8.70
C SER A 70 -0.30 -10.66 -8.51
N CYS A 71 0.09 -10.80 -7.24
CA CYS A 71 1.46 -11.13 -6.88
C CYS A 71 1.62 -12.63 -7.15
N GLY A 72 1.88 -12.98 -8.39
CA GLY A 72 1.93 -14.39 -8.79
C GLY A 72 3.13 -15.14 -8.21
N LYS A 73 4.13 -14.44 -7.66
CA LYS A 73 5.26 -15.00 -6.93
C LYS A 73 4.83 -15.67 -5.63
N CYS A 74 4.16 -14.91 -4.75
CA CYS A 74 3.70 -15.32 -3.45
C CYS A 74 2.24 -15.85 -3.49
N GLY A 75 1.57 -15.61 -4.62
CA GLY A 75 0.31 -16.21 -5.03
C GLY A 75 -0.93 -15.42 -4.58
N ASN A 76 -0.85 -14.09 -4.59
CA ASN A 76 -1.88 -13.21 -4.03
C ASN A 76 -2.78 -12.55 -5.09
N GLY A 77 -2.89 -11.23 -5.00
CA GLY A 77 -3.85 -10.38 -5.66
C GLY A 77 -3.67 -8.94 -5.16
N LEU A 78 -2.53 -8.37 -5.55
CA LEU A 78 -2.03 -7.06 -5.11
C LEU A 78 -2.94 -5.88 -5.43
N GLY A 79 -3.87 -6.08 -6.36
CA GLY A 79 -5.03 -5.20 -6.59
C GLY A 79 -5.71 -5.44 -7.94
N HIS A 80 -6.34 -4.39 -8.46
CA HIS A 80 -6.91 -4.32 -9.79
C HIS A 80 -6.30 -3.14 -10.54
N GLU A 81 -6.38 -3.13 -11.86
CA GLU A 81 -5.91 -2.06 -12.74
C GLU A 81 -6.96 -1.81 -13.82
N PHE A 82 -7.67 -0.68 -13.74
CA PHE A 82 -8.71 -0.32 -14.71
C PHE A 82 -8.05 0.25 -15.97
N LEU A 83 -8.35 -0.29 -17.16
CA LEU A 83 -7.50 -0.10 -18.35
C LEU A 83 -8.28 -0.10 -19.68
N ASN A 84 -7.68 0.56 -20.67
CA ASN A 84 -8.20 0.88 -22.01
C ASN A 84 -9.43 1.80 -22.05
N ASP A 85 -10.03 2.03 -20.87
CA ASP A 85 -11.26 2.79 -20.66
C ASP A 85 -11.02 4.27 -20.37
N GLY A 86 -9.76 4.67 -20.12
CA GLY A 86 -9.35 6.00 -19.71
C GLY A 86 -8.60 6.85 -20.76
N PRO A 87 -9.14 7.12 -21.97
CA PRO A 87 -8.47 7.94 -22.97
C PRO A 87 -8.49 9.44 -22.60
N LYS A 88 -9.50 9.88 -21.85
CA LYS A 88 -9.77 11.25 -21.39
C LYS A 88 -9.25 11.39 -19.96
N ARG A 89 -10.13 11.59 -18.94
CA ARG A 89 -9.95 10.97 -17.64
C ARG A 89 -10.23 9.46 -17.73
N GLY A 90 -10.76 8.86 -16.67
CA GLY A 90 -10.77 7.41 -16.45
C GLY A 90 -9.37 6.83 -16.24
N GLN A 91 -8.39 7.72 -16.07
CA GLN A 91 -6.97 7.41 -16.04
C GLN A 91 -6.51 6.71 -14.76
N SER A 92 -5.36 6.01 -14.87
CA SER A 92 -4.48 5.51 -13.79
C SER A 92 -5.14 5.33 -12.43
N ARG A 93 -5.87 4.23 -12.32
CA ARG A 93 -6.52 3.78 -11.09
C ARG A 93 -6.31 2.29 -10.83
N PHE A 94 -5.47 2.02 -9.85
CA PHE A 94 -5.25 0.71 -9.25
C PHE A 94 -6.14 0.51 -8.02
N CYS A 95 -7.15 -0.35 -8.11
CA CYS A 95 -8.13 -0.53 -7.03
C CYS A 95 -7.77 -1.74 -6.15
N ILE A 96 -7.39 -1.49 -4.89
CA ILE A 96 -6.70 -2.46 -4.02
C ILE A 96 -7.58 -2.96 -2.86
N PHE A 97 -7.21 -4.09 -2.24
CA PHE A 97 -7.93 -4.70 -1.10
C PHE A 97 -7.13 -4.74 0.20
N SER A 98 -7.83 -4.89 1.34
CA SER A 98 -7.21 -5.06 2.67
C SER A 98 -6.34 -6.32 2.81
N SER A 99 -6.61 -7.35 2.00
CA SER A 99 -5.78 -8.56 1.90
C SER A 99 -4.74 -8.53 0.76
N SER A 100 -4.62 -7.45 -0.01
CA SER A 100 -3.62 -7.33 -1.07
C SER A 100 -2.20 -7.18 -0.52
N LEU A 101 -2.07 -6.47 0.61
CA LEU A 101 -0.83 -6.24 1.36
C LEU A 101 -1.11 -5.79 2.81
N LYS A 102 -0.11 -5.87 3.69
CA LYS A 102 -0.21 -5.55 5.13
C LYS A 102 0.41 -4.19 5.47
N PHE A 103 0.13 -3.71 6.68
CA PHE A 103 0.56 -2.43 7.23
C PHE A 103 1.28 -2.64 8.56
N VAL A 104 2.43 -1.99 8.70
CA VAL A 104 3.28 -1.94 9.88
C VAL A 104 3.52 -0.49 10.33
N PRO A 105 2.68 0.06 11.22
CA PRO A 105 2.91 1.38 11.75
C PRO A 105 3.92 1.35 12.89
N LYS A 106 4.76 2.39 12.93
CA LYS A 106 5.83 2.66 13.86
C LYS A 106 5.64 3.97 14.62
N GLY A 107 6.59 4.19 15.51
CA GLY A 107 6.86 5.47 16.12
C GLY A 107 8.35 5.66 16.35
N LYS A 108 8.83 5.32 17.56
CA LYS A 108 10.18 5.64 18.05
C LYS A 108 11.29 4.86 17.34
N GLU A 109 10.97 3.64 16.95
CA GLU A 109 11.84 2.75 16.17
C GLU A 109 12.13 3.29 14.77
N ALA A 110 11.06 3.81 14.17
CA ALA A 110 10.93 4.34 12.80
C ALA A 110 11.30 3.35 11.68
N ALA A 111 10.27 2.80 11.02
CA ALA A 111 10.34 1.71 10.03
C ALA A 111 11.04 0.44 10.57
N ALA A 112 11.63 -0.35 9.67
CA ALA A 112 12.39 -1.59 9.90
C ALA A 112 11.62 -2.79 10.50
N SER A 113 12.27 -3.96 10.46
CA SER A 113 11.88 -5.23 11.07
C SER A 113 13.10 -6.06 11.45
N GLN A 114 12.91 -7.20 12.12
CA GLN A 114 13.98 -8.14 12.46
C GLN A 114 13.85 -9.46 11.66
N GLY A 115 15.00 -9.98 11.20
CA GLY A 115 15.09 -11.12 10.28
C GLY A 115 16.03 -12.22 10.77
N HIS A 116 15.88 -12.67 12.02
CA HIS A 116 16.59 -13.83 12.55
C HIS A 116 15.69 -14.70 13.43
N LEU A 117 15.74 -16.01 13.20
CA LEU A 117 15.08 -17.07 13.96
C LEU A 117 16.14 -18.10 14.38
N GLU A 118 16.12 -18.51 15.65
CA GLU A 118 17.29 -19.05 16.35
C GLU A 118 16.95 -20.02 17.49
N HIS A 119 17.98 -20.56 18.13
CA HIS A 119 17.89 -21.25 19.43
C HIS A 119 19.15 -20.94 20.26
N HIS A 120 19.11 -19.86 21.05
CA HIS A 120 20.24 -19.37 21.85
C HIS A 120 19.82 -18.69 23.16
N HIS A 121 20.80 -18.28 23.97
CA HIS A 121 20.67 -17.22 25.00
C HIS A 121 19.58 -17.41 26.09
N HIS A 122 19.10 -18.63 26.34
CA HIS A 122 18.04 -18.84 27.35
C HIS A 122 18.53 -18.50 28.77
N HIS A 123 17.73 -17.75 29.52
CA HIS A 123 18.05 -17.27 30.87
C HIS A 123 16.77 -17.07 31.70
N HIS A 124 16.92 -17.05 33.03
CA HIS A 124 15.87 -16.82 34.01
C HIS A 124 16.47 -16.33 35.34
ZN ZN B . 4.27 -10.48 -2.83
N MET A 1 6.53 15.20 -22.38
CA MET A 1 7.89 14.67 -22.21
C MET A 1 7.91 13.75 -20.98
N SER A 2 8.66 12.66 -21.03
CA SER A 2 8.94 11.79 -19.86
C SER A 2 10.46 11.64 -19.65
N PHE A 3 10.86 11.28 -18.43
CA PHE A 3 12.25 11.13 -18.00
C PHE A 3 12.47 9.82 -17.22
N CYS A 4 13.70 9.55 -16.77
CA CYS A 4 14.09 8.28 -16.12
C CYS A 4 14.97 8.52 -14.89
N SER A 5 14.85 7.64 -13.87
CA SER A 5 15.76 7.54 -12.74
C SER A 5 16.16 6.08 -12.57
N PHE A 6 17.43 5.75 -12.83
CA PHE A 6 17.92 4.36 -12.86
C PHE A 6 18.42 3.89 -11.48
N PHE A 7 18.33 2.59 -11.21
CA PHE A 7 18.61 1.98 -9.90
C PHE A 7 20.12 1.73 -9.66
N GLY A 8 20.47 1.38 -8.42
CA GLY A 8 21.86 1.18 -7.98
C GLY A 8 22.14 1.59 -6.54
N GLY A 9 21.40 1.04 -5.57
CA GLY A 9 21.58 1.29 -4.13
C GLY A 9 20.67 2.40 -3.62
N GLU A 10 19.67 2.01 -2.82
CA GLU A 10 18.73 2.91 -2.14
C GLU A 10 19.23 3.37 -0.76
N VAL A 11 18.58 4.41 -0.25
CA VAL A 11 18.86 5.13 1.01
C VAL A 11 17.67 5.08 1.98
N PHE A 12 16.46 4.69 1.54
CA PHE A 12 15.22 4.80 2.33
C PHE A 12 15.26 4.13 3.73
N GLN A 13 16.16 3.16 3.96
CA GLN A 13 16.38 2.54 5.27
C GLN A 13 16.74 3.58 6.36
N ASN A 14 17.27 4.75 5.99
CA ASN A 14 17.60 5.84 6.90
C ASN A 14 16.43 6.82 7.17
N HIS A 15 15.27 6.68 6.52
CA HIS A 15 14.11 7.53 6.76
C HIS A 15 13.31 7.14 8.01
N PHE A 16 12.41 8.06 8.38
CA PHE A 16 11.50 8.01 9.53
C PHE A 16 10.00 7.94 9.10
N GLU A 17 9.71 7.47 7.88
CA GLU A 17 8.43 7.71 7.16
C GLU A 17 7.15 7.21 7.85
N PRO A 18 5.98 7.84 7.56
CA PRO A 18 4.68 7.33 7.99
C PRO A 18 4.38 5.95 7.36
N GLY A 19 3.55 5.16 8.04
CA GLY A 19 3.42 3.72 7.83
C GLY A 19 3.07 3.24 6.42
N VAL A 20 3.41 1.98 6.16
CA VAL A 20 3.52 1.39 4.81
C VAL A 20 2.88 0.03 4.72
N TYR A 21 3.01 -0.52 3.53
CA TYR A 21 2.47 -1.82 3.13
C TYR A 21 3.57 -2.87 2.95
N VAL A 22 3.21 -4.15 3.18
CA VAL A 22 4.07 -5.32 2.99
C VAL A 22 3.29 -6.48 2.39
N CYS A 23 3.98 -7.44 1.77
CA CYS A 23 3.33 -8.58 1.14
C CYS A 23 2.59 -9.48 2.15
N ALA A 24 1.42 -10.00 1.76
CA ALA A 24 0.70 -10.99 2.54
C ALA A 24 1.49 -12.31 2.71
N LYS A 25 2.24 -12.72 1.69
CA LYS A 25 3.08 -13.93 1.72
C LYS A 25 4.54 -13.63 2.04
N CYS A 26 5.11 -12.65 1.36
CA CYS A 26 6.53 -12.40 1.32
C CYS A 26 7.01 -11.44 2.44
N SER A 27 6.10 -10.65 3.02
CA SER A 27 6.36 -9.66 4.09
C SER A 27 7.44 -8.62 3.76
N TYR A 28 7.85 -8.53 2.49
CA TYR A 28 8.75 -7.52 1.96
C TYR A 28 8.01 -6.17 1.84
N GLU A 29 8.69 -5.07 2.17
CA GLU A 29 8.04 -3.81 2.55
C GLU A 29 8.13 -2.76 1.42
N LEU A 30 6.99 -2.42 0.80
CA LEU A 30 6.91 -1.44 -0.28
C LEU A 30 5.50 -0.87 -0.50
N PHE A 31 5.47 0.44 -0.71
CA PHE A 31 4.41 1.26 -1.30
C PHE A 31 4.92 2.68 -1.57
N SER A 32 4.71 3.21 -2.79
CA SER A 32 5.06 4.57 -3.13
C SER A 32 3.98 5.56 -2.69
N SER A 33 4.42 6.73 -2.20
CA SER A 33 3.55 7.81 -1.76
C SER A 33 3.15 8.77 -2.89
N HIS A 34 3.96 8.90 -3.94
CA HIS A 34 3.56 9.65 -5.14
C HIS A 34 2.38 9.05 -5.91
N SER A 35 2.03 7.79 -5.63
CA SER A 35 0.92 7.05 -6.18
C SER A 35 -0.41 7.19 -5.43
N LYS A 36 -0.35 7.50 -4.14
CA LYS A 36 -1.50 7.40 -3.22
C LYS A 36 -1.73 8.69 -2.45
N TYR A 37 -2.94 9.23 -2.52
CA TYR A 37 -3.28 10.54 -1.99
C TYR A 37 -4.40 10.44 -0.95
N ALA A 38 -4.39 11.37 -0.02
CA ALA A 38 -5.37 11.44 1.07
C ALA A 38 -6.74 11.93 0.57
N HIS A 39 -7.79 11.21 0.97
CA HIS A 39 -9.19 11.60 0.88
C HIS A 39 -10.00 10.82 1.94
N SER A 40 -11.15 11.35 2.36
CA SER A 40 -12.15 10.65 3.17
C SER A 40 -13.40 10.39 2.34
N SER A 41 -13.55 9.15 1.86
CA SER A 41 -14.65 8.71 0.99
C SER A 41 -14.70 7.16 0.91
N PRO A 42 -15.84 6.54 0.54
CA PRO A 42 -15.85 5.21 -0.07
C PRO A 42 -15.01 5.16 -1.38
N TRP A 43 -14.91 3.98 -2.00
CA TRP A 43 -14.18 3.75 -3.25
C TRP A 43 -12.68 4.18 -3.25
N PRO A 44 -11.90 4.00 -2.15
CA PRO A 44 -10.50 4.42 -2.12
C PRO A 44 -9.64 3.60 -3.09
N ALA A 45 -9.01 4.30 -4.03
CA ALA A 45 -8.18 3.72 -5.08
C ALA A 45 -7.12 4.73 -5.56
N PHE A 46 -5.94 4.22 -5.93
CA PHE A 46 -4.71 5.00 -6.16
C PHE A 46 -4.45 5.11 -7.66
N THR A 47 -3.87 6.21 -8.14
CA THR A 47 -3.72 6.43 -9.60
C THR A 47 -2.78 5.42 -10.25
N GLU A 48 -1.67 5.16 -9.58
CA GLU A 48 -0.56 4.35 -10.00
C GLU A 48 -0.11 3.40 -8.89
N THR A 49 0.83 2.54 -9.26
CA THR A 49 1.47 1.52 -8.41
C THR A 49 2.98 1.56 -8.53
N ILE A 50 3.64 1.02 -7.51
CA ILE A 50 5.08 0.75 -7.50
C ILE A 50 5.50 -0.24 -8.59
N HIS A 51 4.58 -1.16 -8.92
CA HIS A 51 4.72 -2.32 -9.83
C HIS A 51 6.19 -2.79 -10.07
N PRO A 52 6.86 -3.42 -9.08
CA PRO A 52 8.12 -4.12 -9.34
C PRO A 52 7.91 -5.31 -10.31
N ASP A 53 8.98 -5.77 -10.94
CA ASP A 53 9.01 -6.93 -11.84
C ASP A 53 8.88 -8.28 -11.11
N SER A 54 8.66 -8.23 -9.80
CA SER A 54 8.21 -9.35 -8.96
C SER A 54 6.70 -9.62 -9.01
N VAL A 55 5.96 -8.61 -9.45
CA VAL A 55 4.49 -8.65 -9.58
C VAL A 55 4.05 -8.49 -11.03
N THR A 56 2.79 -8.79 -11.30
CA THR A 56 2.15 -8.59 -12.61
C THR A 56 0.65 -8.36 -12.49
N LYS A 57 0.02 -8.05 -13.62
CA LYS A 57 -1.40 -7.83 -13.75
C LYS A 57 -2.02 -8.53 -14.95
N CYS A 58 -3.31 -8.79 -14.83
CA CYS A 58 -4.03 -9.69 -15.73
C CYS A 58 -5.54 -9.42 -15.87
N PRO A 59 -6.17 -9.72 -17.01
CA PRO A 59 -7.57 -9.36 -17.27
C PRO A 59 -8.59 -10.13 -16.44
N GLU A 60 -9.74 -9.49 -16.21
CA GLU A 60 -10.95 -10.14 -15.74
C GLU A 60 -11.64 -10.93 -16.84
N LYS A 61 -12.38 -11.95 -16.43
CA LYS A 61 -12.93 -12.99 -17.31
C LYS A 61 -14.44 -12.99 -17.45
N ASN A 62 -15.08 -12.46 -16.44
CA ASN A 62 -16.51 -12.22 -16.32
C ASN A 62 -16.77 -10.74 -16.00
N ARG A 63 -15.71 -9.91 -16.00
CA ARG A 63 -15.79 -8.45 -15.80
C ARG A 63 -14.94 -7.63 -16.79
N PRO A 64 -15.17 -7.72 -18.11
CA PRO A 64 -14.23 -7.33 -19.16
C PRO A 64 -14.09 -5.81 -19.41
N GLU A 65 -14.14 -5.02 -18.33
CA GLU A 65 -13.98 -3.58 -18.26
C GLU A 65 -12.86 -3.15 -17.28
N ALA A 66 -12.11 -4.12 -16.77
CA ALA A 66 -11.06 -3.97 -15.77
C ALA A 66 -10.03 -5.10 -15.87
N LEU A 67 -8.89 -4.87 -15.23
CA LEU A 67 -7.86 -5.88 -14.96
C LEU A 67 -7.82 -6.17 -13.43
N LYS A 68 -7.46 -7.39 -13.02
CA LYS A 68 -6.86 -7.66 -11.70
C LYS A 68 -5.34 -7.60 -11.78
N VAL A 69 -4.69 -7.51 -10.64
CA VAL A 69 -3.25 -7.36 -10.47
C VAL A 69 -2.76 -8.15 -9.27
N SER A 70 -1.90 -9.11 -9.58
CA SER A 70 -1.46 -10.14 -8.62
C SER A 70 0.02 -10.08 -8.27
N CYS A 71 0.32 -10.49 -7.05
CA CYS A 71 1.69 -10.75 -6.64
C CYS A 71 2.10 -12.11 -7.22
N GLY A 72 2.44 -12.14 -8.50
CA GLY A 72 2.67 -13.39 -9.21
C GLY A 72 3.89 -14.20 -8.73
N LYS A 73 4.79 -13.59 -7.94
CA LYS A 73 5.91 -14.27 -7.27
C LYS A 73 5.45 -15.39 -6.33
N CYS A 74 4.53 -15.06 -5.43
CA CYS A 74 3.93 -15.93 -4.45
C CYS A 74 2.53 -16.42 -4.90
N GLY A 75 1.97 -15.78 -5.91
CA GLY A 75 0.68 -16.08 -6.51
C GLY A 75 -0.51 -15.50 -5.74
N ASN A 76 -0.40 -14.24 -5.30
CA ASN A 76 -1.49 -13.55 -4.60
C ASN A 76 -2.43 -12.87 -5.61
N GLY A 77 -2.91 -11.69 -5.30
CA GLY A 77 -3.91 -10.95 -6.05
C GLY A 77 -4.24 -9.66 -5.34
N LEU A 78 -3.23 -8.79 -5.31
CA LEU A 78 -3.18 -7.54 -4.56
C LEU A 78 -4.44 -6.72 -4.81
N GLY A 79 -4.85 -6.60 -6.08
CA GLY A 79 -5.99 -5.73 -6.37
C GLY A 79 -6.48 -5.75 -7.81
N HIS A 80 -6.97 -4.59 -8.23
CA HIS A 80 -7.48 -4.29 -9.54
C HIS A 80 -6.70 -3.14 -10.16
N GLU A 81 -6.65 -3.08 -11.49
CA GLU A 81 -6.21 -1.95 -12.29
C GLU A 81 -7.28 -1.70 -13.35
N PHE A 82 -7.93 -0.55 -13.31
CA PHE A 82 -9.00 -0.19 -14.22
C PHE A 82 -8.43 0.53 -15.45
N LEU A 83 -8.41 -0.15 -16.59
CA LEU A 83 -7.86 0.33 -17.86
C LEU A 83 -8.73 -0.14 -19.05
N ASN A 84 -8.40 0.32 -20.26
CA ASN A 84 -9.26 0.33 -21.45
C ASN A 84 -10.46 1.29 -21.38
N ASP A 85 -10.56 2.10 -20.31
CA ASP A 85 -11.62 3.11 -20.13
C ASP A 85 -11.13 4.56 -20.16
N GLY A 86 -9.82 4.77 -20.09
CA GLY A 86 -9.13 6.02 -20.41
C GLY A 86 -8.45 5.98 -21.79
N PRO A 87 -9.18 6.20 -22.91
CA PRO A 87 -8.58 6.26 -24.24
C PRO A 87 -7.96 7.63 -24.55
N LYS A 88 -8.60 8.71 -24.07
CA LYS A 88 -8.21 10.10 -24.23
C LYS A 88 -7.89 10.83 -22.91
N ARG A 89 -8.48 10.37 -21.80
CA ARG A 89 -8.40 10.97 -20.48
C ARG A 89 -7.16 10.58 -19.68
N GLY A 90 -6.91 11.44 -18.72
CA GLY A 90 -5.82 11.34 -17.73
C GLY A 90 -6.07 10.31 -16.63
N GLN A 91 -7.28 9.73 -16.62
CA GLN A 91 -7.73 8.72 -15.70
C GLN A 91 -6.97 7.41 -15.87
N SER A 92 -6.63 6.84 -14.72
CA SER A 92 -5.96 5.58 -14.48
C SER A 92 -6.09 5.38 -12.96
N ARG A 93 -6.57 4.22 -12.54
CA ARG A 93 -6.68 3.86 -11.12
C ARG A 93 -6.54 2.37 -10.85
N PHE A 94 -5.95 2.07 -9.70
CA PHE A 94 -5.78 0.75 -9.14
C PHE A 94 -6.40 0.66 -7.73
N CYS A 95 -7.21 -0.38 -7.52
CA CYS A 95 -8.13 -0.53 -6.38
C CYS A 95 -7.88 -1.85 -5.63
N ILE A 96 -7.60 -1.82 -4.32
CA ILE A 96 -6.80 -2.85 -3.65
C ILE A 96 -7.46 -3.55 -2.45
N PHE A 97 -7.10 -4.82 -2.26
CA PHE A 97 -7.61 -5.70 -1.21
C PHE A 97 -6.75 -5.63 0.07
N SER A 98 -7.34 -5.15 1.17
CA SER A 98 -6.77 -5.20 2.52
C SER A 98 -6.43 -6.60 3.03
N SER A 99 -7.05 -7.64 2.48
CA SER A 99 -6.80 -9.04 2.81
C SER A 99 -5.57 -9.62 2.08
N SER A 100 -5.19 -9.06 0.93
CA SER A 100 -4.20 -9.56 -0.02
C SER A 100 -2.79 -9.00 0.18
N LEU A 101 -2.66 -7.91 0.94
CA LEU A 101 -1.41 -7.44 1.53
C LEU A 101 -1.62 -6.82 2.92
N LYS A 102 -0.55 -6.61 3.68
CA LYS A 102 -0.58 -6.12 5.06
C LYS A 102 -0.08 -4.68 5.18
N PHE A 103 -0.36 -4.04 6.31
CA PHE A 103 0.11 -2.73 6.71
C PHE A 103 1.01 -2.86 7.95
N VAL A 104 2.08 -2.08 7.95
CA VAL A 104 3.04 -1.92 9.04
C VAL A 104 3.35 -0.42 9.28
N PRO A 105 3.03 0.12 10.47
CA PRO A 105 3.37 1.50 10.80
C PRO A 105 4.83 1.67 11.21
N LYS A 106 5.30 2.92 11.28
CA LYS A 106 6.43 3.28 12.14
C LYS A 106 6.12 3.04 13.62
N GLY A 107 7.12 3.29 14.46
CA GLY A 107 7.26 2.67 15.79
C GLY A 107 6.11 3.03 16.73
N LYS A 108 5.89 4.33 16.92
CA LYS A 108 4.86 4.94 17.77
C LYS A 108 3.98 5.90 16.94
N GLU A 109 4.63 6.95 16.46
CA GLU A 109 4.13 8.02 15.65
C GLU A 109 5.21 8.38 14.62
N ALA A 110 6.01 9.41 14.91
CA ALA A 110 7.11 9.99 14.11
C ALA A 110 6.71 10.52 12.72
N ALA A 111 6.09 9.68 11.87
CA ALA A 111 5.43 10.06 10.62
C ALA A 111 6.25 10.99 9.70
N ALA A 112 7.53 10.64 9.48
CA ALA A 112 8.60 11.50 8.95
C ALA A 112 8.93 12.68 9.88
N SER A 113 9.71 12.41 10.93
CA SER A 113 10.37 13.43 11.75
C SER A 113 11.79 13.00 12.12
N GLN A 114 12.74 13.92 12.02
CA GLN A 114 14.16 13.69 12.24
C GLN A 114 14.48 13.50 13.72
N GLY A 115 15.26 12.48 14.08
CA GLY A 115 15.69 12.27 15.47
C GLY A 115 16.30 10.89 15.70
N HIS A 116 17.29 10.82 16.59
CA HIS A 116 17.99 9.58 16.96
C HIS A 116 18.61 9.72 18.36
N LEU A 117 18.86 8.59 19.03
CA LEU A 117 19.76 8.53 20.19
C LEU A 117 21.23 8.57 19.75
N GLU A 118 22.13 8.81 20.70
CA GLU A 118 23.56 8.57 20.57
C GLU A 118 24.08 7.59 21.63
N HIS A 119 25.09 6.79 21.27
CA HIS A 119 25.80 5.89 22.19
C HIS A 119 27.24 5.68 21.70
N HIS A 120 28.20 5.63 22.64
CA HIS A 120 29.63 5.46 22.37
C HIS A 120 30.35 5.09 23.69
N HIS A 121 31.18 4.04 23.70
CA HIS A 121 32.05 3.69 24.85
C HIS A 121 33.03 2.56 24.49
N HIS A 122 34.30 2.65 24.91
CA HIS A 122 35.20 1.49 25.01
C HIS A 122 36.38 1.73 25.97
N HIS A 123 36.56 0.83 26.95
CA HIS A 123 37.83 0.61 27.64
C HIS A 123 38.38 -0.77 27.28
N HIS A 124 39.69 -0.84 27.01
CA HIS A 124 40.48 -2.06 26.86
C HIS A 124 41.92 -1.84 27.32
ZN ZN B . 4.33 -11.55 -2.64
N MET A 1 12.44 -1.91 10.22
CA MET A 1 13.70 -2.14 10.97
C MET A 1 13.35 -2.64 12.36
N SER A 2 14.17 -3.52 12.95
CA SER A 2 14.14 -3.88 14.38
C SER A 2 12.82 -4.44 14.94
N PHE A 3 12.01 -5.10 14.11
CA PHE A 3 10.72 -5.74 14.46
C PHE A 3 9.59 -4.78 14.92
N CYS A 4 8.34 -5.26 14.90
CA CYS A 4 7.13 -4.55 15.29
C CYS A 4 5.96 -5.54 15.52
N SER A 5 4.84 -5.10 16.12
CA SER A 5 3.72 -5.97 16.50
C SER A 5 2.38 -5.21 16.48
N PHE A 6 1.47 -5.73 15.65
CA PHE A 6 0.16 -5.14 15.34
C PHE A 6 -0.96 -6.20 15.27
N PHE A 7 -2.20 -5.74 15.31
CA PHE A 7 -3.40 -6.49 14.91
C PHE A 7 -4.09 -5.75 13.72
N GLY A 8 -5.34 -6.11 13.42
CA GLY A 8 -6.13 -5.52 12.32
C GLY A 8 -7.58 -5.18 12.69
N GLY A 9 -7.86 -4.97 13.99
CA GLY A 9 -9.19 -4.68 14.54
C GLY A 9 -9.32 -3.29 15.19
N GLU A 10 -8.25 -2.50 15.14
CA GLU A 10 -8.09 -1.19 15.73
C GLU A 10 -9.14 -0.18 15.24
N VAL A 11 -9.44 0.79 16.10
CA VAL A 11 -10.38 1.88 15.81
C VAL A 11 -9.71 3.06 15.06
N PHE A 12 -8.40 2.96 14.79
CA PHE A 12 -7.55 4.06 14.31
C PHE A 12 -7.64 4.30 12.79
N GLN A 13 -8.65 3.72 12.13
CA GLN A 13 -8.72 3.55 10.66
C GLN A 13 -9.06 4.85 9.91
N ASN A 14 -9.25 5.95 10.64
CA ASN A 14 -9.45 7.30 10.16
C ASN A 14 -8.21 8.21 10.42
N HIS A 15 -7.16 7.73 11.11
CA HIS A 15 -5.92 8.44 11.35
C HIS A 15 -4.91 8.19 10.23
N PHE A 16 -4.09 9.20 9.95
CA PHE A 16 -3.05 9.18 8.92
C PHE A 16 -1.65 9.56 9.48
N GLU A 17 -1.06 8.65 10.27
CA GLU A 17 0.41 8.53 10.32
C GLU A 17 0.91 8.00 8.95
N PRO A 18 2.16 8.28 8.54
CA PRO A 18 2.74 7.69 7.33
C PRO A 18 3.05 6.20 7.54
N GLY A 19 3.51 5.51 6.49
CA GLY A 19 3.79 4.07 6.58
C GLY A 19 4.17 3.45 5.23
N VAL A 20 4.28 2.12 5.19
CA VAL A 20 4.72 1.35 4.03
C VAL A 20 3.81 0.13 3.78
N TYR A 21 3.84 -0.44 2.59
CA TYR A 21 3.20 -1.72 2.25
C TYR A 21 4.21 -2.86 2.44
N VAL A 22 3.74 -4.02 2.87
CA VAL A 22 4.49 -5.28 2.75
C VAL A 22 3.60 -6.40 2.19
N CYS A 23 4.24 -7.35 1.51
CA CYS A 23 3.52 -8.46 0.88
C CYS A 23 2.80 -9.36 1.92
N ALA A 24 1.63 -9.88 1.54
CA ALA A 24 0.89 -10.84 2.36
C ALA A 24 1.65 -12.18 2.56
N LYS A 25 2.46 -12.57 1.57
CA LYS A 25 3.23 -13.83 1.54
C LYS A 25 4.74 -13.62 1.59
N CYS A 26 5.25 -12.66 0.83
CA CYS A 26 6.67 -12.40 0.70
C CYS A 26 7.18 -11.47 1.82
N SER A 27 6.27 -10.67 2.38
CA SER A 27 6.49 -9.68 3.45
C SER A 27 7.63 -8.71 3.18
N TYR A 28 8.00 -8.54 1.91
CA TYR A 28 9.01 -7.59 1.46
C TYR A 28 8.45 -6.16 1.41
N GLU A 29 9.23 -5.18 1.88
CA GLU A 29 8.66 -3.93 2.41
C GLU A 29 8.88 -2.71 1.50
N LEU A 30 7.84 -2.26 0.78
CA LEU A 30 7.91 -1.23 -0.27
C LEU A 30 6.56 -0.53 -0.52
N PHE A 31 6.62 0.78 -0.71
CA PHE A 31 5.58 1.71 -1.22
C PHE A 31 6.15 3.10 -1.58
N SER A 32 5.31 3.98 -2.15
CA SER A 32 5.63 5.38 -2.48
C SER A 32 4.65 6.40 -1.91
N SER A 33 5.19 7.55 -1.50
CA SER A 33 4.48 8.65 -0.83
C SER A 33 3.65 9.53 -1.78
N HIS A 34 3.64 9.20 -3.07
CA HIS A 34 2.77 9.83 -4.09
C HIS A 34 1.47 9.06 -4.32
N SER A 35 1.49 7.73 -4.17
CA SER A 35 0.61 6.86 -4.93
C SER A 35 -0.82 6.83 -4.37
N LYS A 36 -0.93 7.03 -3.05
CA LYS A 36 -2.18 6.90 -2.29
C LYS A 36 -2.43 8.10 -1.38
N TYR A 37 -3.39 8.95 -1.74
CA TYR A 37 -3.72 10.23 -1.13
C TYR A 37 -4.44 10.12 0.22
N ALA A 38 -4.54 11.25 0.89
CA ALA A 38 -5.17 11.42 2.21
C ALA A 38 -6.57 12.05 2.10
N HIS A 39 -7.61 11.24 2.34
CA HIS A 39 -9.01 11.64 2.52
C HIS A 39 -9.76 10.55 3.29
N SER A 40 -10.81 10.89 4.05
CA SER A 40 -11.73 9.93 4.67
C SER A 40 -13.09 9.92 3.96
N SER A 41 -13.30 8.88 3.14
CA SER A 41 -14.52 8.59 2.40
C SER A 41 -14.54 7.12 1.95
N PRO A 42 -15.70 6.51 1.66
CA PRO A 42 -15.76 5.21 1.02
C PRO A 42 -15.18 5.26 -0.41
N TRP A 43 -14.83 4.08 -0.93
CA TRP A 43 -14.38 3.84 -2.32
C TRP A 43 -13.28 4.80 -2.87
N PRO A 44 -12.14 4.98 -2.18
CA PRO A 44 -10.95 5.66 -2.71
C PRO A 44 -10.17 4.76 -3.70
N ALA A 45 -9.02 5.23 -4.18
CA ALA A 45 -8.07 4.49 -5.00
C ALA A 45 -6.62 4.94 -4.76
N PHE A 46 -5.64 4.21 -5.30
CA PHE A 46 -4.32 4.75 -5.66
C PHE A 46 -4.22 4.99 -7.16
N THR A 47 -3.42 5.96 -7.59
CA THR A 47 -3.28 6.28 -9.03
C THR A 47 -2.32 5.35 -9.75
N GLU A 48 -1.23 4.96 -9.08
CA GLU A 48 -0.21 4.02 -9.48
C GLU A 48 0.28 3.14 -8.33
N THR A 49 1.13 2.19 -8.70
CA THR A 49 1.78 1.26 -7.75
C THR A 49 3.27 1.06 -7.97
N ILE A 50 3.88 0.54 -6.91
CA ILE A 50 5.31 0.16 -6.74
C ILE A 50 5.53 -1.34 -6.96
N HIS A 51 4.41 -2.01 -7.18
CA HIS A 51 4.32 -3.47 -7.41
C HIS A 51 5.15 -3.88 -8.66
N PRO A 52 6.31 -4.55 -8.49
CA PRO A 52 7.37 -4.59 -9.51
C PRO A 52 7.25 -5.76 -10.50
N ASP A 53 8.15 -5.85 -11.48
CA ASP A 53 8.19 -6.83 -12.58
C ASP A 53 8.49 -8.29 -12.15
N SER A 54 8.58 -8.50 -10.85
CA SER A 54 8.37 -9.82 -10.24
C SER A 54 6.95 -10.37 -10.37
N VAL A 55 5.99 -9.49 -10.53
CA VAL A 55 4.53 -9.73 -10.54
C VAL A 55 3.95 -9.67 -11.94
N THR A 56 2.67 -10.00 -12.06
CA THR A 56 1.94 -10.02 -13.34
C THR A 56 0.51 -9.49 -13.22
N LYS A 57 -0.10 -9.14 -14.36
CA LYS A 57 -1.50 -8.81 -14.45
C LYS A 57 -2.21 -9.43 -15.66
N CYS A 58 -3.52 -9.54 -15.52
CA CYS A 58 -4.43 -10.09 -16.52
C CYS A 58 -5.82 -9.42 -16.56
N PRO A 59 -6.56 -9.49 -17.67
CA PRO A 59 -7.95 -9.03 -17.70
C PRO A 59 -8.84 -9.95 -16.87
N GLU A 60 -9.94 -9.41 -16.37
CA GLU A 60 -11.06 -10.24 -15.95
C GLU A 60 -11.87 -10.79 -17.12
N LYS A 61 -12.50 -11.91 -16.82
CA LYS A 61 -13.33 -12.73 -17.67
C LYS A 61 -14.81 -12.48 -17.52
N ASN A 62 -15.23 -12.42 -16.26
CA ASN A 62 -16.57 -12.05 -15.84
C ASN A 62 -16.70 -10.55 -15.56
N ARG A 63 -15.61 -9.77 -15.74
CA ARG A 63 -15.62 -8.32 -15.76
C ARG A 63 -14.81 -7.75 -16.94
N PRO A 64 -15.36 -7.73 -18.17
CA PRO A 64 -14.62 -7.32 -19.38
C PRO A 64 -14.44 -5.79 -19.51
N GLU A 65 -14.27 -5.12 -18.37
CA GLU A 65 -14.35 -3.68 -18.13
C GLU A 65 -13.24 -3.14 -17.19
N ALA A 66 -12.29 -3.99 -16.80
CA ALA A 66 -11.19 -3.71 -15.88
C ALA A 66 -10.08 -4.76 -16.05
N LEU A 67 -8.93 -4.49 -15.45
CA LEU A 67 -7.82 -5.44 -15.31
C LEU A 67 -7.68 -5.84 -13.84
N LYS A 68 -7.26 -7.08 -13.61
CA LYS A 68 -6.85 -7.61 -12.32
C LYS A 68 -5.34 -7.83 -12.28
N VAL A 69 -4.71 -7.54 -11.15
CA VAL A 69 -3.27 -7.66 -10.99
C VAL A 69 -2.91 -8.61 -9.86
N SER A 70 -2.00 -9.57 -10.12
CA SER A 70 -1.63 -10.61 -9.15
C SER A 70 -0.13 -10.71 -8.83
N CYS A 71 0.15 -11.10 -7.59
CA CYS A 71 1.50 -11.40 -7.16
C CYS A 71 1.82 -12.84 -7.61
N GLY A 72 2.16 -12.99 -8.90
CA GLY A 72 2.41 -14.31 -9.49
C GLY A 72 3.67 -15.01 -8.95
N LYS A 73 4.47 -14.34 -8.11
CA LYS A 73 5.64 -14.91 -7.40
C LYS A 73 5.23 -15.89 -6.31
N CYS A 74 4.36 -15.44 -5.42
CA CYS A 74 3.84 -16.14 -4.26
C CYS A 74 2.41 -16.71 -4.50
N GLY A 75 1.81 -16.26 -5.61
CA GLY A 75 0.59 -16.81 -6.20
C GLY A 75 -0.70 -16.14 -5.69
N ASN A 76 -0.70 -14.81 -5.53
CA ASN A 76 -1.85 -14.07 -5.00
C ASN A 76 -2.62 -13.33 -6.10
N GLY A 77 -2.98 -12.09 -5.83
CA GLY A 77 -3.99 -11.30 -6.50
C GLY A 77 -4.18 -10.01 -5.73
N LEU A 78 -3.15 -9.17 -5.76
CA LEU A 78 -3.05 -7.91 -5.04
C LEU A 78 -4.34 -7.11 -5.20
N GLY A 79 -4.82 -6.98 -6.43
CA GLY A 79 -5.93 -6.07 -6.67
C GLY A 79 -6.36 -5.93 -8.12
N HIS A 80 -6.79 -4.73 -8.47
CA HIS A 80 -7.24 -4.35 -9.79
C HIS A 80 -6.65 -3.02 -10.29
N GLU A 81 -6.65 -2.88 -11.60
CA GLU A 81 -6.25 -1.70 -12.36
C GLU A 81 -7.34 -1.41 -13.39
N PHE A 82 -8.08 -0.32 -13.22
CA PHE A 82 -9.08 0.08 -14.22
C PHE A 82 -8.35 0.64 -15.46
N LEU A 83 -8.32 -0.16 -16.53
CA LEU A 83 -7.45 0.03 -17.70
C LEU A 83 -8.19 -0.28 -19.01
N ASN A 84 -7.60 0.17 -20.12
CA ASN A 84 -8.07 0.05 -21.51
C ASN A 84 -9.32 0.89 -21.86
N ASP A 85 -9.88 1.54 -20.83
CA ASP A 85 -10.96 2.54 -20.91
C ASP A 85 -10.43 3.97 -21.16
N GLY A 86 -9.15 4.21 -20.88
CA GLY A 86 -8.50 5.51 -20.87
C GLY A 86 -7.41 5.71 -21.94
N PRO A 87 -7.73 5.69 -23.25
CA PRO A 87 -6.82 6.18 -24.29
C PRO A 87 -6.86 7.72 -24.39
N LYS A 88 -7.95 8.35 -23.92
CA LYS A 88 -8.19 9.79 -23.89
C LYS A 88 -7.75 10.41 -22.57
N ARG A 89 -8.66 10.46 -21.58
CA ARG A 89 -8.36 10.84 -20.19
C ARG A 89 -7.21 10.03 -19.59
N GLY A 90 -6.56 10.67 -18.63
CA GLY A 90 -5.32 10.25 -17.97
C GLY A 90 -5.45 9.89 -16.50
N GLN A 91 -6.67 9.93 -15.99
CA GLN A 91 -7.05 9.39 -14.70
C GLN A 91 -6.86 7.87 -14.70
N SER A 92 -6.57 7.31 -13.53
CA SER A 92 -6.29 5.89 -13.30
C SER A 92 -6.71 5.57 -11.87
N ARG A 93 -7.61 4.60 -11.75
CA ARG A 93 -7.96 3.99 -10.46
C ARG A 93 -7.36 2.59 -10.36
N PHE A 94 -6.34 2.49 -9.52
CA PHE A 94 -5.78 1.23 -9.04
C PHE A 94 -6.40 0.95 -7.67
N CYS A 95 -6.97 -0.24 -7.50
CA CYS A 95 -7.77 -0.63 -6.34
C CYS A 95 -7.33 -1.99 -5.78
N ILE A 96 -7.72 -2.33 -4.56
CA ILE A 96 -7.08 -3.41 -3.80
C ILE A 96 -8.06 -4.09 -2.83
N PHE A 97 -7.66 -5.27 -2.37
CA PHE A 97 -8.31 -6.09 -1.36
C PHE A 97 -7.53 -6.07 -0.04
N SER A 98 -8.17 -5.71 1.09
CA SER A 98 -7.49 -5.50 2.38
C SER A 98 -6.72 -6.71 2.94
N SER A 99 -7.11 -7.93 2.57
CA SER A 99 -6.43 -9.17 2.98
C SER A 99 -5.28 -9.61 2.05
N SER A 100 -5.15 -9.02 0.85
CA SER A 100 -4.18 -9.43 -0.18
C SER A 100 -2.76 -8.88 0.05
N LEU A 101 -2.65 -7.85 0.88
CA LEU A 101 -1.40 -7.33 1.44
C LEU A 101 -1.56 -6.71 2.84
N LYS A 102 -0.44 -6.31 3.47
CA LYS A 102 -0.42 -5.55 4.72
C LYS A 102 0.15 -4.15 4.55
N PHE A 103 -0.13 -3.29 5.54
CA PHE A 103 0.48 -1.99 5.74
C PHE A 103 1.21 -2.01 7.09
N VAL A 104 2.46 -1.55 7.08
CA VAL A 104 3.30 -1.33 8.26
C VAL A 104 3.48 0.18 8.52
N PRO A 105 2.78 0.76 9.51
CA PRO A 105 2.75 2.21 9.70
C PRO A 105 3.86 2.73 10.64
N LYS A 106 4.06 4.05 10.62
CA LYS A 106 4.68 4.82 11.69
C LYS A 106 3.85 4.85 12.98
N GLY A 107 4.42 5.53 13.97
CA GLY A 107 3.83 5.79 15.27
C GLY A 107 4.80 6.39 16.29
N LYS A 108 5.02 7.70 16.30
CA LYS A 108 6.00 8.36 17.19
C LYS A 108 5.48 8.78 18.55
N GLU A 109 4.31 9.39 18.58
CA GLU A 109 3.92 10.23 19.73
C GLU A 109 3.32 9.43 20.89
N ALA A 110 2.12 8.88 20.66
CA ALA A 110 1.29 8.04 21.54
C ALA A 110 0.89 8.59 22.92
N ALA A 111 1.80 9.23 23.67
CA ALA A 111 1.70 9.67 25.08
C ALA A 111 1.44 8.56 26.14
N ALA A 112 0.55 7.61 25.85
CA ALA A 112 0.28 6.35 26.54
C ALA A 112 0.23 6.43 28.08
N SER A 113 -0.47 7.47 28.54
CA SER A 113 -0.66 7.87 29.93
C SER A 113 -1.81 8.88 30.04
N GLN A 114 -2.39 9.07 31.23
CA GLN A 114 -3.38 10.12 31.48
C GLN A 114 -2.70 11.50 31.49
N GLY A 115 -2.79 12.21 30.37
CA GLY A 115 -2.03 13.43 30.08
C GLY A 115 -2.42 14.62 30.97
N HIS A 116 -1.69 14.81 32.07
CA HIS A 116 -1.72 15.99 32.94
C HIS A 116 -0.42 16.09 33.75
N LEU A 117 -0.15 17.26 34.34
CA LEU A 117 0.93 17.44 35.30
C LEU A 117 0.51 16.97 36.70
N GLU A 118 1.43 16.38 37.45
CA GLU A 118 1.20 15.83 38.79
C GLU A 118 2.44 15.98 39.69
N HIS A 119 2.34 15.56 40.96
CA HIS A 119 3.32 15.85 42.03
C HIS A 119 3.91 14.60 42.70
N HIS A 120 4.88 14.81 43.59
CA HIS A 120 5.54 13.76 44.38
C HIS A 120 5.26 13.94 45.89
N HIS A 121 4.15 13.34 46.34
CA HIS A 121 3.57 13.40 47.69
C HIS A 121 3.13 14.78 48.22
N HIS A 122 2.16 14.77 49.15
CA HIS A 122 1.89 15.86 50.07
C HIS A 122 1.29 15.35 51.40
N HIS A 123 -0.03 15.16 51.49
CA HIS A 123 -0.74 14.71 52.70
C HIS A 123 -2.09 14.06 52.33
N HIS A 124 -2.52 13.04 53.08
CA HIS A 124 -3.80 12.32 52.93
C HIS A 124 -4.16 11.55 54.20
ZN ZN B . 4.09 -11.47 -2.98
N MET A 1 -16.97 16.12 19.43
CA MET A 1 -16.57 15.04 20.36
C MET A 1 -16.09 13.86 19.52
N SER A 2 -14.85 13.98 19.03
CA SER A 2 -14.48 13.45 17.71
C SER A 2 -13.11 12.74 17.70
N PHE A 3 -12.72 12.20 18.85
CA PHE A 3 -11.33 11.96 19.27
C PHE A 3 -10.49 13.25 19.39
N CYS A 4 -9.76 13.40 20.50
CA CYS A 4 -8.95 14.60 20.78
C CYS A 4 -7.63 14.69 19.96
N SER A 5 -7.46 13.83 18.95
CA SER A 5 -6.29 13.75 18.06
C SER A 5 -4.93 13.64 18.78
N PHE A 6 -4.89 12.87 19.87
CA PHE A 6 -3.65 12.56 20.59
C PHE A 6 -2.81 11.51 19.84
N PHE A 7 -1.49 11.60 19.97
CA PHE A 7 -0.52 10.69 19.35
C PHE A 7 0.75 10.56 20.23
N GLY A 8 1.65 9.64 19.90
CA GLY A 8 2.86 9.37 20.69
C GLY A 8 3.97 10.41 20.52
N GLY A 9 4.00 11.10 19.36
CA GLY A 9 4.92 12.20 19.09
C GLY A 9 4.71 12.79 17.69
N GLU A 10 5.54 12.38 16.73
CA GLU A 10 5.53 12.90 15.35
C GLU A 10 6.16 11.91 14.36
N VAL A 11 5.83 12.05 13.07
CA VAL A 11 6.38 11.27 11.95
C VAL A 11 6.68 12.12 10.70
N PHE A 12 6.34 13.41 10.71
CA PHE A 12 6.35 14.28 9.51
C PHE A 12 7.75 14.75 9.05
N GLN A 13 8.86 14.21 9.59
CA GLN A 13 10.21 14.53 9.07
C GLN A 13 10.43 14.09 7.62
N ASN A 14 9.75 13.00 7.21
CA ASN A 14 9.95 12.38 5.90
C ASN A 14 8.74 11.56 5.39
N HIS A 15 7.71 11.37 6.21
CA HIS A 15 6.57 10.50 5.93
C HIS A 15 5.28 11.24 6.29
N PHE A 16 4.29 11.33 5.39
CA PHE A 16 3.08 12.12 5.64
C PHE A 16 1.95 11.39 6.39
N GLU A 17 2.07 10.07 6.56
CA GLU A 17 1.22 9.20 7.36
C GLU A 17 2.08 8.27 8.25
N PRO A 18 1.57 7.81 9.41
CA PRO A 18 2.38 7.03 10.35
C PRO A 18 2.44 5.53 10.00
N GLY A 19 3.65 5.04 9.78
CA GLY A 19 3.92 3.65 9.41
C GLY A 19 3.97 3.38 7.90
N VAL A 20 3.88 2.10 7.53
CA VAL A 20 3.93 1.62 6.14
C VAL A 20 3.05 0.42 5.88
N TYR A 21 3.06 0.06 4.62
CA TYR A 21 2.49 -1.20 4.11
C TYR A 21 3.58 -2.25 3.88
N VAL A 22 3.20 -3.53 3.93
CA VAL A 22 4.06 -4.67 3.60
C VAL A 22 3.28 -5.71 2.79
N CYS A 23 3.98 -6.55 2.02
CA CYS A 23 3.31 -7.62 1.28
C CYS A 23 2.54 -8.56 2.23
N ALA A 24 1.43 -9.09 1.75
CA ALA A 24 0.64 -10.07 2.49
C ALA A 24 1.48 -11.28 2.94
N LYS A 25 2.50 -11.65 2.14
CA LYS A 25 3.26 -12.90 2.31
C LYS A 25 4.76 -12.79 2.11
N CYS A 26 5.20 -12.00 1.14
CA CYS A 26 6.59 -11.65 0.91
C CYS A 26 7.13 -10.79 2.07
N SER A 27 6.21 -10.08 2.75
CA SER A 27 6.41 -9.19 3.91
C SER A 27 7.39 -8.04 3.67
N TYR A 28 7.80 -7.86 2.41
CA TYR A 28 8.67 -6.74 2.02
C TYR A 28 7.92 -5.40 2.17
N GLU A 29 8.56 -4.43 2.82
CA GLU A 29 7.92 -3.23 3.33
C GLU A 29 7.99 -2.09 2.31
N LEU A 30 6.85 -1.75 1.73
CA LEU A 30 6.75 -0.93 0.53
C LEU A 30 5.42 -0.15 0.50
N PHE A 31 5.56 1.17 0.37
CA PHE A 31 4.51 2.15 0.05
C PHE A 31 5.14 3.50 -0.33
N SER A 32 4.37 4.37 -1.00
CA SER A 32 4.77 5.73 -1.36
C SER A 32 3.64 6.77 -1.21
N SER A 33 4.02 7.98 -0.84
CA SER A 33 3.15 9.17 -0.75
C SER A 33 2.62 9.66 -2.10
N HIS A 34 3.19 9.19 -3.21
CA HIS A 34 2.88 9.65 -4.57
C HIS A 34 2.00 8.70 -5.37
N SER A 35 1.81 7.47 -4.87
CA SER A 35 0.90 6.47 -5.40
C SER A 35 -0.55 6.71 -5.00
N LYS A 36 -0.78 7.45 -3.90
CA LYS A 36 -2.12 7.80 -3.39
C LYS A 36 -2.42 9.29 -3.55
N TYR A 37 -3.64 9.59 -3.97
CA TYR A 37 -4.25 10.91 -3.86
C TYR A 37 -5.70 10.78 -3.40
N ALA A 38 -6.20 11.80 -2.72
CA ALA A 38 -7.37 11.71 -1.84
C ALA A 38 -8.62 12.42 -2.41
N HIS A 39 -9.78 11.77 -2.28
CA HIS A 39 -11.12 12.27 -2.61
C HIS A 39 -12.18 11.53 -1.78
N SER A 40 -13.35 12.14 -1.56
CA SER A 40 -14.49 11.54 -0.86
C SER A 40 -15.33 10.68 -1.81
N SER A 41 -15.08 9.38 -1.85
CA SER A 41 -15.86 8.38 -2.59
C SER A 41 -15.65 6.95 -2.06
N PRO A 42 -16.59 6.02 -2.34
CA PRO A 42 -16.27 4.59 -2.29
C PRO A 42 -15.24 4.22 -3.37
N TRP A 43 -14.52 3.11 -3.17
CA TRP A 43 -13.57 2.54 -4.13
C TRP A 43 -12.57 3.53 -4.78
N PRO A 44 -11.87 4.38 -4.00
CA PRO A 44 -10.77 5.18 -4.52
C PRO A 44 -9.60 4.29 -4.97
N ALA A 45 -8.75 4.79 -5.87
CA ALA A 45 -7.70 4.01 -6.52
C ALA A 45 -6.34 4.73 -6.49
N PHE A 46 -5.26 3.93 -6.42
CA PHE A 46 -3.88 4.37 -6.60
C PHE A 46 -3.61 4.67 -8.08
N THR A 47 -2.69 5.59 -8.37
CA THR A 47 -2.32 5.97 -9.76
C THR A 47 -1.18 5.13 -10.29
N GLU A 48 -0.13 5.00 -9.49
CA GLU A 48 0.90 3.99 -9.57
C GLU A 48 0.83 3.12 -8.32
N THR A 49 1.56 2.01 -8.36
CA THR A 49 1.76 1.14 -7.20
C THR A 49 3.24 0.79 -7.00
N ILE A 50 3.58 0.42 -5.75
CA ILE A 50 4.95 0.32 -5.26
C ILE A 50 5.48 -1.13 -5.32
N HIS A 51 4.59 -2.08 -5.62
CA HIS A 51 4.88 -3.47 -5.88
C HIS A 51 6.03 -3.70 -6.90
N PRO A 52 6.80 -4.80 -6.77
CA PRO A 52 7.82 -5.18 -7.74
C PRO A 52 7.20 -5.68 -9.06
N ASP A 53 7.98 -5.69 -10.13
CA ASP A 53 7.66 -6.18 -11.48
C ASP A 53 7.33 -7.68 -11.56
N SER A 54 7.50 -8.39 -10.45
CA SER A 54 7.03 -9.76 -10.25
C SER A 54 5.53 -9.90 -10.06
N VAL A 55 4.84 -8.79 -9.87
CA VAL A 55 3.37 -8.73 -9.96
C VAL A 55 2.95 -8.64 -11.42
N THR A 56 2.04 -9.51 -11.83
CA THR A 56 1.51 -9.60 -13.21
C THR A 56 0.01 -9.91 -13.24
N LYS A 57 -0.66 -9.49 -14.31
CA LYS A 57 -2.12 -9.37 -14.38
C LYS A 57 -2.79 -10.16 -15.49
N CYS A 58 -4.08 -10.38 -15.30
CA CYS A 58 -5.03 -10.86 -16.32
C CYS A 58 -6.26 -9.94 -16.46
N PRO A 59 -6.98 -9.99 -17.61
CA PRO A 59 -8.23 -9.23 -17.77
C PRO A 59 -9.37 -9.78 -16.91
N GLU A 60 -10.35 -8.94 -16.61
CA GLU A 60 -11.62 -9.36 -16.02
C GLU A 60 -12.48 -10.24 -16.95
N LYS A 61 -13.47 -10.89 -16.35
CA LYS A 61 -14.34 -11.92 -16.87
C LYS A 61 -15.63 -11.37 -17.45
N ASN A 62 -16.27 -10.59 -16.62
CA ASN A 62 -17.51 -9.88 -16.87
C ASN A 62 -17.26 -8.41 -17.20
N ARG A 63 -15.97 -8.01 -17.33
CA ARG A 63 -15.58 -6.60 -17.48
C ARG A 63 -14.54 -6.34 -18.60
N PRO A 64 -14.96 -6.16 -19.86
CA PRO A 64 -14.09 -5.80 -21.00
C PRO A 64 -13.52 -4.34 -20.95
N GLU A 65 -13.24 -3.87 -19.73
CA GLU A 65 -12.95 -2.49 -19.33
C GLU A 65 -12.03 -2.33 -18.10
N ALA A 66 -11.60 -3.46 -17.55
CA ALA A 66 -10.83 -3.58 -16.33
C ALA A 66 -10.03 -4.90 -16.28
N LEU A 67 -9.01 -4.90 -15.44
CA LEU A 67 -8.08 -6.02 -15.21
C LEU A 67 -7.95 -6.38 -13.72
N LYS A 68 -7.63 -7.65 -13.47
CA LYS A 68 -7.30 -8.25 -12.16
C LYS A 68 -5.82 -8.64 -12.11
N VAL A 69 -5.09 -8.16 -11.10
CA VAL A 69 -3.63 -8.30 -10.94
C VAL A 69 -3.25 -9.30 -9.84
N SER A 70 -2.19 -10.05 -10.08
CA SER A 70 -1.63 -11.08 -9.17
C SER A 70 -0.18 -10.87 -8.72
N CYS A 71 0.15 -11.20 -7.46
CA CYS A 71 1.50 -11.23 -6.94
C CYS A 71 2.08 -12.65 -7.08
N GLY A 72 2.78 -12.89 -8.17
CA GLY A 72 3.54 -14.12 -8.44
C GLY A 72 4.76 -14.40 -7.53
N LYS A 73 5.07 -13.50 -6.58
CA LYS A 73 6.21 -13.59 -5.63
C LYS A 73 5.90 -14.43 -4.39
N CYS A 74 4.72 -14.21 -3.83
CA CYS A 74 4.08 -14.99 -2.80
C CYS A 74 3.09 -16.02 -3.39
N GLY A 75 2.56 -15.73 -4.58
CA GLY A 75 1.58 -16.56 -5.27
C GLY A 75 0.17 -16.21 -4.83
N ASN A 76 -0.24 -14.96 -5.08
CA ASN A 76 -1.47 -14.34 -4.69
C ASN A 76 -2.08 -13.65 -5.95
N GLY A 77 -3.32 -13.18 -5.87
CA GLY A 77 -4.14 -12.83 -7.03
C GLY A 77 -5.48 -12.19 -6.77
N LEU A 78 -5.41 -10.98 -6.24
CA LEU A 78 -6.53 -10.25 -5.62
C LEU A 78 -6.69 -8.81 -6.10
N GLY A 79 -5.61 -8.16 -6.53
CA GLY A 79 -5.64 -6.74 -6.86
C GLY A 79 -6.20 -6.52 -8.26
N HIS A 80 -6.31 -5.27 -8.67
CA HIS A 80 -6.97 -4.82 -9.88
C HIS A 80 -6.35 -3.53 -10.45
N GLU A 81 -6.60 -3.31 -11.74
CA GLU A 81 -6.22 -2.14 -12.53
C GLU A 81 -7.30 -1.85 -13.58
N PHE A 82 -7.98 -0.71 -13.47
CA PHE A 82 -9.11 -0.33 -14.32
C PHE A 82 -8.65 0.49 -15.53
N LEU A 83 -8.19 -0.17 -16.60
CA LEU A 83 -7.50 0.44 -17.74
C LEU A 83 -8.32 0.46 -19.04
N ASN A 84 -7.88 1.34 -19.92
CA ASN A 84 -8.31 1.57 -21.31
C ASN A 84 -9.73 2.15 -21.47
N ASP A 85 -10.44 2.36 -20.37
CA ASP A 85 -11.84 2.81 -20.35
C ASP A 85 -12.00 4.29 -19.94
N GLY A 86 -10.99 4.85 -19.26
CA GLY A 86 -10.85 6.25 -18.89
C GLY A 86 -9.65 6.92 -19.60
N PRO A 87 -9.75 7.25 -20.90
CA PRO A 87 -8.63 7.79 -21.68
C PRO A 87 -8.45 9.31 -21.53
N LYS A 88 -9.47 10.03 -21.07
CA LYS A 88 -9.47 11.48 -20.81
C LYS A 88 -8.69 11.74 -19.53
N ARG A 89 -9.36 12.08 -18.42
CA ARG A 89 -9.01 11.55 -17.13
C ARG A 89 -9.74 10.21 -16.90
N GLY A 90 -9.87 9.82 -15.63
CA GLY A 90 -10.11 8.46 -15.22
C GLY A 90 -8.88 7.57 -15.40
N GLN A 91 -7.74 8.19 -15.68
CA GLN A 91 -6.50 7.49 -16.02
C GLN A 91 -5.83 6.82 -14.82
N SER A 92 -5.11 5.73 -15.10
CA SER A 92 -4.28 4.89 -14.19
C SER A 92 -4.95 4.63 -12.84
N ARG A 93 -5.65 3.50 -12.70
CA ARG A 93 -6.52 3.22 -11.55
C ARG A 93 -6.32 1.82 -11.00
N PHE A 94 -5.40 1.73 -10.05
CA PHE A 94 -5.07 0.52 -9.32
C PHE A 94 -5.91 0.41 -8.04
N CYS A 95 -6.46 -0.78 -7.76
CA CYS A 95 -7.10 -1.11 -6.49
C CYS A 95 -6.57 -2.43 -5.95
N ILE A 96 -6.07 -2.47 -4.71
CA ILE A 96 -5.33 -3.62 -4.14
C ILE A 96 -6.00 -4.01 -2.80
N PHE A 97 -6.02 -5.30 -2.45
CA PHE A 97 -6.73 -5.82 -1.27
C PHE A 97 -5.90 -5.86 0.03
N SER A 98 -6.57 -5.78 1.17
CA SER A 98 -6.06 -6.04 2.54
C SER A 98 -5.51 -7.45 2.80
N SER A 99 -5.85 -8.38 1.91
CA SER A 99 -5.31 -9.75 1.82
C SER A 99 -4.17 -9.89 0.79
N SER A 100 -3.84 -8.80 0.09
CA SER A 100 -2.69 -8.64 -0.81
C SER A 100 -1.54 -7.85 -0.18
N LEU A 101 -1.85 -6.96 0.77
CA LEU A 101 -0.88 -6.31 1.65
C LEU A 101 -1.46 -5.91 3.02
N LYS A 102 -0.57 -5.87 4.02
CA LYS A 102 -0.80 -5.55 5.43
C LYS A 102 -0.20 -4.17 5.76
N PHE A 103 -0.45 -3.66 6.97
CA PHE A 103 0.06 -2.40 7.49
C PHE A 103 0.82 -2.63 8.81
N VAL A 104 1.96 -1.97 8.94
CA VAL A 104 2.85 -1.99 10.10
C VAL A 104 3.47 -0.62 10.42
N PRO A 105 3.50 -0.17 11.69
CA PRO A 105 4.16 1.08 12.07
C PRO A 105 5.68 0.99 12.05
N LYS A 106 6.34 2.14 11.79
CA LYS A 106 7.77 2.37 11.89
C LYS A 106 8.25 2.68 13.31
N GLY A 107 9.56 2.84 13.44
CA GLY A 107 10.28 2.92 14.68
C GLY A 107 11.79 2.96 14.49
N LYS A 108 12.33 4.16 14.24
CA LYS A 108 13.78 4.42 14.14
C LYS A 108 14.52 4.18 15.47
N GLU A 109 13.84 4.49 16.57
CA GLU A 109 14.32 4.43 17.97
C GLU A 109 14.98 3.09 18.33
N ALA A 110 14.21 2.03 18.10
CA ALA A 110 14.53 0.62 18.40
C ALA A 110 15.01 0.40 19.86
N ALA A 111 16.33 0.30 20.06
CA ALA A 111 17.01 0.01 21.34
C ALA A 111 16.58 -1.29 22.05
N ALA A 112 17.19 -1.56 23.22
CA ALA A 112 16.88 -2.57 24.25
C ALA A 112 15.83 -3.64 23.88
N SER A 113 16.20 -4.60 23.04
CA SER A 113 15.34 -5.66 22.52
C SER A 113 16.09 -7.00 22.44
N GLN A 114 15.38 -8.11 22.28
CA GLN A 114 15.98 -9.45 22.20
C GLN A 114 16.43 -9.81 20.78
N GLY A 115 17.59 -10.45 20.64
CA GLY A 115 18.17 -10.79 19.34
C GLY A 115 19.10 -12.01 19.36
N HIS A 116 19.32 -12.56 18.16
CA HIS A 116 20.21 -13.69 17.87
C HIS A 116 20.65 -13.65 16.40
N LEU A 117 21.50 -14.61 15.98
CA LEU A 117 22.02 -14.80 14.65
C LEU A 117 21.76 -16.22 14.07
N GLU A 118 21.69 -16.32 12.74
CA GLU A 118 21.40 -17.56 12.00
C GLU A 118 22.04 -17.56 10.59
N HIS A 119 22.12 -18.73 9.94
CA HIS A 119 22.24 -18.86 8.48
C HIS A 119 21.79 -20.26 8.03
N HIS A 120 21.53 -20.43 6.73
CA HIS A 120 21.29 -21.73 6.08
C HIS A 120 22.05 -21.81 4.75
N HIS A 121 22.85 -22.87 4.54
CA HIS A 121 23.56 -23.12 3.29
C HIS A 121 23.82 -24.63 3.04
N HIS A 122 24.20 -24.95 1.79
CA HIS A 122 24.06 -26.26 1.15
C HIS A 122 22.59 -26.72 1.01
N HIS A 123 22.36 -27.70 0.15
CA HIS A 123 21.06 -28.37 0.00
C HIS A 123 21.26 -29.85 -0.36
N HIS A 124 20.16 -30.58 -0.56
CA HIS A 124 20.16 -31.91 -1.17
C HIS A 124 18.78 -32.21 -1.80
ZN ZN B . 3.74 -10.44 -2.59
N MET A 1 3.61 4.29 24.34
CA MET A 1 2.50 5.07 23.78
C MET A 1 2.49 6.46 24.40
N SER A 2 1.66 7.39 23.90
CA SER A 2 1.87 8.85 24.08
C SER A 2 3.27 9.27 23.58
N PHE A 3 3.86 10.34 24.11
CA PHE A 3 5.26 10.76 23.87
C PHE A 3 5.70 10.72 22.39
N CYS A 4 5.20 11.67 21.59
CA CYS A 4 5.76 11.97 20.26
C CYS A 4 7.09 12.75 20.33
N SER A 5 7.38 13.39 21.48
CA SER A 5 8.60 14.16 21.78
C SER A 5 9.00 15.17 20.68
N PHE A 6 7.99 15.77 20.04
CA PHE A 6 8.13 16.59 18.83
C PHE A 6 8.62 18.02 19.12
N PHE A 7 9.18 18.65 18.08
CA PHE A 7 9.13 20.12 17.92
C PHE A 7 9.20 20.57 16.45
N GLY A 8 8.65 19.76 15.54
CA GLY A 8 8.77 19.96 14.09
C GLY A 8 9.26 18.69 13.40
N GLY A 9 8.41 17.65 13.37
CA GLY A 9 8.69 16.38 12.71
C GLY A 9 8.52 16.46 11.19
N GLU A 10 7.31 16.18 10.72
CA GLU A 10 6.96 16.24 9.29
C GLU A 10 5.47 16.52 9.05
N VAL A 11 5.17 17.18 7.92
CA VAL A 11 3.81 17.66 7.57
C VAL A 11 2.93 16.57 6.91
N PHE A 12 3.49 15.37 6.67
CA PHE A 12 2.90 14.35 5.79
C PHE A 12 1.51 13.79 6.18
N GLN A 13 1.02 13.98 7.40
CA GLN A 13 -0.33 13.59 7.79
C GLN A 13 -1.45 14.28 6.99
N ASN A 14 -1.16 15.37 6.26
CA ASN A 14 -2.13 16.04 5.39
C ASN A 14 -1.93 15.80 3.88
N HIS A 15 -0.77 15.28 3.47
CA HIS A 15 -0.44 14.99 2.08
C HIS A 15 0.47 13.76 1.96
N PHE A 16 0.01 12.72 1.24
CA PHE A 16 0.72 11.44 1.01
C PHE A 16 1.22 10.79 2.30
N GLU A 17 0.29 10.19 3.03
CA GLU A 17 0.36 9.90 4.47
C GLU A 17 1.37 8.79 4.85
N PRO A 18 1.96 8.83 6.07
CA PRO A 18 3.12 8.01 6.43
C PRO A 18 2.78 6.54 6.79
N GLY A 19 3.47 5.61 6.14
CA GLY A 19 3.34 4.17 6.40
C GLY A 19 3.97 3.31 5.31
N VAL A 20 3.86 1.99 5.49
CA VAL A 20 4.34 1.00 4.52
C VAL A 20 3.31 -0.13 4.39
N TYR A 21 3.35 -0.84 3.28
CA TYR A 21 2.53 -2.03 2.99
C TYR A 21 3.44 -3.25 2.91
N VAL A 22 2.93 -4.44 3.25
CA VAL A 22 3.72 -5.69 3.24
C VAL A 22 2.96 -6.85 2.62
N CYS A 23 3.70 -7.80 2.06
CA CYS A 23 3.12 -8.99 1.46
C CYS A 23 2.50 -9.94 2.52
N ALA A 24 1.47 -10.67 2.09
CA ALA A 24 0.86 -11.77 2.82
C ALA A 24 1.91 -12.80 3.30
N LYS A 25 2.85 -13.14 2.43
CA LYS A 25 3.64 -14.38 2.47
C LYS A 25 5.13 -14.15 2.31
N CYS A 26 5.48 -13.30 1.36
CA CYS A 26 6.81 -12.80 1.08
C CYS A 26 7.24 -11.85 2.21
N SER A 27 6.26 -11.17 2.82
CA SER A 27 6.38 -10.31 4.01
C SER A 27 7.28 -9.09 3.84
N TYR A 28 7.80 -8.91 2.61
CA TYR A 28 8.68 -7.79 2.26
C TYR A 28 7.87 -6.48 2.26
N GLU A 29 8.41 -5.43 2.87
CA GLU A 29 7.70 -4.16 3.01
C GLU A 29 7.98 -3.22 1.81
N LEU A 30 6.95 -2.93 1.01
CA LEU A 30 7.06 -2.25 -0.29
C LEU A 30 5.74 -1.54 -0.67
N PHE A 31 5.85 -0.24 -0.98
CA PHE A 31 4.90 0.70 -1.64
C PHE A 31 5.46 2.14 -1.63
N SER A 32 4.64 3.10 -2.06
CA SER A 32 4.79 4.56 -1.87
C SER A 32 3.48 5.18 -1.41
N SER A 33 3.53 6.28 -0.64
CA SER A 33 2.32 7.04 -0.24
C SER A 33 1.78 7.90 -1.39
N HIS A 34 2.59 8.16 -2.42
CA HIS A 34 2.21 8.94 -3.60
C HIS A 34 1.33 8.19 -4.60
N SER A 35 1.15 6.88 -4.38
CA SER A 35 0.33 5.96 -5.15
C SER A 35 -1.16 6.28 -5.09
N LYS A 36 -1.57 7.05 -4.08
CA LYS A 36 -2.98 7.51 -3.90
C LYS A 36 -3.24 8.92 -4.44
N TYR A 37 -4.51 9.20 -4.71
CA TYR A 37 -5.00 10.39 -5.43
C TYR A 37 -5.57 11.46 -4.46
N ALA A 38 -6.07 12.53 -5.04
CA ALA A 38 -6.57 13.74 -4.38
C ALA A 38 -7.91 13.53 -3.62
N HIS A 39 -7.90 12.64 -2.63
CA HIS A 39 -9.05 12.22 -1.84
C HIS A 39 -8.61 11.91 -0.39
N SER A 40 -9.29 12.53 0.57
CA SER A 40 -9.10 12.38 2.01
C SER A 40 -10.11 11.36 2.53
N SER A 41 -9.64 10.15 2.80
CA SER A 41 -10.45 9.03 3.27
C SER A 41 -9.61 7.99 4.04
N PRO A 42 -10.16 7.31 5.07
CA PRO A 42 -9.68 6.00 5.48
C PRO A 42 -9.92 4.97 4.35
N TRP A 43 -9.20 3.84 4.39
CA TRP A 43 -9.26 2.77 3.38
C TRP A 43 -9.27 3.27 1.90
N PRO A 44 -8.35 4.16 1.47
CA PRO A 44 -8.36 4.76 0.13
C PRO A 44 -8.04 3.76 -0.99
N ALA A 45 -8.08 4.22 -2.24
CA ALA A 45 -7.64 3.49 -3.43
C ALA A 45 -6.47 4.21 -4.13
N PHE A 46 -5.86 3.54 -5.10
CA PHE A 46 -4.63 3.97 -5.78
C PHE A 46 -4.87 4.28 -7.25
N THR A 47 -3.85 4.84 -7.91
CA THR A 47 -3.83 5.10 -9.36
C THR A 47 -2.76 4.27 -10.07
N GLU A 48 -1.54 4.20 -9.51
CA GLU A 48 -0.42 3.45 -10.08
C GLU A 48 0.39 2.63 -9.06
N THR A 49 1.42 2.04 -9.64
CA THR A 49 2.38 1.06 -9.09
C THR A 49 3.76 1.68 -8.89
N ILE A 50 4.53 1.17 -7.92
CA ILE A 50 5.86 1.70 -7.62
C ILE A 50 6.94 1.06 -8.48
N HIS A 51 7.15 -0.23 -8.26
CA HIS A 51 8.22 -1.03 -8.91
C HIS A 51 8.03 -2.56 -8.70
N PRO A 52 6.88 -3.16 -9.08
CA PRO A 52 6.66 -4.60 -8.92
C PRO A 52 7.51 -5.44 -9.89
N ASP A 53 7.74 -6.73 -9.57
CA ASP A 53 8.70 -7.58 -10.25
C ASP A 53 8.16 -8.88 -10.84
N SER A 54 8.05 -9.89 -10.00
CA SER A 54 7.38 -11.18 -10.22
C SER A 54 5.97 -11.17 -9.62
N VAL A 55 5.65 -10.08 -8.92
CA VAL A 55 4.25 -9.71 -8.66
C VAL A 55 3.78 -8.91 -9.86
N THR A 56 2.66 -9.32 -10.44
CA THR A 56 2.42 -9.17 -11.88
C THR A 56 0.94 -9.30 -12.24
N LYS A 57 0.56 -8.72 -13.37
CA LYS A 57 -0.84 -8.42 -13.70
C LYS A 57 -1.29 -8.91 -15.08
N CYS A 58 -2.60 -9.08 -15.24
CA CYS A 58 -3.21 -9.64 -16.46
C CYS A 58 -4.66 -9.16 -16.75
N PRO A 59 -5.06 -9.02 -18.03
CA PRO A 59 -6.36 -8.48 -18.44
C PRO A 59 -7.55 -9.38 -18.16
N GLU A 60 -8.71 -8.76 -17.92
CA GLU A 60 -9.97 -9.47 -18.01
C GLU A 60 -10.48 -9.62 -19.44
N LYS A 61 -11.27 -10.68 -19.60
CA LYS A 61 -11.78 -11.19 -20.87
C LYS A 61 -13.26 -10.91 -21.01
N ASN A 62 -13.96 -11.31 -19.96
CA ASN A 62 -15.35 -11.08 -19.63
C ASN A 62 -15.66 -9.67 -19.14
N ARG A 63 -14.62 -8.86 -18.86
CA ARG A 63 -14.71 -7.50 -18.33
C ARG A 63 -13.77 -6.54 -19.09
N PRO A 64 -14.09 -6.14 -20.33
CA PRO A 64 -13.15 -5.49 -21.27
C PRO A 64 -12.77 -4.02 -20.96
N GLU A 65 -12.88 -3.65 -19.69
CA GLU A 65 -12.75 -2.32 -19.10
C GLU A 65 -11.78 -2.22 -17.92
N ALA A 66 -11.17 -3.35 -17.54
CA ALA A 66 -10.29 -3.47 -16.40
C ALA A 66 -9.39 -4.70 -16.53
N LEU A 67 -8.29 -4.68 -15.77
CA LEU A 67 -7.39 -5.81 -15.61
C LEU A 67 -7.24 -6.23 -14.15
N LYS A 68 -6.88 -7.47 -13.90
CA LYS A 68 -6.62 -8.00 -12.55
C LYS A 68 -5.13 -8.14 -12.27
N VAL A 69 -4.73 -7.95 -11.02
CA VAL A 69 -3.34 -7.97 -10.56
C VAL A 69 -3.11 -9.06 -9.52
N SER A 70 -1.98 -9.75 -9.67
CA SER A 70 -1.63 -10.96 -8.88
C SER A 70 -0.30 -10.85 -8.11
N CYS A 71 -0.24 -11.42 -6.90
CA CYS A 71 1.03 -11.84 -6.33
C CYS A 71 1.43 -13.21 -6.90
N GLY A 72 2.06 -13.20 -8.06
CA GLY A 72 2.63 -14.40 -8.68
C GLY A 72 3.91 -14.96 -8.00
N LYS A 73 4.34 -14.41 -6.86
CA LYS A 73 5.41 -14.92 -6.02
C LYS A 73 4.91 -16.01 -5.06
N CYS A 74 4.05 -15.61 -4.15
CA CYS A 74 3.41 -16.47 -3.18
C CYS A 74 2.22 -17.22 -3.83
N GLY A 75 1.50 -16.54 -4.70
CA GLY A 75 0.51 -17.13 -5.61
C GLY A 75 -0.91 -16.74 -5.19
N ASN A 76 -1.22 -15.45 -5.36
CA ASN A 76 -2.46 -14.78 -5.14
C ASN A 76 -2.79 -13.98 -6.41
N GLY A 77 -4.04 -13.61 -6.61
CA GLY A 77 -4.51 -13.06 -7.88
C GLY A 77 -5.86 -12.35 -7.88
N LEU A 78 -5.99 -11.42 -6.94
CA LEU A 78 -7.28 -10.87 -6.48
C LEU A 78 -7.40 -9.34 -6.55
N GLY A 79 -6.29 -8.66 -6.86
CA GLY A 79 -6.25 -7.23 -7.06
C GLY A 79 -6.72 -6.87 -8.46
N HIS A 80 -6.92 -5.58 -8.70
CA HIS A 80 -7.41 -5.00 -9.93
C HIS A 80 -6.80 -3.64 -10.24
N GLU A 81 -6.66 -3.37 -11.53
CA GLU A 81 -6.13 -2.15 -12.14
C GLU A 81 -7.11 -1.77 -13.27
N PHE A 82 -8.06 -0.89 -12.94
CA PHE A 82 -9.13 -0.48 -13.84
C PHE A 82 -8.63 0.78 -14.58
N LEU A 83 -7.98 0.54 -15.71
CA LEU A 83 -7.19 1.52 -16.47
C LEU A 83 -7.53 1.47 -17.97
N ASN A 84 -7.16 2.54 -18.66
CA ASN A 84 -7.22 2.70 -20.13
C ASN A 84 -8.63 2.67 -20.74
N ASP A 85 -9.65 2.59 -19.88
CA ASP A 85 -11.06 2.54 -20.28
C ASP A 85 -11.69 3.92 -20.45
N GLY A 86 -11.22 4.88 -19.65
CA GLY A 86 -11.67 6.27 -19.63
C GLY A 86 -10.62 7.31 -20.06
N PRO A 87 -9.77 7.10 -21.08
CA PRO A 87 -8.59 7.95 -21.34
C PRO A 87 -8.92 9.41 -21.70
N LYS A 88 -10.17 9.66 -22.13
CA LYS A 88 -10.77 10.98 -22.36
C LYS A 88 -10.75 11.87 -21.09
N ARG A 89 -10.91 11.24 -19.93
CA ARG A 89 -10.90 11.75 -18.58
C ARG A 89 -9.56 11.48 -17.87
N GLY A 90 -9.45 11.88 -16.61
CA GLY A 90 -8.44 11.43 -15.67
C GLY A 90 -8.71 10.06 -15.02
N GLN A 91 -9.79 9.38 -15.41
CA GLN A 91 -10.28 8.15 -14.80
C GLN A 91 -9.23 7.03 -14.78
N SER A 92 -9.19 6.33 -13.65
CA SER A 92 -8.22 5.34 -13.22
C SER A 92 -8.66 4.88 -11.82
N ARG A 93 -8.70 3.58 -11.55
CA ARG A 93 -8.70 3.06 -10.16
C ARG A 93 -7.90 1.75 -10.01
N PHE A 94 -6.90 1.74 -9.13
CA PHE A 94 -6.05 0.60 -8.79
C PHE A 94 -6.31 0.19 -7.34
N CYS A 95 -6.60 -1.09 -7.11
CA CYS A 95 -7.01 -1.62 -5.81
C CYS A 95 -6.48 -3.06 -5.62
N ILE A 96 -5.95 -3.41 -4.45
CA ILE A 96 -5.31 -4.70 -4.19
C ILE A 96 -5.89 -5.29 -2.89
N PHE A 97 -5.59 -6.57 -2.62
CA PHE A 97 -6.04 -7.36 -1.46
C PHE A 97 -5.62 -6.79 -0.09
N SER A 98 -6.35 -5.78 0.39
CA SER A 98 -6.37 -5.25 1.76
C SER A 98 -6.44 -6.30 2.89
N SER A 99 -6.95 -7.50 2.58
CA SER A 99 -7.09 -8.61 3.52
C SER A 99 -5.89 -9.57 3.47
N SER A 100 -5.33 -9.87 2.28
CA SER A 100 -4.18 -10.78 2.20
C SER A 100 -2.86 -10.04 2.48
N LEU A 101 -2.68 -8.83 1.95
CA LEU A 101 -1.51 -7.96 2.18
C LEU A 101 -1.83 -6.93 3.29
N LYS A 102 -0.84 -6.58 4.13
CA LYS A 102 -1.05 -5.80 5.35
C LYS A 102 -0.46 -4.39 5.27
N PHE A 103 -0.84 -3.52 6.20
CA PHE A 103 -0.39 -2.13 6.33
C PHE A 103 0.19 -1.88 7.72
N VAL A 104 1.39 -1.33 7.74
CA VAL A 104 2.13 -0.90 8.93
C VAL A 104 2.36 0.63 8.88
N PRO A 105 1.54 1.44 9.57
CA PRO A 105 1.68 2.89 9.55
C PRO A 105 2.88 3.37 10.37
N LYS A 106 3.49 4.47 9.92
CA LYS A 106 4.69 5.07 10.50
C LYS A 106 4.51 6.56 10.76
N GLY A 107 5.62 7.23 11.06
CA GLY A 107 5.67 8.70 11.15
C GLY A 107 4.70 9.27 12.18
N LYS A 108 4.64 8.62 13.36
CA LYS A 108 3.59 8.78 14.38
C LYS A 108 3.53 10.20 14.97
N GLU A 109 4.70 10.83 15.00
CA GLU A 109 4.93 12.22 15.38
C GLU A 109 4.14 13.22 14.51
N ALA A 110 4.47 13.22 13.22
CA ALA A 110 4.13 14.28 12.27
C ALA A 110 4.44 15.68 12.84
N ALA A 111 3.42 16.49 13.15
CA ALA A 111 3.48 17.74 13.92
C ALA A 111 4.57 18.75 13.50
N ALA A 112 4.20 19.61 12.54
CA ALA A 112 4.97 20.78 12.06
C ALA A 112 6.33 20.47 11.40
N SER A 113 6.97 21.54 10.93
CA SER A 113 8.30 21.56 10.30
C SER A 113 9.04 22.86 10.65
N GLN A 114 10.38 22.82 10.72
CA GLN A 114 11.22 23.96 11.06
C GLN A 114 12.08 24.46 9.89
N GLY A 115 11.91 25.72 9.49
CA GLY A 115 12.55 26.28 8.29
C GLY A 115 14.02 26.65 8.52
N HIS A 116 14.94 25.96 7.83
CA HIS A 116 16.39 26.17 7.93
C HIS A 116 17.05 26.06 6.54
N LEU A 117 18.20 26.71 6.34
CA LEU A 117 18.90 26.73 5.04
C LEU A 117 20.40 27.05 5.15
N GLU A 118 21.20 26.58 4.19
CA GLU A 118 22.66 26.78 4.11
C GLU A 118 23.20 26.87 2.66
N HIS A 119 24.50 27.12 2.54
CA HIS A 119 25.25 27.11 1.27
C HIS A 119 26.73 26.73 1.44
N HIS A 120 27.35 27.14 2.56
CA HIS A 120 28.79 27.04 2.89
C HIS A 120 29.74 27.54 1.80
N HIS A 121 31.06 27.51 2.05
CA HIS A 121 32.11 27.90 1.11
C HIS A 121 33.49 27.39 1.58
N HIS A 122 34.58 27.75 0.86
CA HIS A 122 35.92 27.15 1.00
C HIS A 122 35.92 25.65 0.59
N HIS A 123 37.04 24.95 0.79
CA HIS A 123 37.21 23.49 0.64
C HIS A 123 36.54 22.88 -0.63
N HIS A 124 37.18 23.11 -1.79
CA HIS A 124 36.79 22.64 -3.12
C HIS A 124 38.02 22.53 -4.04
ZN ZN B . 3.63 -11.98 -2.24
N MET A 1 21.52 14.92 16.62
CA MET A 1 21.87 14.68 15.20
C MET A 1 21.81 16.01 14.45
N SER A 2 22.70 16.20 13.47
CA SER A 2 22.86 17.47 12.74
C SER A 2 23.71 17.28 11.46
N PHE A 3 24.11 18.38 10.83
CA PHE A 3 25.28 18.42 9.93
C PHE A 3 26.55 18.14 10.74
N CYS A 4 26.99 16.88 10.80
CA CYS A 4 28.12 16.44 11.61
C CYS A 4 28.93 15.31 10.96
N SER A 5 30.24 15.24 11.26
CA SER A 5 31.22 14.28 10.73
C SER A 5 31.07 12.87 11.33
N PHE A 6 29.99 12.18 10.96
CA PHE A 6 29.51 10.92 11.53
C PHE A 6 29.38 9.77 10.49
N PHE A 7 29.26 8.55 11.01
CA PHE A 7 28.95 7.29 10.29
C PHE A 7 27.50 7.24 9.74
N GLY A 8 27.03 6.05 9.30
CA GLY A 8 25.74 5.89 8.61
C GLY A 8 24.88 4.68 9.03
N GLY A 9 25.08 4.12 10.22
CA GLY A 9 24.42 2.88 10.70
C GLY A 9 22.89 2.89 10.63
N GLU A 10 22.25 3.96 11.13
CA GLU A 10 20.83 4.26 10.90
C GLU A 10 20.64 5.77 10.75
N VAL A 11 19.70 6.15 9.88
CA VAL A 11 19.27 7.52 9.56
C VAL A 11 17.79 7.75 9.94
N PHE A 12 17.00 6.69 10.15
CA PHE A 12 15.54 6.81 10.33
C PHE A 12 15.08 7.18 11.77
N GLN A 13 15.86 8.01 12.47
CA GLN A 13 15.54 8.50 13.83
C GLN A 13 14.81 9.87 13.84
N ASN A 14 15.24 10.83 13.03
CA ASN A 14 14.81 12.22 13.06
C ASN A 14 13.70 12.55 12.05
N HIS A 15 13.41 11.62 11.14
CA HIS A 15 12.62 11.80 9.93
C HIS A 15 11.25 11.14 10.08
N PHE A 16 10.28 11.62 9.31
CA PHE A 16 8.85 11.52 9.64
C PHE A 16 7.95 11.21 8.43
N GLU A 17 8.39 10.26 7.60
CA GLU A 17 7.70 9.76 6.41
C GLU A 17 6.25 9.28 6.68
N PRO A 18 5.38 9.16 5.66
CA PRO A 18 4.03 8.61 5.84
C PRO A 18 4.06 7.12 6.20
N GLY A 19 2.91 6.57 6.64
CA GLY A 19 2.78 5.13 6.89
C GLY A 19 2.93 4.27 5.64
N VAL A 20 3.14 2.96 5.85
CA VAL A 20 3.83 2.07 4.90
C VAL A 20 2.98 0.81 4.59
N TYR A 21 3.36 0.06 3.56
CA TYR A 21 2.75 -1.22 3.18
C TYR A 21 3.74 -2.39 3.36
N VAL A 22 3.21 -3.59 3.61
CA VAL A 22 3.98 -4.85 3.53
C VAL A 22 3.19 -5.96 2.84
N CYS A 23 3.88 -6.93 2.25
CA CYS A 23 3.23 -8.13 1.72
C CYS A 23 2.81 -9.05 2.88
N ALA A 24 1.63 -9.68 2.79
CA ALA A 24 1.28 -10.74 3.73
C ALA A 24 2.01 -12.07 3.43
N LYS A 25 2.64 -12.17 2.25
CA LYS A 25 3.25 -13.38 1.68
C LYS A 25 4.76 -13.28 1.43
N CYS A 26 5.20 -12.18 0.86
CA CYS A 26 6.60 -11.86 0.64
C CYS A 26 7.25 -11.32 1.93
N SER A 27 6.44 -10.68 2.79
CA SER A 27 6.82 -10.03 4.06
C SER A 27 8.02 -9.07 3.95
N TYR A 28 8.11 -8.43 2.78
CA TYR A 28 8.95 -7.29 2.51
C TYR A 28 8.14 -5.99 2.58
N GLU A 29 8.78 -4.87 2.96
CA GLU A 29 8.12 -3.63 3.39
C GLU A 29 8.39 -2.50 2.38
N LEU A 30 7.35 -2.03 1.69
CA LEU A 30 7.47 -1.34 0.41
C LEU A 30 6.21 -0.51 0.06
N PHE A 31 6.47 0.74 -0.33
CA PHE A 31 5.57 1.72 -0.98
C PHE A 31 6.35 2.99 -1.38
N SER A 32 6.12 3.55 -2.57
CA SER A 32 6.71 4.84 -3.03
C SER A 32 5.69 6.00 -3.09
N SER A 33 6.18 7.22 -3.33
CA SER A 33 5.33 8.40 -3.59
C SER A 33 4.48 8.22 -4.85
N HIS A 34 5.08 7.73 -5.95
CA HIS A 34 4.42 7.54 -7.25
C HIS A 34 3.21 6.59 -7.23
N SER A 35 3.11 5.74 -6.22
CA SER A 35 2.10 4.73 -6.05
C SER A 35 0.79 5.26 -5.46
N LYS A 36 0.80 6.50 -4.93
CA LYS A 36 -0.39 7.18 -4.39
C LYS A 36 -0.64 8.58 -4.98
N TYR A 37 -1.90 9.01 -4.88
CA TYR A 37 -2.39 10.37 -5.11
C TYR A 37 -2.77 11.04 -3.77
N ALA A 38 -3.14 12.31 -3.82
CA ALA A 38 -3.45 13.16 -2.66
C ALA A 38 -4.76 13.95 -2.85
N HIS A 39 -5.91 13.27 -2.78
CA HIS A 39 -7.22 13.83 -3.10
C HIS A 39 -8.32 13.34 -2.15
N SER A 40 -9.27 14.21 -1.80
CA SER A 40 -10.46 13.88 -1.06
C SER A 40 -11.51 13.26 -1.98
N SER A 41 -11.47 11.92 -2.13
CA SER A 41 -12.35 11.14 -3.00
C SER A 41 -12.82 9.83 -2.35
N PRO A 42 -13.96 9.26 -2.78
CA PRO A 42 -14.53 8.02 -2.22
C PRO A 42 -13.87 6.74 -2.79
N TRP A 43 -14.42 5.58 -2.39
CA TRP A 43 -14.10 4.23 -2.90
C TRP A 43 -12.59 3.89 -2.83
N PRO A 44 -12.04 3.48 -1.67
CA PRO A 44 -10.59 3.49 -1.41
C PRO A 44 -9.76 2.61 -2.36
N ALA A 45 -8.66 3.19 -2.86
CA ALA A 45 -7.75 2.63 -3.86
C ALA A 45 -6.44 3.46 -3.98
N PHE A 46 -5.39 2.90 -4.57
CA PHE A 46 -4.09 3.56 -4.89
C PHE A 46 -3.92 3.68 -6.41
N THR A 47 -3.08 4.61 -6.88
CA THR A 47 -2.90 4.82 -8.33
C THR A 47 -2.10 3.67 -8.94
N GLU A 48 -0.96 3.36 -8.34
CA GLU A 48 0.05 2.47 -8.93
C GLU A 48 1.03 1.87 -7.91
N THR A 49 2.17 1.44 -8.42
CA THR A 49 3.19 0.59 -7.80
C THR A 49 4.57 1.26 -7.81
N ILE A 50 5.47 0.76 -6.97
CA ILE A 50 6.83 1.29 -6.82
C ILE A 50 7.70 1.01 -8.05
N HIS A 51 7.97 -0.27 -8.29
CA HIS A 51 8.55 -0.94 -9.46
C HIS A 51 8.57 -2.48 -9.22
N PRO A 52 7.43 -3.18 -9.18
CA PRO A 52 7.40 -4.60 -8.87
C PRO A 52 7.78 -5.47 -10.08
N ASP A 53 8.26 -6.68 -9.84
CA ASP A 53 9.21 -7.36 -10.73
C ASP A 53 8.78 -8.71 -11.30
N SER A 54 8.30 -9.55 -10.42
CA SER A 54 7.83 -10.92 -10.68
C SER A 54 6.31 -11.05 -10.56
N VAL A 55 5.67 -9.96 -10.20
CA VAL A 55 4.21 -9.82 -10.18
C VAL A 55 3.67 -9.83 -11.61
N THR A 56 2.36 -9.99 -11.72
CA THR A 56 1.65 -9.87 -13.01
C THR A 56 0.21 -9.42 -12.86
N LYS A 57 -0.42 -8.99 -13.93
CA LYS A 57 -1.86 -8.74 -14.02
C LYS A 57 -2.50 -9.31 -15.27
N CYS A 58 -3.81 -9.51 -15.20
CA CYS A 58 -4.60 -10.12 -16.26
C CYS A 58 -5.99 -9.47 -16.45
N PRO A 59 -6.47 -9.35 -17.70
CA PRO A 59 -7.76 -8.72 -17.95
C PRO A 59 -8.92 -9.62 -17.56
N GLU A 60 -10.09 -9.02 -17.33
CA GLU A 60 -11.34 -9.74 -17.52
C GLU A 60 -11.62 -10.09 -18.98
N LYS A 61 -12.43 -11.13 -19.14
CA LYS A 61 -12.59 -11.90 -20.38
C LYS A 61 -13.86 -11.60 -21.14
N ASN A 62 -14.89 -11.25 -20.38
CA ASN A 62 -16.16 -10.73 -20.82
C ASN A 62 -16.45 -9.38 -20.12
N ARG A 63 -15.44 -8.74 -19.50
CA ARG A 63 -15.53 -7.37 -18.98
C ARG A 63 -14.34 -6.49 -19.43
N PRO A 64 -14.28 -6.05 -20.70
CA PRO A 64 -13.10 -5.39 -21.29
C PRO A 64 -12.86 -3.95 -20.80
N GLU A 65 -13.05 -3.67 -19.51
CA GLU A 65 -13.10 -2.34 -18.90
C GLU A 65 -12.31 -2.21 -17.57
N ALA A 66 -11.67 -3.30 -17.13
CA ALA A 66 -10.91 -3.41 -15.89
C ALA A 66 -9.95 -4.60 -15.95
N LEU A 67 -8.93 -4.56 -15.09
CA LEU A 67 -7.95 -5.64 -14.95
C LEU A 67 -8.04 -6.29 -13.56
N LYS A 68 -7.76 -7.58 -13.45
CA LYS A 68 -7.30 -8.23 -12.21
C LYS A 68 -5.78 -8.16 -12.10
N VAL A 69 -5.23 -8.15 -10.88
CA VAL A 69 -3.80 -8.20 -10.62
C VAL A 69 -3.44 -9.31 -9.62
N SER A 70 -2.34 -10.01 -9.88
CA SER A 70 -1.77 -11.05 -9.01
C SER A 70 -0.36 -10.74 -8.50
N CYS A 71 -0.10 -11.19 -7.27
CA CYS A 71 1.26 -11.29 -6.78
C CYS A 71 1.83 -12.62 -7.31
N GLY A 72 2.34 -12.60 -8.53
CA GLY A 72 3.11 -13.71 -9.10
C GLY A 72 4.50 -13.88 -8.45
N LYS A 73 4.92 -12.97 -7.57
CA LYS A 73 6.11 -13.09 -6.71
C LYS A 73 6.01 -14.31 -5.80
N CYS A 74 4.94 -14.36 -5.00
CA CYS A 74 4.68 -15.32 -3.96
C CYS A 74 3.50 -16.25 -4.30
N GLY A 75 2.68 -15.86 -5.29
CA GLY A 75 1.67 -16.69 -5.94
C GLY A 75 0.30 -16.49 -5.32
N ASN A 76 -0.28 -15.30 -5.50
CA ASN A 76 -1.67 -15.00 -5.23
C ASN A 76 -2.39 -14.56 -6.53
N GLY A 77 -3.51 -13.85 -6.44
CA GLY A 77 -4.28 -13.34 -7.57
C GLY A 77 -5.74 -13.05 -7.26
N LEU A 78 -5.93 -11.86 -6.70
CA LEU A 78 -7.22 -11.41 -6.13
C LEU A 78 -7.47 -9.90 -6.18
N GLY A 79 -6.40 -9.13 -6.28
CA GLY A 79 -6.49 -7.69 -6.43
C GLY A 79 -6.93 -7.32 -7.83
N HIS A 80 -7.31 -6.06 -7.99
CA HIS A 80 -7.81 -5.51 -9.23
C HIS A 80 -7.32 -4.08 -9.49
N GLU A 81 -7.30 -3.70 -10.76
CA GLU A 81 -6.82 -2.45 -11.32
C GLU A 81 -7.84 -1.97 -12.35
N PHE A 82 -8.56 -0.90 -12.05
CA PHE A 82 -9.30 -0.18 -13.09
C PHE A 82 -8.39 0.94 -13.61
N LEU A 83 -7.72 0.69 -14.75
CA LEU A 83 -6.79 1.63 -15.38
C LEU A 83 -6.72 1.37 -16.89
N ASN A 84 -6.22 2.35 -17.64
CA ASN A 84 -6.13 2.36 -19.11
C ASN A 84 -7.50 2.36 -19.84
N ASP A 85 -8.59 2.52 -19.10
CA ASP A 85 -9.98 2.59 -19.60
C ASP A 85 -10.62 3.98 -19.48
N GLY A 86 -10.00 4.88 -18.71
CA GLY A 86 -10.54 6.16 -18.26
C GLY A 86 -9.91 7.39 -18.92
N PRO A 87 -10.36 7.79 -20.13
CA PRO A 87 -9.92 9.03 -20.79
C PRO A 87 -10.79 10.25 -20.46
N LYS A 88 -12.00 10.01 -19.92
CA LYS A 88 -12.97 11.01 -19.47
C LYS A 88 -12.86 11.27 -17.97
N ARG A 89 -13.41 10.34 -17.17
CA ARG A 89 -13.42 10.39 -15.72
C ARG A 89 -12.02 10.40 -15.13
N GLY A 90 -11.93 10.90 -13.90
CA GLY A 90 -10.68 11.04 -13.16
C GLY A 90 -10.15 9.74 -12.56
N GLN A 91 -10.88 8.66 -12.76
CA GLN A 91 -10.63 7.35 -12.21
C GLN A 91 -9.59 6.55 -13.02
N SER A 92 -8.54 6.21 -12.31
CA SER A 92 -7.41 5.35 -12.68
C SER A 92 -6.68 4.89 -11.42
N ARG A 93 -7.08 3.72 -10.92
CA ARG A 93 -6.68 3.23 -9.59
C ARG A 93 -6.94 1.74 -9.37
N PHE A 94 -6.07 1.10 -8.59
CA PHE A 94 -6.10 -0.29 -8.18
C PHE A 94 -6.39 -0.48 -6.69
N CYS A 95 -6.96 -1.62 -6.33
CA CYS A 95 -7.18 -2.01 -4.93
C CYS A 95 -7.02 -3.54 -4.75
N ILE A 96 -6.58 -3.98 -3.57
CA ILE A 96 -6.24 -5.38 -3.27
C ILE A 96 -6.85 -5.79 -1.91
N PHE A 97 -7.12 -7.08 -1.69
CA PHE A 97 -7.65 -7.62 -0.44
C PHE A 97 -6.71 -7.49 0.77
N SER A 98 -7.29 -7.11 1.92
CA SER A 98 -6.69 -7.05 3.26
C SER A 98 -6.00 -8.33 3.75
N SER A 99 -6.40 -9.49 3.23
CA SER A 99 -5.76 -10.78 3.51
C SER A 99 -4.38 -10.93 2.85
N SER A 100 -4.19 -10.33 1.66
CA SER A 100 -2.94 -10.49 0.90
C SER A 100 -1.85 -9.51 1.27
N LEU A 101 -2.21 -8.32 1.76
CA LEU A 101 -1.26 -7.32 2.25
C LEU A 101 -1.91 -6.17 3.03
N LYS A 102 -1.13 -5.58 3.93
CA LYS A 102 -1.56 -4.60 4.93
C LYS A 102 -0.75 -3.30 4.93
N PHE A 103 -1.43 -2.29 5.45
CA PHE A 103 -0.94 -0.96 5.76
C PHE A 103 -0.63 -0.86 7.25
N VAL A 104 0.54 -0.33 7.54
CA VAL A 104 1.10 -0.11 8.87
C VAL A 104 1.55 1.35 9.04
N PRO A 105 0.89 2.16 9.90
CA PRO A 105 1.31 3.53 10.14
C PRO A 105 2.53 3.61 11.06
N LYS A 106 3.29 4.70 10.95
CA LYS A 106 4.48 4.98 11.72
C LYS A 106 4.23 5.33 13.19
N GLY A 107 5.29 5.20 13.99
CA GLY A 107 5.34 5.58 15.39
C GLY A 107 4.41 4.78 16.28
N LYS A 108 4.65 3.47 16.39
CA LYS A 108 3.88 2.55 17.24
C LYS A 108 4.13 2.79 18.74
N GLU A 109 5.38 3.07 19.09
CA GLU A 109 5.86 3.21 20.49
C GLU A 109 5.18 4.39 21.22
N ALA A 110 5.32 5.58 20.62
CA ALA A 110 4.87 6.91 21.08
C ALA A 110 5.39 7.27 22.49
N ALA A 111 6.52 7.98 22.54
CA ALA A 111 7.43 8.01 23.68
C ALA A 111 7.86 6.57 24.08
N ALA A 112 8.25 6.36 25.35
CA ALA A 112 8.85 5.11 25.84
C ALA A 112 10.17 4.74 25.13
N SER A 113 10.74 3.62 25.58
CA SER A 113 12.00 3.06 25.07
C SER A 113 13.17 4.06 25.13
N GLN A 114 13.36 4.69 26.30
CA GLN A 114 14.35 5.73 26.53
C GLN A 114 15.79 5.15 26.54
N GLY A 115 16.54 5.34 25.45
CA GLY A 115 17.94 4.91 25.33
C GLY A 115 18.93 5.66 26.23
N HIS A 116 20.20 5.25 26.23
CA HIS A 116 21.29 5.85 27.01
C HIS A 116 22.62 5.85 26.22
N LEU A 117 23.65 6.53 26.73
CA LEU A 117 24.92 6.78 26.06
C LEU A 117 26.11 6.09 26.75
N GLU A 118 26.97 5.43 25.96
CA GLU A 118 28.12 4.65 26.41
C GLU A 118 29.43 5.05 25.70
N HIS A 119 30.58 4.73 26.32
CA HIS A 119 31.93 4.77 25.71
C HIS A 119 33.02 4.26 26.68
N HIS A 120 32.94 4.66 27.95
CA HIS A 120 33.97 4.49 28.98
C HIS A 120 35.35 5.09 28.61
N HIS A 121 36.30 5.14 29.56
CA HIS A 121 37.72 5.40 29.30
C HIS A 121 38.63 4.54 30.21
N HIS A 122 39.94 4.62 30.01
CA HIS A 122 40.96 4.12 30.94
C HIS A 122 41.99 5.23 31.26
N HIS A 123 43.19 4.88 31.73
CA HIS A 123 44.23 5.85 32.15
C HIS A 123 45.53 5.72 31.32
N HIS A 124 46.46 4.82 31.67
CA HIS A 124 47.70 4.59 30.92
C HIS A 124 48.01 3.09 30.78
ZN ZN B . 3.48 -10.96 -2.31
N MET A 1 12.33 14.97 14.34
CA MET A 1 13.25 14.35 13.36
C MET A 1 14.67 14.38 13.91
N SER A 2 15.36 13.23 13.87
CA SER A 2 16.68 13.02 14.47
C SER A 2 17.52 12.02 13.66
N PHE A 3 18.76 11.79 14.09
CA PHE A 3 19.54 10.63 13.66
C PHE A 3 18.99 9.33 14.29
N CYS A 4 17.95 8.76 13.66
CA CYS A 4 17.48 7.37 13.80
C CYS A 4 17.31 6.79 15.23
N SER A 5 17.09 7.61 16.27
CA SER A 5 17.38 7.22 17.66
C SER A 5 16.33 6.32 18.38
N PHE A 6 15.64 5.45 17.62
CA PHE A 6 14.75 4.35 18.05
C PHE A 6 13.47 4.74 18.85
N PHE A 7 13.63 5.30 20.05
CA PHE A 7 12.56 5.72 20.98
C PHE A 7 11.50 4.62 21.26
N GLY A 8 10.31 5.05 21.68
CA GLY A 8 9.17 4.26 22.14
C GLY A 8 8.86 4.36 23.63
N GLY A 9 9.37 5.37 24.34
CA GLY A 9 9.16 5.57 25.78
C GLY A 9 7.80 6.20 26.14
N GLU A 10 7.16 6.91 25.21
CA GLU A 10 5.89 7.62 25.44
C GLU A 10 4.99 7.57 24.21
N VAL A 11 3.68 7.53 24.46
CA VAL A 11 2.63 7.25 23.49
C VAL A 11 1.86 8.49 23.02
N PHE A 12 1.85 9.59 23.79
CA PHE A 12 0.97 10.74 23.50
C PHE A 12 1.38 11.54 22.25
N GLN A 13 2.63 11.44 21.82
CA GLN A 13 3.12 11.92 20.53
C GLN A 13 2.61 11.10 19.34
N ASN A 14 2.25 9.83 19.54
CA ASN A 14 1.97 8.88 18.47
C ASN A 14 0.52 8.94 17.93
N HIS A 15 -0.35 9.80 18.48
CA HIS A 15 -1.75 9.87 18.05
C HIS A 15 -1.93 10.13 16.54
N PHE A 16 -2.46 9.12 15.84
CA PHE A 16 -2.73 9.10 14.40
C PHE A 16 -1.49 9.36 13.49
N GLU A 17 -0.30 8.87 13.88
CA GLU A 17 0.90 8.92 13.01
C GLU A 17 0.74 8.10 11.69
N PRO A 18 1.61 8.31 10.68
CA PRO A 18 1.60 7.55 9.43
C PRO A 18 2.22 6.14 9.57
N GLY A 19 2.23 5.39 8.48
CA GLY A 19 2.76 4.02 8.43
C GLY A 19 3.09 3.54 7.02
N VAL A 20 3.41 2.25 6.89
CA VAL A 20 3.97 1.62 5.69
C VAL A 20 3.18 0.36 5.31
N TYR A 21 3.31 -0.08 4.07
CA TYR A 21 2.64 -1.24 3.48
C TYR A 21 3.64 -2.40 3.37
N VAL A 22 3.19 -3.64 3.58
CA VAL A 22 4.03 -4.84 3.46
C VAL A 22 3.30 -6.00 2.79
N CYS A 23 4.05 -6.91 2.17
CA CYS A 23 3.46 -8.06 1.50
C CYS A 23 2.86 -9.06 2.52
N ALA A 24 1.78 -9.74 2.13
CA ALA A 24 1.29 -10.88 2.89
C ALA A 24 2.26 -12.09 2.85
N LYS A 25 3.17 -12.11 1.86
CA LYS A 25 3.92 -13.28 1.39
C LYS A 25 5.43 -13.11 1.43
N CYS A 26 5.88 -12.01 0.82
CA CYS A 26 7.27 -11.60 0.74
C CYS A 26 7.72 -10.93 2.06
N SER A 27 6.74 -10.39 2.80
CA SER A 27 6.85 -9.66 4.07
C SER A 27 7.79 -8.45 4.06
N TYR A 28 8.26 -8.05 2.86
CA TYR A 28 9.08 -6.87 2.66
C TYR A 28 8.22 -5.60 2.70
N GLU A 29 8.70 -4.53 3.33
CA GLU A 29 7.96 -3.27 3.47
C GLU A 29 8.21 -2.31 2.29
N LEU A 30 7.28 -2.23 1.32
CA LEU A 30 7.39 -1.32 0.17
C LEU A 30 6.05 -1.04 -0.55
N PHE A 31 5.83 0.23 -0.86
CA PHE A 31 4.83 0.81 -1.76
C PHE A 31 5.28 2.22 -2.17
N SER A 32 4.95 2.71 -3.37
CA SER A 32 5.38 4.05 -3.81
C SER A 32 4.38 5.14 -3.46
N SER A 33 4.92 6.30 -3.07
CA SER A 33 4.17 7.55 -2.90
C SER A 33 3.57 8.08 -4.21
N HIS A 34 4.08 7.64 -5.37
CA HIS A 34 3.59 8.04 -6.68
C HIS A 34 2.29 7.33 -7.12
N SER A 35 1.92 6.23 -6.45
CA SER A 35 0.84 5.33 -6.79
C SER A 35 -0.49 5.60 -6.09
N LYS A 36 -0.48 6.44 -5.04
CA LYS A 36 -1.69 6.91 -4.35
C LYS A 36 -1.68 8.43 -4.21
N TYR A 37 -2.82 9.06 -4.48
CA TYR A 37 -3.00 10.50 -4.34
C TYR A 37 -4.00 10.85 -3.23
N ALA A 38 -4.15 12.14 -2.98
CA ALA A 38 -5.09 12.71 -2.01
C ALA A 38 -6.43 13.07 -2.68
N HIS A 39 -7.53 12.59 -2.10
CA HIS A 39 -8.91 12.84 -2.50
C HIS A 39 -9.80 12.97 -1.25
N SER A 40 -10.68 13.98 -1.19
CA SER A 40 -11.56 14.20 -0.04
C SER A 40 -12.99 13.75 -0.30
N SER A 41 -13.26 12.47 -0.04
CA SER A 41 -14.54 11.80 -0.19
C SER A 41 -14.65 10.61 0.77
N PRO A 42 -15.85 10.02 0.98
CA PRO A 42 -15.93 8.62 1.36
C PRO A 42 -15.29 7.71 0.29
N TRP A 43 -14.97 6.49 0.67
CA TRP A 43 -14.55 5.38 -0.21
C TRP A 43 -13.51 5.72 -1.33
N PRO A 44 -12.34 6.30 -1.00
CA PRO A 44 -11.27 6.58 -1.97
C PRO A 44 -10.54 5.30 -2.44
N ALA A 45 -9.77 5.42 -3.53
CA ALA A 45 -9.06 4.31 -4.18
C ALA A 45 -7.63 4.69 -4.64
N PHE A 46 -6.92 3.73 -5.24
CA PHE A 46 -5.63 3.92 -5.92
C PHE A 46 -5.87 4.05 -7.44
N THR A 47 -4.81 4.29 -8.20
CA THR A 47 -4.87 4.44 -9.66
C THR A 47 -3.72 3.74 -10.37
N GLU A 48 -2.51 3.87 -9.84
CA GLU A 48 -1.29 3.23 -10.29
C GLU A 48 -0.60 2.41 -9.18
N THR A 49 0.55 1.83 -9.51
CA THR A 49 1.30 0.82 -8.74
C THR A 49 2.75 1.23 -8.43
N ILE A 50 3.36 0.57 -7.44
CA ILE A 50 4.77 0.67 -7.03
C ILE A 50 5.76 0.63 -8.21
N HIS A 51 5.43 -0.25 -9.15
CA HIS A 51 6.23 -0.60 -10.31
C HIS A 51 5.34 -1.19 -11.44
N PRO A 52 5.82 -1.21 -12.69
CA PRO A 52 5.14 -1.87 -13.81
C PRO A 52 5.29 -3.39 -13.81
N ASP A 53 6.52 -3.85 -13.60
CA ASP A 53 7.03 -5.18 -13.93
C ASP A 53 7.14 -6.15 -12.75
N SER A 54 7.25 -5.59 -11.55
CA SER A 54 7.48 -6.30 -10.28
C SER A 54 6.30 -7.16 -9.82
N VAL A 55 5.14 -6.79 -10.32
CA VAL A 55 3.84 -7.45 -10.17
C VAL A 55 3.21 -7.64 -11.54
N THR A 56 2.23 -8.53 -11.67
CA THR A 56 1.64 -8.96 -12.94
C THR A 56 0.13 -9.01 -12.86
N LYS A 57 -0.53 -8.40 -13.83
CA LYS A 57 -1.99 -8.35 -13.93
C LYS A 57 -2.52 -9.00 -15.19
N CYS A 58 -3.75 -9.49 -15.10
CA CYS A 58 -4.42 -10.25 -16.15
C CYS A 58 -5.92 -9.94 -16.28
N PRO A 59 -6.47 -9.95 -17.51
CA PRO A 59 -7.86 -9.54 -17.76
C PRO A 59 -8.90 -10.52 -17.23
N GLU A 60 -10.08 -9.99 -16.89
CA GLU A 60 -11.28 -10.80 -16.82
C GLU A 60 -11.78 -11.27 -18.19
N LYS A 61 -12.52 -12.38 -18.11
CA LYS A 61 -13.03 -13.15 -19.24
C LYS A 61 -14.49 -12.84 -19.56
N ASN A 62 -15.24 -12.71 -18.49
CA ASN A 62 -16.64 -12.31 -18.51
C ASN A 62 -16.82 -10.81 -18.29
N ARG A 63 -15.75 -10.08 -17.98
CA ARG A 63 -15.74 -8.64 -17.69
C ARG A 63 -14.58 -7.88 -18.35
N PRO A 64 -14.47 -7.87 -19.69
CA PRO A 64 -13.26 -7.47 -20.42
C PRO A 64 -13.05 -5.94 -20.55
N GLU A 65 -13.40 -5.20 -19.50
CA GLU A 65 -13.14 -3.78 -19.26
C GLU A 65 -12.35 -3.54 -17.95
N ALA A 66 -11.95 -4.64 -17.31
CA ALA A 66 -11.26 -4.69 -16.04
C ALA A 66 -10.31 -5.89 -15.98
N LEU A 67 -9.26 -5.72 -15.18
CA LEU A 67 -8.21 -6.71 -14.95
C LEU A 67 -8.15 -7.11 -13.48
N LYS A 68 -7.89 -8.39 -13.23
CA LYS A 68 -7.36 -8.90 -11.96
C LYS A 68 -5.88 -8.53 -11.87
N VAL A 69 -5.36 -8.29 -10.67
CA VAL A 69 -3.92 -8.10 -10.47
C VAL A 69 -3.37 -9.10 -9.45
N SER A 70 -2.20 -9.69 -9.73
CA SER A 70 -1.47 -10.50 -8.74
C SER A 70 -0.02 -10.09 -8.44
N CYS A 71 0.41 -10.45 -7.23
CA CYS A 71 1.82 -10.40 -6.86
C CYS A 71 2.46 -11.68 -7.42
N GLY A 72 2.85 -11.65 -8.68
CA GLY A 72 3.47 -12.82 -9.31
C GLY A 72 4.91 -13.10 -8.86
N LYS A 73 5.46 -12.24 -8.00
CA LYS A 73 6.68 -12.45 -7.20
C LYS A 73 6.60 -13.67 -6.28
N CYS A 74 5.44 -13.84 -5.66
CA CYS A 74 5.14 -14.79 -4.60
C CYS A 74 3.88 -15.65 -4.87
N GLY A 75 3.14 -15.30 -5.93
CA GLY A 75 1.98 -16.02 -6.45
C GLY A 75 0.65 -15.65 -5.77
N ASN A 76 0.45 -14.38 -5.44
CA ASN A 76 -0.75 -13.88 -4.76
C ASN A 76 -1.82 -13.39 -5.76
N GLY A 77 -2.34 -12.20 -5.48
CA GLY A 77 -3.55 -11.62 -6.02
C GLY A 77 -3.93 -10.36 -5.24
N LEU A 78 -3.08 -9.34 -5.35
CA LEU A 78 -3.15 -8.08 -4.58
C LEU A 78 -4.52 -7.40 -4.69
N GLY A 79 -5.08 -7.40 -5.90
CA GLY A 79 -6.23 -6.56 -6.19
C GLY A 79 -6.78 -6.68 -7.60
N HIS A 80 -7.33 -5.57 -8.09
CA HIS A 80 -7.82 -5.36 -9.45
C HIS A 80 -7.41 -3.99 -10.00
N GLU A 81 -7.45 -3.89 -11.32
CA GLU A 81 -7.07 -2.74 -12.14
C GLU A 81 -8.12 -2.55 -13.24
N PHE A 82 -8.90 -1.49 -13.14
CA PHE A 82 -9.98 -1.16 -14.07
C PHE A 82 -9.49 -0.22 -15.19
N LEU A 83 -10.18 -0.25 -16.34
CA LEU A 83 -10.02 0.67 -17.48
C LEU A 83 -11.10 1.79 -17.44
N ASN A 84 -11.21 2.56 -18.53
CA ASN A 84 -12.35 3.40 -18.91
C ASN A 84 -12.62 4.62 -18.00
N ASP A 85 -11.60 5.12 -17.31
CA ASP A 85 -11.68 6.35 -16.52
C ASP A 85 -10.45 7.27 -16.51
N GLY A 86 -9.28 6.78 -16.91
CA GLY A 86 -7.99 7.44 -16.73
C GLY A 86 -7.29 7.87 -18.03
N PRO A 87 -7.85 8.81 -18.83
CA PRO A 87 -7.41 9.07 -20.20
C PRO A 87 -5.96 9.57 -20.35
N LYS A 88 -5.36 10.10 -19.29
CA LYS A 88 -3.95 10.53 -19.24
C LYS A 88 -2.95 9.44 -18.82
N ARG A 89 -3.39 8.41 -18.11
CA ARG A 89 -2.60 7.40 -17.44
C ARG A 89 -2.54 6.05 -18.16
N GLY A 90 -1.62 5.20 -17.73
CA GLY A 90 -1.49 3.82 -18.20
C GLY A 90 -2.54 2.85 -17.62
N GLN A 91 -3.16 3.28 -16.52
CA GLN A 91 -4.15 2.63 -15.70
C GLN A 91 -5.30 3.62 -15.43
N SER A 92 -6.51 3.13 -15.10
CA SER A 92 -7.67 4.02 -14.87
C SER A 92 -8.08 4.23 -13.42
N ARG A 93 -8.22 3.11 -12.76
CA ARG A 93 -8.49 2.94 -11.31
C ARG A 93 -7.89 1.64 -10.81
N PHE A 94 -7.32 1.65 -9.60
CA PHE A 94 -6.73 0.47 -8.98
C PHE A 94 -7.38 0.24 -7.61
N CYS A 95 -7.83 -1.00 -7.38
CA CYS A 95 -8.54 -1.41 -6.18
C CYS A 95 -7.87 -2.65 -5.57
N ILE A 96 -7.99 -2.87 -4.27
CA ILE A 96 -7.15 -3.83 -3.54
C ILE A 96 -7.99 -4.78 -2.67
N PHE A 97 -7.36 -5.87 -2.22
CA PHE A 97 -7.95 -6.86 -1.33
C PHE A 97 -7.37 -6.83 0.10
N SER A 98 -8.28 -6.70 1.06
CA SER A 98 -8.13 -6.86 2.52
C SER A 98 -7.36 -8.11 3.00
N SER A 99 -7.27 -9.12 2.14
CA SER A 99 -6.74 -10.47 2.39
C SER A 99 -5.40 -10.76 1.67
N SER A 100 -4.85 -9.79 0.93
CA SER A 100 -3.66 -9.99 0.08
C SER A 100 -2.40 -9.31 0.59
N LEU A 101 -2.52 -8.33 1.48
CA LEU A 101 -1.37 -7.66 2.11
C LEU A 101 -1.67 -7.02 3.47
N LYS A 102 -0.63 -6.53 4.14
CA LYS A 102 -0.65 -5.97 5.49
C LYS A 102 -0.14 -4.53 5.54
N PHE A 103 -0.40 -3.85 6.66
CA PHE A 103 0.07 -2.52 6.99
C PHE A 103 0.86 -2.59 8.28
N VAL A 104 1.97 -1.87 8.32
CA VAL A 104 2.79 -1.65 9.53
C VAL A 104 2.84 -0.16 9.89
N PRO A 105 2.19 0.28 10.99
CA PRO A 105 2.20 1.68 11.38
C PRO A 105 3.51 2.08 12.08
N LYS A 106 3.74 3.39 12.28
CA LYS A 106 4.66 3.87 13.29
C LYS A 106 4.20 3.50 14.72
N GLY A 107 5.02 3.87 15.68
CA GLY A 107 4.84 3.57 17.10
C GLY A 107 6.05 3.83 18.00
N LYS A 108 7.26 3.49 17.52
CA LYS A 108 8.52 3.64 18.25
C LYS A 108 9.25 4.93 17.92
N GLU A 109 9.56 5.10 16.63
CA GLU A 109 10.36 6.21 16.09
C GLU A 109 9.83 7.60 16.48
N ALA A 110 8.51 7.73 16.39
CA ALA A 110 7.68 8.86 16.82
C ALA A 110 8.18 10.24 16.30
N ALA A 111 8.00 10.47 14.99
CA ALA A 111 8.63 11.56 14.23
C ALA A 111 10.17 11.67 14.36
N ALA A 112 10.85 10.63 14.88
CA ALA A 112 12.27 10.56 15.23
C ALA A 112 12.69 11.63 16.27
N SER A 113 12.60 11.27 17.55
CA SER A 113 13.18 11.99 18.69
C SER A 113 14.66 11.65 18.94
N GLN A 114 15.34 12.33 19.86
CA GLN A 114 16.75 12.13 20.18
C GLN A 114 17.00 10.96 21.17
N GLY A 115 18.25 10.48 21.26
CA GLY A 115 18.69 9.52 22.29
C GLY A 115 19.71 8.49 21.81
N HIS A 116 21.00 8.84 21.84
CA HIS A 116 22.09 7.96 21.41
C HIS A 116 23.39 8.17 22.22
N LEU A 117 24.42 7.35 21.96
CA LEU A 117 25.65 7.26 22.74
C LEU A 117 26.83 7.99 22.06
N GLU A 118 27.58 8.77 22.82
CA GLU A 118 28.81 9.48 22.42
C GLU A 118 30.05 8.57 22.30
N HIS A 119 29.88 7.37 21.74
CA HIS A 119 30.94 6.37 21.58
C HIS A 119 32.04 6.81 20.61
N HIS A 120 33.24 6.25 20.77
CA HIS A 120 34.37 6.50 19.89
C HIS A 120 35.00 5.22 19.33
N HIS A 121 35.04 4.12 20.10
CA HIS A 121 35.78 2.88 19.77
C HIS A 121 37.20 3.16 19.24
N HIS A 122 38.08 3.55 20.17
CA HIS A 122 39.47 3.90 19.90
C HIS A 122 40.34 3.61 21.14
N HIS A 123 41.62 3.30 20.92
CA HIS A 123 42.61 3.09 21.98
C HIS A 123 43.89 3.88 21.70
N HIS A 124 44.55 3.57 20.59
CA HIS A 124 45.85 4.14 20.19
C HIS A 124 46.04 4.00 18.67
ZN ZN B . 4.46 -10.37 -2.70
N MET A 1 9.98 -6.00 17.19
CA MET A 1 9.95 -4.76 16.38
C MET A 1 8.54 -4.45 15.88
N SER A 2 7.81 -5.39 15.27
CA SER A 2 6.37 -5.25 15.03
C SER A 2 5.67 -6.63 14.96
N PHE A 3 4.64 -6.83 15.78
CA PHE A 3 3.77 -8.01 15.78
C PHE A 3 2.33 -7.65 16.25
N CYS A 4 1.39 -8.58 16.05
CA CYS A 4 -0.06 -8.42 16.15
C CYS A 4 -0.69 -7.47 15.11
N SER A 5 -1.83 -7.88 14.55
CA SER A 5 -2.62 -7.14 13.56
C SER A 5 -4.11 -7.33 13.85
N PHE A 6 -4.82 -6.31 14.33
CA PHE A 6 -6.23 -6.39 14.75
C PHE A 6 -7.19 -5.73 13.74
N PHE A 7 -8.47 -6.12 13.78
CA PHE A 7 -9.48 -5.82 12.75
C PHE A 7 -10.91 -6.02 13.28
N GLY A 8 -11.93 -5.65 12.51
CA GLY A 8 -13.34 -5.97 12.80
C GLY A 8 -14.08 -4.95 13.66
N GLY A 9 -13.68 -3.67 13.59
CA GLY A 9 -14.32 -2.53 14.26
C GLY A 9 -13.43 -1.29 14.41
N GLU A 10 -12.40 -1.10 13.58
CA GLU A 10 -11.32 -0.15 13.84
C GLU A 10 -11.65 1.32 13.56
N VAL A 11 -11.03 2.17 14.36
CA VAL A 11 -11.33 3.60 14.56
C VAL A 11 -10.24 4.57 14.04
N PHE A 12 -9.04 4.08 13.72
CA PHE A 12 -7.83 4.90 13.42
C PHE A 12 -7.97 6.00 12.36
N GLN A 13 -9.02 5.98 11.54
CA GLN A 13 -9.19 6.79 10.33
C GLN A 13 -9.21 8.32 10.55
N ASN A 14 -9.34 8.75 11.81
CA ASN A 14 -9.28 10.14 12.24
C ASN A 14 -7.89 10.62 12.73
N HIS A 15 -6.84 9.80 12.69
CA HIS A 15 -5.44 10.21 12.83
C HIS A 15 -4.56 9.71 11.67
N PHE A 16 -3.38 10.31 11.51
CA PHE A 16 -2.62 10.32 10.26
C PHE A 16 -1.10 10.12 10.50
N GLU A 17 -0.70 9.04 11.17
CA GLU A 17 0.71 8.76 11.44
C GLU A 17 1.50 8.27 10.20
N PRO A 18 2.78 8.67 10.05
CA PRO A 18 3.61 8.31 8.91
C PRO A 18 4.13 6.87 9.07
N GLY A 19 4.44 6.21 7.95
CA GLY A 19 4.80 4.79 7.96
C GLY A 19 5.12 4.25 6.58
N VAL A 20 5.24 2.92 6.48
CA VAL A 20 5.51 2.20 5.23
C VAL A 20 4.49 1.07 5.02
N TYR A 21 4.35 0.61 3.79
CA TYR A 21 3.48 -0.50 3.40
C TYR A 21 4.30 -1.63 2.80
N VAL A 22 3.91 -2.88 3.07
CA VAL A 22 4.69 -4.07 2.70
C VAL A 22 3.80 -5.21 2.25
N CYS A 23 4.32 -6.14 1.42
CA CYS A 23 3.52 -7.26 0.93
C CYS A 23 2.99 -8.12 2.09
N ALA A 24 1.74 -8.58 1.99
CA ALA A 24 1.18 -9.45 3.03
C ALA A 24 1.94 -10.79 3.11
N LYS A 25 2.56 -11.21 2.00
CA LYS A 25 3.27 -12.48 1.83
C LYS A 25 4.79 -12.30 1.84
N CYS A 26 5.27 -11.43 0.95
CA CYS A 26 6.68 -11.20 0.70
C CYS A 26 7.30 -10.19 1.70
N SER A 27 6.46 -9.29 2.24
CA SER A 27 6.83 -8.17 3.09
C SER A 27 7.95 -7.27 2.53
N TYR A 28 8.11 -7.25 1.21
CA TYR A 28 8.95 -6.28 0.51
C TYR A 28 8.32 -4.89 0.65
N GLU A 29 9.10 -3.89 1.05
CA GLU A 29 8.58 -2.65 1.64
C GLU A 29 8.53 -1.51 0.62
N LEU A 30 7.34 -1.12 0.14
CA LEU A 30 7.19 -0.12 -0.93
C LEU A 30 5.77 0.45 -1.10
N PHE A 31 5.75 1.76 -1.25
CA PHE A 31 4.64 2.64 -1.63
C PHE A 31 5.16 4.01 -2.15
N SER A 32 4.29 4.84 -2.74
CA SER A 32 4.60 6.23 -3.12
C SER A 32 3.76 7.26 -2.37
N SER A 33 4.34 8.44 -2.14
CA SER A 33 3.62 9.58 -1.57
C SER A 33 2.61 10.23 -2.54
N HIS A 34 2.73 10.00 -3.86
CA HIS A 34 1.89 10.66 -4.87
C HIS A 34 0.65 9.86 -5.31
N SER A 35 0.64 8.55 -5.06
CA SER A 35 -0.22 7.59 -5.73
C SER A 35 -1.60 7.45 -5.10
N LYS A 36 -1.76 7.98 -3.88
CA LYS A 36 -2.98 7.92 -3.07
C LYS A 36 -3.67 9.27 -2.89
N TYR A 37 -5.00 9.26 -2.87
CA TYR A 37 -5.85 10.43 -2.66
C TYR A 37 -6.93 10.18 -1.60
N ALA A 38 -7.35 11.28 -0.97
CA ALA A 38 -8.23 11.24 0.20
C ALA A 38 -9.72 11.20 -0.19
N HIS A 39 -10.39 10.08 0.10
CA HIS A 39 -11.86 9.97 0.10
C HIS A 39 -12.34 8.87 1.07
N SER A 40 -13.35 9.16 1.89
CA SER A 40 -13.99 8.20 2.77
C SER A 40 -15.09 7.41 2.05
N SER A 41 -14.73 6.23 1.57
CA SER A 41 -15.62 5.14 1.15
C SER A 41 -14.86 3.80 1.10
N PRO A 42 -15.54 2.65 1.25
CA PRO A 42 -14.91 1.34 1.12
C PRO A 42 -14.48 1.07 -0.33
N TRP A 43 -13.34 0.38 -0.48
CA TRP A 43 -12.59 0.17 -1.73
C TRP A 43 -12.22 1.47 -2.49
N PRO A 44 -11.45 2.39 -1.87
CA PRO A 44 -10.84 3.53 -2.55
C PRO A 44 -9.66 3.09 -3.44
N ALA A 45 -9.29 3.92 -4.41
CA ALA A 45 -8.28 3.59 -5.41
C ALA A 45 -6.99 4.43 -5.31
N PHE A 46 -5.93 3.91 -5.90
CA PHE A 46 -4.67 4.58 -6.21
C PHE A 46 -4.67 4.99 -7.70
N THR A 47 -3.80 5.92 -8.07
CA THR A 47 -3.35 6.06 -9.45
C THR A 47 -2.28 5.03 -9.78
N GLU A 48 -1.16 5.06 -9.06
CA GLU A 48 0.06 4.35 -9.38
C GLU A 48 0.24 3.04 -8.63
N THR A 49 1.22 2.31 -9.14
CA THR A 49 1.77 1.05 -8.62
C THR A 49 3.27 1.19 -8.30
N ILE A 50 3.70 0.62 -7.17
CA ILE A 50 5.12 0.61 -6.75
C ILE A 50 5.68 -0.82 -6.61
N HIS A 51 4.80 -1.80 -6.44
CA HIS A 51 5.09 -3.23 -6.32
C HIS A 51 5.86 -3.79 -7.54
N PRO A 52 6.74 -4.80 -7.37
CA PRO A 52 7.64 -5.25 -8.42
C PRO A 52 6.91 -6.00 -9.54
N ASP A 53 7.44 -5.95 -10.75
CA ASP A 53 6.81 -6.39 -12.00
C ASP A 53 6.87 -7.91 -12.24
N SER A 54 7.35 -8.66 -11.24
CA SER A 54 7.15 -10.10 -11.09
C SER A 54 5.70 -10.51 -10.78
N VAL A 55 4.86 -9.54 -10.44
CA VAL A 55 3.41 -9.72 -10.34
C VAL A 55 2.81 -9.94 -11.73
N THR A 56 1.69 -10.65 -11.75
CA THR A 56 0.95 -11.06 -12.95
C THR A 56 -0.51 -10.66 -12.89
N LYS A 57 -1.10 -10.29 -14.02
CA LYS A 57 -2.49 -9.85 -14.11
C LYS A 57 -3.32 -10.61 -15.14
N CYS A 58 -4.63 -10.55 -14.96
CA CYS A 58 -5.61 -11.21 -15.83
C CYS A 58 -6.89 -10.39 -16.07
N PRO A 59 -7.45 -10.38 -17.29
CA PRO A 59 -8.59 -9.53 -17.62
C PRO A 59 -9.92 -10.00 -17.04
N GLU A 60 -10.83 -9.05 -16.83
CA GLU A 60 -12.22 -9.36 -16.52
C GLU A 60 -12.93 -10.04 -17.69
N LYS A 61 -13.95 -10.82 -17.37
CA LYS A 61 -14.70 -11.64 -18.34
C LYS A 61 -16.04 -11.07 -18.74
N ASN A 62 -16.79 -10.65 -17.73
CA ASN A 62 -18.08 -9.99 -17.82
C ASN A 62 -17.95 -8.49 -17.48
N ARG A 63 -16.71 -7.98 -17.34
CA ARG A 63 -16.44 -6.57 -17.03
C ARG A 63 -15.29 -5.95 -17.85
N PRO A 64 -15.34 -5.96 -19.19
CA PRO A 64 -14.17 -5.82 -20.07
C PRO A 64 -13.60 -4.38 -20.22
N GLU A 65 -13.76 -3.59 -19.16
CA GLU A 65 -13.36 -2.20 -18.97
C GLU A 65 -12.20 -2.06 -17.96
N ALA A 66 -11.73 -3.20 -17.44
CA ALA A 66 -10.79 -3.33 -16.36
C ALA A 66 -10.16 -4.73 -16.39
N LEU A 67 -9.11 -4.90 -15.60
CA LEU A 67 -8.47 -6.18 -15.34
C LEU A 67 -8.09 -6.41 -13.87
N LYS A 68 -8.00 -7.67 -13.47
CA LYS A 68 -7.55 -8.10 -12.14
C LYS A 68 -6.04 -8.24 -12.12
N VAL A 69 -5.39 -7.97 -11.00
CA VAL A 69 -3.95 -8.17 -10.83
C VAL A 69 -3.64 -9.02 -9.58
N SER A 70 -2.63 -9.87 -9.72
CA SER A 70 -2.24 -10.92 -8.77
C SER A 70 -0.75 -10.91 -8.40
N CYS A 71 -0.44 -11.20 -7.13
CA CYS A 71 0.92 -11.45 -6.68
C CYS A 71 1.25 -12.95 -6.89
N GLY A 72 1.63 -13.31 -8.12
CA GLY A 72 2.16 -14.64 -8.44
C GLY A 72 3.65 -14.81 -8.09
N LYS A 73 4.25 -13.83 -7.39
CA LYS A 73 5.50 -13.96 -6.64
C LYS A 73 5.38 -15.03 -5.56
N CYS A 74 4.27 -14.95 -4.82
CA CYS A 74 4.05 -15.56 -3.54
C CYS A 74 2.69 -16.31 -3.44
N GLY A 75 1.72 -15.87 -4.24
CA GLY A 75 0.46 -16.55 -4.52
C GLY A 75 -0.76 -15.88 -3.89
N ASN A 76 -1.06 -14.65 -4.30
CA ASN A 76 -2.30 -13.96 -4.08
C ASN A 76 -2.81 -13.45 -5.45
N GLY A 77 -4.04 -13.01 -5.54
CA GLY A 77 -4.77 -12.76 -6.78
C GLY A 77 -6.19 -12.29 -6.59
N LEU A 78 -6.29 -11.00 -6.26
CA LEU A 78 -7.49 -10.33 -5.75
C LEU A 78 -7.68 -8.85 -6.09
N GLY A 79 -6.59 -8.18 -6.47
CA GLY A 79 -6.60 -6.76 -6.82
C GLY A 79 -6.96 -6.52 -8.29
N HIS A 80 -6.94 -5.25 -8.68
CA HIS A 80 -7.43 -4.73 -9.94
C HIS A 80 -6.60 -3.53 -10.46
N GLU A 81 -6.63 -3.34 -11.76
CA GLU A 81 -6.08 -2.27 -12.57
C GLU A 81 -7.16 -1.94 -13.60
N PHE A 82 -7.58 -0.68 -13.65
CA PHE A 82 -8.69 -0.27 -14.54
C PHE A 82 -8.10 0.35 -15.82
N LEU A 83 -8.34 -0.28 -16.97
CA LEU A 83 -7.61 -0.04 -18.22
C LEU A 83 -8.42 -0.46 -19.45
N ASN A 84 -8.01 0.04 -20.61
CA ASN A 84 -8.62 -0.11 -21.94
C ASN A 84 -9.94 0.68 -22.14
N ASP A 85 -10.47 1.21 -21.04
CA ASP A 85 -11.53 2.23 -21.00
C ASP A 85 -10.98 3.67 -21.01
N GLY A 86 -9.70 3.83 -20.64
CA GLY A 86 -9.07 5.07 -20.29
C GLY A 86 -7.96 5.51 -21.24
N PRO A 87 -8.28 5.98 -22.47
CA PRO A 87 -7.30 6.63 -23.34
C PRO A 87 -6.93 8.05 -22.86
N LYS A 88 -7.72 8.56 -21.91
CA LYS A 88 -7.61 9.81 -21.17
C LYS A 88 -6.49 9.71 -20.14
N ARG A 89 -5.29 10.07 -20.59
CA ARG A 89 -4.04 10.12 -19.82
C ARG A 89 -3.97 11.29 -18.83
N GLY A 90 -2.74 11.58 -18.40
CA GLY A 90 -2.37 12.13 -17.11
C GLY A 90 -2.37 11.05 -16.01
N GLN A 91 -2.70 9.81 -16.42
CA GLN A 91 -3.49 8.91 -15.60
C GLN A 91 -3.11 7.42 -15.66
N SER A 92 -3.55 6.70 -14.63
CA SER A 92 -3.29 5.35 -14.20
C SER A 92 -4.32 5.13 -13.06
N ARG A 93 -4.88 3.93 -12.91
CA ARG A 93 -5.84 3.56 -11.84
C ARG A 93 -5.61 2.12 -11.34
N PHE A 94 -5.45 1.94 -10.04
CA PHE A 94 -5.16 0.66 -9.37
C PHE A 94 -5.95 0.51 -8.05
N CYS A 95 -6.52 -0.67 -7.78
CA CYS A 95 -7.30 -0.94 -6.57
C CYS A 95 -7.09 -2.37 -6.03
N ILE A 96 -6.68 -2.50 -4.76
CA ILE A 96 -6.36 -3.79 -4.11
C ILE A 96 -7.13 -3.97 -2.79
N PHE A 97 -7.25 -5.21 -2.34
CA PHE A 97 -7.74 -5.51 -0.99
C PHE A 97 -6.72 -5.10 0.07
N SER A 98 -7.20 -4.47 1.16
CA SER A 98 -6.37 -4.06 2.29
C SER A 98 -5.51 -5.17 2.90
N SER A 99 -6.04 -6.40 3.00
CA SER A 99 -5.32 -7.53 3.60
C SER A 99 -4.35 -8.24 2.63
N SER A 100 -4.28 -7.78 1.36
CA SER A 100 -3.19 -8.13 0.44
C SER A 100 -1.83 -7.56 0.85
N LEU A 101 -1.85 -6.56 1.72
CA LEU A 101 -0.66 -5.94 2.30
C LEU A 101 -0.75 -5.70 3.81
N LYS A 102 0.37 -5.25 4.39
CA LYS A 102 0.53 -4.83 5.77
C LYS A 102 1.01 -3.39 5.85
N PHE A 103 0.83 -2.78 7.01
CA PHE A 103 1.27 -1.46 7.39
C PHE A 103 2.25 -1.58 8.55
N VAL A 104 3.40 -0.94 8.39
CA VAL A 104 4.43 -0.75 9.42
C VAL A 104 4.59 0.75 9.68
N PRO A 105 3.87 1.31 10.69
CA PRO A 105 3.95 2.74 10.98
C PRO A 105 5.23 3.10 11.74
N LYS A 106 5.45 4.41 11.89
CA LYS A 106 6.31 4.97 12.94
C LYS A 106 5.88 4.54 14.35
N GLY A 107 6.63 5.02 15.34
CA GLY A 107 6.39 4.74 16.76
C GLY A 107 6.41 3.26 17.15
N LYS A 108 7.39 2.53 16.60
CA LYS A 108 7.67 1.12 16.89
C LYS A 108 8.88 0.89 17.79
N GLU A 109 9.91 1.70 17.58
CA GLU A 109 11.14 1.71 18.35
C GLU A 109 11.21 2.99 19.18
N ALA A 110 11.97 3.97 18.67
CA ALA A 110 12.32 5.23 19.37
C ALA A 110 12.93 5.01 20.78
N ALA A 111 13.16 6.10 21.52
CA ALA A 111 13.87 6.11 22.81
C ALA A 111 15.29 5.50 22.72
N ALA A 112 16.07 5.98 21.75
CA ALA A 112 17.33 5.40 21.26
C ALA A 112 17.17 3.99 20.62
N SER A 113 18.12 3.61 19.76
CA SER A 113 18.00 2.43 18.91
C SER A 113 19.37 1.82 18.56
N GLN A 114 20.20 1.67 19.60
CA GLN A 114 21.58 1.26 19.49
C GLN A 114 21.70 -0.26 19.30
N GLY A 115 21.80 -0.69 18.05
CA GLY A 115 21.97 -2.08 17.63
C GLY A 115 21.89 -2.24 16.11
N HIS A 116 22.73 -3.12 15.56
CA HIS A 116 22.75 -3.52 14.15
C HIS A 116 23.30 -4.95 14.01
N LEU A 117 23.16 -5.55 12.83
CA LEU A 117 23.72 -6.85 12.47
C LEU A 117 24.74 -6.73 11.33
N GLU A 118 25.73 -7.62 11.34
CA GLU A 118 26.64 -7.86 10.22
C GLU A 118 27.07 -9.35 10.16
N HIS A 119 27.00 -9.97 8.99
CA HIS A 119 27.51 -11.34 8.74
C HIS A 119 27.78 -11.55 7.24
N HIS A 120 28.72 -12.44 6.89
CA HIS A 120 29.02 -12.92 5.53
C HIS A 120 30.15 -13.97 5.60
N HIS A 121 30.66 -14.40 4.44
CA HIS A 121 31.91 -15.16 4.27
C HIS A 121 31.98 -16.56 4.91
N HIS A 122 30.83 -17.15 5.26
CA HIS A 122 30.75 -18.48 5.90
C HIS A 122 31.37 -19.58 5.01
N HIS A 123 31.21 -19.45 3.69
CA HIS A 123 31.94 -20.21 2.65
C HIS A 123 31.85 -21.75 2.83
N HIS A 124 32.80 -22.50 2.24
CA HIS A 124 33.15 -23.90 2.52
C HIS A 124 32.01 -24.94 2.44
ZN ZN B . 3.66 -10.73 -2.60
N MET A 1 -11.27 1.41 32.06
CA MET A 1 -10.67 2.27 31.02
C MET A 1 -11.25 1.90 29.66
N SER A 2 -11.76 2.86 28.89
CA SER A 2 -12.09 2.82 27.44
C SER A 2 -13.01 1.72 26.87
N PHE A 3 -13.45 0.75 27.68
CA PHE A 3 -14.16 -0.47 27.25
C PHE A 3 -15.67 -0.24 27.02
N CYS A 4 -16.01 0.51 25.97
CA CYS A 4 -17.39 0.71 25.53
C CYS A 4 -17.47 0.84 23.99
N SER A 5 -18.11 -0.14 23.35
CA SER A 5 -18.37 -0.25 21.90
C SER A 5 -19.25 -1.48 21.61
N PHE A 6 -20.06 -1.36 20.58
CA PHE A 6 -20.96 -2.37 20.01
C PHE A 6 -20.90 -2.35 18.46
N PHE A 7 -21.34 -3.42 17.79
CA PHE A 7 -21.22 -3.57 16.35
C PHE A 7 -22.21 -2.71 15.53
N GLY A 8 -21.96 -2.65 14.21
CA GLY A 8 -22.81 -1.95 13.23
C GLY A 8 -22.17 -1.79 11.84
N GLY A 9 -20.84 -1.85 11.76
CA GLY A 9 -20.10 -1.89 10.49
C GLY A 9 -18.58 -1.94 10.68
N GLU A 10 -17.93 -0.78 10.62
CA GLU A 10 -16.46 -0.67 10.67
C GLU A 10 -15.99 0.63 11.35
N VAL A 11 -14.84 0.55 12.01
CA VAL A 11 -14.12 1.67 12.63
C VAL A 11 -12.80 1.97 11.92
N PHE A 12 -12.22 1.03 11.17
CA PHE A 12 -10.85 1.20 10.64
C PHE A 12 -10.76 2.29 9.55
N GLN A 13 -11.87 2.59 8.87
CA GLN A 13 -12.05 3.78 8.02
C GLN A 13 -11.71 5.12 8.70
N ASN A 14 -11.74 5.17 10.02
CA ASN A 14 -11.43 6.36 10.82
C ASN A 14 -9.94 6.46 11.22
N HIS A 15 -9.08 5.51 10.83
CA HIS A 15 -7.65 5.46 11.12
C HIS A 15 -6.78 5.69 9.89
N PHE A 16 -5.65 6.38 10.09
CA PHE A 16 -4.87 7.06 9.04
C PHE A 16 -3.36 7.22 9.33
N GLU A 17 -2.81 6.53 10.33
CA GLU A 17 -1.45 6.77 10.84
C GLU A 17 -0.33 6.31 9.86
N PRO A 18 0.86 6.96 9.89
CA PRO A 18 1.99 6.56 9.05
C PRO A 18 2.52 5.16 9.36
N GLY A 19 3.07 4.51 8.34
CA GLY A 19 3.47 3.12 8.39
C GLY A 19 4.01 2.61 7.06
N VAL A 20 4.16 1.29 6.96
CA VAL A 20 4.66 0.60 5.76
C VAL A 20 3.69 -0.51 5.34
N TYR A 21 3.75 -0.90 4.07
CA TYR A 21 2.96 -2.02 3.54
C TYR A 21 3.89 -3.21 3.31
N VAL A 22 3.41 -4.43 3.53
CA VAL A 22 4.21 -5.66 3.39
C VAL A 22 3.42 -6.79 2.75
N CYS A 23 4.11 -7.72 2.09
CA CYS A 23 3.44 -8.76 1.33
C CYS A 23 2.59 -9.71 2.21
N ALA A 24 1.55 -10.27 1.60
CA ALA A 24 0.73 -11.31 2.23
C ALA A 24 1.54 -12.59 2.50
N LYS A 25 2.34 -13.02 1.52
CA LYS A 25 3.18 -14.24 1.58
C LYS A 25 4.62 -13.95 1.93
N CYS A 26 5.23 -12.99 1.25
CA CYS A 26 6.65 -12.70 1.31
C CYS A 26 7.02 -11.89 2.58
N SER A 27 6.03 -11.14 3.10
CA SER A 27 6.14 -10.12 4.15
C SER A 27 7.23 -9.06 3.92
N TYR A 28 7.72 -8.93 2.68
CA TYR A 28 8.71 -7.93 2.30
C TYR A 28 8.10 -6.53 2.30
N GLU A 29 8.78 -5.56 2.90
CA GLU A 29 8.22 -4.23 3.17
C GLU A 29 8.48 -3.22 2.04
N LEU A 30 7.43 -2.76 1.34
CA LEU A 30 7.50 -1.79 0.25
C LEU A 30 6.16 -1.10 -0.05
N PHE A 31 6.25 0.20 -0.33
CA PHE A 31 5.24 1.06 -0.97
C PHE A 31 5.87 2.36 -1.51
N SER A 32 5.21 3.00 -2.47
CA SER A 32 5.43 4.39 -2.90
C SER A 32 4.28 5.31 -2.47
N SER A 33 4.59 6.59 -2.25
CA SER A 33 3.65 7.69 -2.02
C SER A 33 3.24 8.40 -3.32
N HIS A 34 4.21 8.75 -4.17
CA HIS A 34 4.04 9.60 -5.35
C HIS A 34 3.32 8.90 -6.53
N SER A 35 3.12 7.59 -6.43
CA SER A 35 2.32 6.76 -7.32
C SER A 35 0.80 6.93 -7.13
N LYS A 36 0.38 7.57 -6.03
CA LYS A 36 -1.01 7.92 -5.72
C LYS A 36 -1.20 9.44 -5.52
N TYR A 37 -2.46 9.85 -5.40
CA TYR A 37 -2.88 11.14 -4.90
C TYR A 37 -3.21 11.06 -3.41
N ALA A 38 -3.26 12.22 -2.77
CA ALA A 38 -3.78 12.35 -1.41
C ALA A 38 -5.30 12.04 -1.39
N HIS A 39 -5.75 11.21 -0.46
CA HIS A 39 -7.12 10.70 -0.44
C HIS A 39 -8.15 11.83 -0.20
N SER A 40 -9.26 11.79 -0.93
CA SER A 40 -10.37 12.74 -0.86
C SER A 40 -11.70 12.02 -1.13
N SER A 41 -12.66 12.20 -0.21
CA SER A 41 -14.01 11.59 -0.20
C SER A 41 -14.04 10.02 -0.18
N PRO A 42 -15.21 9.35 -0.08
CA PRO A 42 -15.27 7.92 0.23
C PRO A 42 -14.85 7.01 -0.93
N TRP A 43 -14.65 5.73 -0.61
CA TRP A 43 -14.10 4.70 -1.50
C TRP A 43 -12.81 5.17 -2.23
N PRO A 44 -11.81 5.78 -1.53
CA PRO A 44 -10.64 6.37 -2.18
C PRO A 44 -9.73 5.28 -2.76
N ALA A 45 -9.17 5.57 -3.93
CA ALA A 45 -8.29 4.69 -4.69
C ALA A 45 -6.89 5.30 -4.83
N PHE A 46 -6.01 4.60 -5.56
CA PHE A 46 -4.76 5.15 -6.09
C PHE A 46 -4.80 5.20 -7.61
N THR A 47 -4.06 6.12 -8.22
CA THR A 47 -3.90 6.16 -9.67
C THR A 47 -3.10 4.94 -10.12
N GLU A 48 -1.89 4.78 -9.58
CA GLU A 48 -0.94 3.74 -9.92
C GLU A 48 -0.30 3.15 -8.64
N THR A 49 0.78 2.38 -8.81
CA THR A 49 1.54 1.76 -7.71
C THR A 49 3.04 2.00 -7.88
N ILE A 50 3.85 1.45 -6.97
CA ILE A 50 5.32 1.43 -7.04
C ILE A 50 5.84 0.82 -8.36
N HIS A 51 5.04 -0.06 -8.97
CA HIS A 51 5.36 -0.88 -10.16
C HIS A 51 6.77 -1.52 -10.11
N PRO A 52 6.98 -2.50 -9.21
CA PRO A 52 8.07 -3.45 -9.39
C PRO A 52 7.80 -4.36 -10.59
N ASP A 53 8.82 -5.13 -10.98
CA ASP A 53 8.88 -6.07 -12.09
C ASP A 53 8.61 -7.54 -11.69
N SER A 54 8.42 -7.79 -10.40
CA SER A 54 8.18 -9.10 -9.78
C SER A 54 6.70 -9.43 -9.56
N VAL A 55 5.86 -8.44 -9.81
CA VAL A 55 4.39 -8.51 -9.82
C VAL A 55 3.90 -8.53 -11.27
N THR A 56 2.71 -9.06 -11.49
CA THR A 56 2.08 -9.21 -12.82
C THR A 56 0.60 -8.87 -12.73
N LYS A 57 -0.06 -8.66 -13.87
CA LYS A 57 -1.50 -8.55 -13.96
C LYS A 57 -2.09 -9.32 -15.13
N CYS A 58 -3.36 -9.63 -14.97
CA CYS A 58 -4.17 -10.35 -15.95
C CYS A 58 -5.60 -9.79 -16.08
N PRO A 59 -6.29 -9.97 -17.22
CA PRO A 59 -7.65 -9.49 -17.41
C PRO A 59 -8.71 -10.40 -16.81
N GLU A 60 -9.85 -9.81 -16.47
CA GLU A 60 -11.10 -10.52 -16.53
C GLU A 60 -11.66 -10.60 -17.96
N LYS A 61 -12.38 -11.69 -18.21
CA LYS A 61 -12.88 -12.15 -19.52
C LYS A 61 -14.39 -12.11 -19.62
N ASN A 62 -15.05 -12.37 -18.50
CA ASN A 62 -16.46 -12.08 -18.25
C ASN A 62 -16.74 -10.64 -17.79
N ARG A 63 -15.68 -9.89 -17.48
CA ARG A 63 -15.68 -8.45 -17.22
C ARG A 63 -14.57 -7.71 -17.98
N PRO A 64 -14.74 -7.45 -19.30
CA PRO A 64 -13.75 -6.76 -20.13
C PRO A 64 -13.67 -5.24 -19.88
N GLU A 65 -13.92 -4.85 -18.63
CA GLU A 65 -13.91 -3.50 -18.07
C GLU A 65 -12.98 -3.36 -16.86
N ALA A 66 -12.28 -4.45 -16.51
CA ALA A 66 -11.46 -4.55 -15.33
C ALA A 66 -10.27 -5.49 -15.57
N LEU A 67 -9.16 -5.13 -14.93
CA LEU A 67 -7.95 -5.94 -14.83
C LEU A 67 -7.77 -6.30 -13.35
N LYS A 68 -7.28 -7.52 -13.16
CA LYS A 68 -6.90 -8.06 -11.86
C LYS A 68 -5.37 -8.17 -11.76
N VAL A 69 -4.80 -7.69 -10.67
CA VAL A 69 -3.35 -7.57 -10.54
C VAL A 69 -2.83 -8.45 -9.39
N SER A 70 -1.79 -9.25 -9.64
CA SER A 70 -1.25 -10.20 -8.66
C SER A 70 0.24 -10.11 -8.35
N CYS A 71 0.59 -10.54 -7.14
CA CYS A 71 1.96 -10.75 -6.75
C CYS A 71 2.38 -12.14 -7.28
N GLY A 72 2.76 -12.19 -8.55
CA GLY A 72 3.11 -13.46 -9.19
C GLY A 72 4.34 -14.15 -8.60
N LYS A 73 5.21 -13.40 -7.90
CA LYS A 73 6.38 -13.91 -7.15
C LYS A 73 6.03 -15.06 -6.21
N CYS A 74 4.98 -14.87 -5.42
CA CYS A 74 4.46 -15.79 -4.42
C CYS A 74 3.08 -16.38 -4.81
N GLY A 75 2.45 -15.79 -5.83
CA GLY A 75 1.19 -16.22 -6.42
C GLY A 75 -0.06 -15.66 -5.72
N ASN A 76 -0.05 -14.37 -5.35
CA ASN A 76 -1.16 -13.70 -4.67
C ASN A 76 -2.09 -12.94 -5.63
N GLY A 77 -2.42 -11.71 -5.26
CA GLY A 77 -3.45 -10.86 -5.84
C GLY A 77 -3.45 -9.46 -5.23
N LEU A 78 -2.35 -8.76 -5.51
CA LEU A 78 -1.93 -7.40 -5.12
C LEU A 78 -3.00 -6.31 -5.27
N GLY A 79 -4.00 -6.54 -6.11
CA GLY A 79 -5.19 -5.69 -6.18
C GLY A 79 -5.96 -5.85 -7.49
N HIS A 80 -6.69 -4.80 -7.88
CA HIS A 80 -7.34 -4.64 -9.17
C HIS A 80 -7.09 -3.25 -9.75
N GLU A 81 -7.28 -3.14 -11.06
CA GLU A 81 -6.98 -1.99 -11.91
C GLU A 81 -8.10 -1.87 -12.96
N PHE A 82 -8.90 -0.81 -12.89
CA PHE A 82 -10.12 -0.72 -13.71
C PHE A 82 -9.82 -0.17 -15.12
N LEU A 83 -9.37 -1.06 -16.00
CA LEU A 83 -8.81 -0.77 -17.32
C LEU A 83 -9.76 -1.18 -18.46
N ASN A 84 -9.51 -0.62 -19.63
CA ASN A 84 -10.23 -0.80 -20.90
C ASN A 84 -11.66 -0.20 -20.95
N ASP A 85 -12.04 0.64 -19.97
CA ASP A 85 -13.36 1.30 -19.86
C ASP A 85 -13.29 2.81 -19.54
N GLY A 86 -12.10 3.32 -19.22
CA GLY A 86 -11.76 4.70 -18.93
C GLY A 86 -10.95 5.39 -20.04
N PRO A 87 -11.59 5.83 -21.15
CA PRO A 87 -10.90 6.33 -22.36
C PRO A 87 -10.40 7.77 -22.27
N LYS A 88 -10.84 8.54 -21.26
CA LYS A 88 -10.45 9.89 -20.91
C LYS A 88 -9.30 9.82 -19.91
N ARG A 89 -8.07 9.90 -20.42
CA ARG A 89 -6.83 9.84 -19.67
C ARG A 89 -6.57 11.13 -18.85
N GLY A 90 -5.34 11.31 -18.37
CA GLY A 90 -5.05 12.02 -17.13
C GLY A 90 -5.52 11.24 -15.89
N GLN A 91 -5.95 10.00 -16.11
CA GLN A 91 -6.67 9.14 -15.21
C GLN A 91 -6.09 7.72 -15.20
N SER A 92 -6.27 7.05 -14.07
CA SER A 92 -5.85 5.71 -13.70
C SER A 92 -6.67 5.37 -12.45
N ARG A 93 -7.20 4.15 -12.34
CA ARG A 93 -7.82 3.61 -11.12
C ARG A 93 -7.23 2.26 -10.74
N PHE A 94 -6.54 2.20 -9.61
CA PHE A 94 -6.03 1.01 -8.95
C PHE A 94 -6.58 0.94 -7.51
N CYS A 95 -7.12 -0.21 -7.11
CA CYS A 95 -7.66 -0.44 -5.77
C CYS A 95 -7.32 -1.86 -5.25
N ILE A 96 -7.43 -2.10 -3.94
CA ILE A 96 -6.78 -3.21 -3.26
C ILE A 96 -7.64 -3.86 -2.16
N PHE A 97 -7.30 -5.08 -1.76
CA PHE A 97 -7.96 -5.87 -0.73
C PHE A 97 -7.08 -6.08 0.52
N SER A 98 -7.72 -6.36 1.66
CA SER A 98 -7.05 -6.82 2.91
C SER A 98 -6.26 -8.14 2.75
N SER A 99 -6.63 -8.92 1.75
CA SER A 99 -5.98 -10.16 1.31
C SER A 99 -4.84 -9.96 0.29
N SER A 100 -4.72 -8.76 -0.31
CA SER A 100 -3.71 -8.47 -1.33
C SER A 100 -2.32 -8.37 -0.72
N LEU A 101 -2.23 -7.66 0.41
CA LEU A 101 -1.05 -7.42 1.24
C LEU A 101 -1.49 -6.82 2.58
N LYS A 102 -0.54 -6.69 3.52
CA LYS A 102 -0.73 -6.19 4.88
C LYS A 102 -0.11 -4.81 5.10
N PHE A 103 -0.35 -4.23 6.27
CA PHE A 103 0.14 -2.95 6.74
C PHE A 103 0.72 -3.07 8.14
N VAL A 104 1.91 -2.52 8.33
CA VAL A 104 2.63 -2.40 9.59
C VAL A 104 2.81 -0.92 9.95
N PRO A 105 1.98 -0.35 10.86
CA PRO A 105 2.04 1.06 11.19
C PRO A 105 3.15 1.38 12.19
N LYS A 106 3.56 2.66 12.27
CA LYS A 106 4.31 3.21 13.36
C LYS A 106 3.47 3.33 14.63
N GLY A 107 4.17 3.55 15.73
CA GLY A 107 3.65 3.57 17.08
C GLY A 107 4.69 3.96 18.14
N LYS A 108 5.50 4.99 17.86
CA LYS A 108 6.58 5.49 18.74
C LYS A 108 6.07 6.07 20.05
N GLU A 109 4.83 6.55 20.01
CA GLU A 109 4.03 6.98 21.16
C GLU A 109 3.98 5.93 22.28
N ALA A 110 3.72 4.69 21.86
CA ALA A 110 3.86 3.41 22.58
C ALA A 110 3.07 3.24 23.89
N ALA A 111 3.34 4.08 24.90
CA ALA A 111 2.90 3.94 26.29
C ALA A 111 3.19 2.54 26.89
N ALA A 112 2.45 2.17 27.95
CA ALA A 112 2.28 0.80 28.48
C ALA A 112 3.51 -0.11 28.46
N SER A 113 4.61 0.38 29.03
CA SER A 113 5.90 -0.29 29.08
C SER A 113 6.84 0.30 30.14
N GLN A 114 7.58 -0.56 30.86
CA GLN A 114 8.58 -0.20 31.85
C GLN A 114 9.97 -0.66 31.36
N GLY A 115 10.96 0.24 31.30
CA GLY A 115 12.34 -0.07 30.89
C GLY A 115 13.18 -0.68 32.00
N HIS A 116 14.52 -0.57 31.90
CA HIS A 116 15.45 -1.03 32.93
C HIS A 116 16.70 -0.15 33.04
N LEU A 117 17.29 -0.17 34.23
CA LEU A 117 18.57 0.41 34.63
C LEU A 117 19.19 -0.53 35.66
N GLU A 118 20.50 -0.73 35.63
CA GLU A 118 21.18 -1.78 36.39
C GLU A 118 22.52 -1.34 37.00
N HIS A 119 22.92 -1.96 38.12
CA HIS A 119 24.06 -1.47 38.90
C HIS A 119 25.44 -1.94 38.37
N HIS A 120 26.28 -0.96 38.04
CA HIS A 120 27.66 -1.06 37.60
C HIS A 120 28.46 0.13 38.15
N HIS A 121 27.97 1.36 37.97
CA HIS A 121 28.68 2.63 38.12
C HIS A 121 29.90 2.74 37.18
N HIS A 122 29.90 3.75 36.30
CA HIS A 122 31.03 4.07 35.43
C HIS A 122 31.55 5.49 35.74
N HIS A 123 32.87 5.69 35.81
CA HIS A 123 33.43 6.89 36.44
C HIS A 123 33.08 8.20 35.69
N HIS A 124 32.51 9.14 36.44
CA HIS A 124 32.26 10.54 36.08
C HIS A 124 32.90 11.44 37.14
ZN ZN B . 4.60 -11.36 -2.68
N MET A 1 -22.01 -22.61 0.73
CA MET A 1 -23.09 -22.09 1.60
C MET A 1 -22.85 -22.60 3.02
N SER A 2 -21.78 -22.10 3.62
CA SER A 2 -21.02 -22.71 4.72
C SER A 2 -19.89 -21.75 5.13
N PHE A 3 -19.41 -21.83 6.38
CA PHE A 3 -18.30 -21.01 6.90
C PHE A 3 -18.47 -19.47 6.72
N CYS A 4 -19.71 -18.98 6.69
CA CYS A 4 -20.00 -17.55 6.67
C CYS A 4 -19.46 -16.85 7.94
N SER A 5 -18.97 -15.61 7.79
CA SER A 5 -18.37 -14.79 8.83
C SER A 5 -18.24 -13.35 8.32
N PHE A 6 -18.41 -12.41 9.23
CA PHE A 6 -18.53 -10.98 9.01
C PHE A 6 -17.20 -10.22 9.24
N PHE A 7 -17.19 -8.90 9.02
CA PHE A 7 -16.05 -8.01 9.24
C PHE A 7 -16.54 -6.56 9.47
N GLY A 8 -15.88 -5.80 10.36
CA GLY A 8 -16.27 -4.43 10.71
C GLY A 8 -16.06 -4.11 12.19
N GLY A 9 -14.78 -4.04 12.61
CA GLY A 9 -14.35 -3.71 13.98
C GLY A 9 -13.14 -2.77 14.03
N GLU A 10 -12.88 -2.02 12.96
CA GLU A 10 -11.70 -1.20 12.76
C GLU A 10 -11.97 0.25 13.20
N VAL A 11 -10.93 0.88 13.75
CA VAL A 11 -10.98 2.24 14.32
C VAL A 11 -10.73 3.34 13.26
N PHE A 12 -10.19 2.96 12.11
CA PHE A 12 -9.23 3.76 11.32
C PHE A 12 -9.74 5.05 10.63
N GLN A 13 -11.00 5.45 10.79
CA GLN A 13 -11.58 6.65 10.15
C GLN A 13 -10.85 7.97 10.46
N ASN A 14 -10.17 8.06 11.61
CA ASN A 14 -9.60 9.27 12.15
C ASN A 14 -8.05 9.27 12.23
N HIS A 15 -7.37 8.22 11.78
CA HIS A 15 -5.91 8.13 11.79
C HIS A 15 -5.29 8.83 10.58
N PHE A 16 -4.18 9.52 10.83
CA PHE A 16 -3.33 10.18 9.82
C PHE A 16 -1.86 10.23 10.31
N GLU A 17 -1.24 9.05 10.39
CA GLU A 17 -0.03 8.80 11.20
C GLU A 17 1.09 8.13 10.38
N PRO A 18 2.38 8.37 10.70
CA PRO A 18 3.50 7.87 9.92
C PRO A 18 3.66 6.35 10.02
N GLY A 19 4.00 5.72 8.89
CA GLY A 19 4.11 4.26 8.77
C GLY A 19 4.41 3.80 7.35
N VAL A 20 4.51 2.49 7.16
CA VAL A 20 4.86 1.85 5.88
C VAL A 20 3.82 0.80 5.50
N TYR A 21 3.71 0.51 4.21
CA TYR A 21 2.94 -0.63 3.69
C TYR A 21 3.88 -1.82 3.50
N VAL A 22 3.34 -3.05 3.57
CA VAL A 22 4.05 -4.26 3.14
C VAL A 22 3.14 -5.15 2.32
N CYS A 23 3.74 -5.96 1.45
CA CYS A 23 3.00 -6.97 0.69
C CYS A 23 2.36 -7.98 1.67
N ALA A 24 1.12 -8.40 1.44
CA ALA A 24 0.57 -9.50 2.24
C ALA A 24 1.37 -10.81 2.04
N LYS A 25 2.21 -10.89 0.99
CA LYS A 25 2.81 -12.13 0.50
C LYS A 25 4.32 -12.10 0.29
N CYS A 26 4.88 -11.03 -0.26
CA CYS A 26 6.32 -10.79 -0.31
C CYS A 26 6.87 -10.41 1.09
N SER A 27 6.01 -9.81 1.93
CA SER A 27 6.29 -9.24 3.27
C SER A 27 7.32 -8.09 3.29
N TYR A 28 7.76 -7.65 2.11
CA TYR A 28 8.77 -6.61 1.93
C TYR A 28 8.14 -5.20 1.94
N GLU A 29 8.82 -4.23 2.55
CA GLU A 29 8.19 -3.01 3.04
C GLU A 29 8.37 -1.81 2.09
N LEU A 30 7.56 -1.78 1.03
CA LEU A 30 7.74 -0.92 -0.15
C LEU A 30 6.41 -0.37 -0.68
N PHE A 31 6.33 0.96 -0.68
CA PHE A 31 5.28 1.82 -1.26
C PHE A 31 5.79 3.27 -1.41
N SER A 32 4.94 4.18 -1.88
CA SER A 32 5.16 5.63 -1.89
C SER A 32 3.96 6.41 -1.34
N SER A 33 4.22 7.60 -0.81
CA SER A 33 3.24 8.63 -0.43
C SER A 33 2.44 9.20 -1.61
N HIS A 34 2.89 9.00 -2.85
CA HIS A 34 2.32 9.65 -4.05
C HIS A 34 1.41 8.74 -4.86
N SER A 35 1.55 7.42 -4.71
CA SER A 35 0.92 6.37 -5.48
C SER A 35 -0.55 6.15 -5.15
N LYS A 36 -0.99 6.71 -4.02
CA LYS A 36 -2.38 6.76 -3.55
C LYS A 36 -2.73 8.19 -3.12
N TYR A 37 -4.02 8.52 -3.02
CA TYR A 37 -4.49 9.72 -2.33
C TYR A 37 -5.05 9.42 -0.93
N ALA A 38 -5.17 10.48 -0.14
CA ALA A 38 -5.73 10.47 1.22
C ALA A 38 -7.24 10.80 1.20
N HIS A 39 -8.05 9.85 1.68
CA HIS A 39 -9.50 9.97 1.83
C HIS A 39 -10.01 9.01 2.93
N SER A 40 -10.82 9.48 3.87
CA SER A 40 -11.27 8.71 5.03
C SER A 40 -12.56 7.93 4.70
N SER A 41 -12.40 6.88 3.90
CA SER A 41 -13.45 5.99 3.42
C SER A 41 -12.92 4.56 3.27
N PRO A 42 -13.79 3.53 3.13
CA PRO A 42 -13.37 2.30 2.46
C PRO A 42 -12.93 2.60 1.01
N TRP A 43 -12.13 1.69 0.44
CA TRP A 43 -11.71 1.69 -0.98
C TRP A 43 -11.14 3.04 -1.53
N PRO A 44 -10.15 3.69 -0.87
CA PRO A 44 -9.42 4.81 -1.47
C PRO A 44 -8.54 4.30 -2.62
N ALA A 45 -8.74 4.87 -3.81
CA ALA A 45 -8.10 4.41 -5.04
C ALA A 45 -6.63 4.82 -5.16
N PHE A 46 -5.87 4.09 -5.99
CA PHE A 46 -4.45 4.32 -6.24
C PHE A 46 -4.17 4.54 -7.74
N THR A 47 -3.12 5.28 -8.04
CA THR A 47 -2.81 5.84 -9.37
C THR A 47 -1.66 5.11 -10.05
N GLU A 48 -0.58 4.81 -9.34
CA GLU A 48 0.57 4.10 -9.82
C GLU A 48 1.13 3.06 -8.83
N THR A 49 1.84 2.11 -9.42
CA THR A 49 2.39 0.90 -8.75
C THR A 49 3.85 1.05 -8.34
N ILE A 50 4.17 0.60 -7.12
CA ILE A 50 5.52 0.54 -6.55
C ILE A 50 6.11 -0.89 -6.56
N HIS A 51 5.22 -1.89 -6.67
CA HIS A 51 5.57 -3.31 -6.77
C HIS A 51 6.37 -3.60 -8.07
N PRO A 52 7.34 -4.53 -8.05
CA PRO A 52 8.13 -4.87 -9.23
C PRO A 52 7.30 -5.57 -10.31
N ASP A 53 7.73 -5.47 -11.57
CA ASP A 53 7.06 -5.91 -12.79
C ASP A 53 7.18 -7.42 -13.07
N SER A 54 7.48 -8.14 -12.00
CA SER A 54 7.14 -9.56 -11.81
C SER A 54 5.66 -9.83 -11.56
N VAL A 55 4.93 -8.79 -11.16
CA VAL A 55 3.47 -8.77 -11.14
C VAL A 55 2.97 -8.79 -12.58
N THR A 56 1.99 -9.64 -12.82
CA THR A 56 1.39 -9.91 -14.14
C THR A 56 -0.12 -9.82 -14.07
N LYS A 57 -0.75 -9.39 -15.16
CA LYS A 57 -2.16 -9.01 -15.17
C LYS A 57 -3.02 -9.70 -16.23
N CYS A 58 -4.31 -9.79 -15.93
CA CYS A 58 -5.31 -10.38 -16.80
C CYS A 58 -6.68 -9.65 -16.80
N PRO A 59 -7.32 -9.49 -17.96
CA PRO A 59 -8.59 -8.78 -18.06
C PRO A 59 -9.75 -9.58 -17.45
N GLU A 60 -10.77 -8.87 -17.01
CA GLU A 60 -12.03 -9.48 -16.64
C GLU A 60 -12.79 -10.04 -17.85
N LYS A 61 -13.56 -11.08 -17.59
CA LYS A 61 -14.30 -11.90 -18.58
C LYS A 61 -15.82 -11.76 -18.49
N ASN A 62 -16.18 -11.60 -17.24
CA ASN A 62 -17.46 -11.44 -16.57
C ASN A 62 -17.71 -9.98 -16.20
N ARG A 63 -16.71 -9.12 -16.38
CA ARG A 63 -16.73 -7.69 -16.07
C ARG A 63 -15.98 -6.84 -17.11
N PRO A 64 -16.33 -6.89 -18.41
CA PRO A 64 -15.45 -6.57 -19.55
C PRO A 64 -15.16 -5.07 -19.79
N GLU A 65 -15.18 -4.29 -18.72
CA GLU A 65 -15.01 -2.85 -18.60
C GLU A 65 -13.93 -2.48 -17.56
N ALA A 66 -13.15 -3.47 -17.12
CA ALA A 66 -12.05 -3.38 -16.16
C ALA A 66 -11.10 -4.59 -16.33
N LEU A 67 -9.95 -4.53 -15.67
CA LEU A 67 -8.94 -5.59 -15.63
C LEU A 67 -8.44 -5.80 -14.20
N LYS A 68 -7.80 -6.94 -13.94
CA LYS A 68 -7.11 -7.20 -12.68
C LYS A 68 -5.65 -7.58 -12.84
N VAL A 69 -4.88 -7.30 -11.80
CA VAL A 69 -3.47 -7.66 -11.70
C VAL A 69 -3.25 -8.69 -10.59
N SER A 70 -2.33 -9.63 -10.81
CA SER A 70 -1.82 -10.51 -9.75
C SER A 70 -0.31 -10.41 -9.47
N CYS A 71 0.05 -10.60 -8.20
CA CYS A 71 1.43 -10.73 -7.75
C CYS A 71 1.77 -12.24 -7.72
N GLY A 72 2.18 -12.74 -8.88
CA GLY A 72 2.65 -14.13 -8.96
C GLY A 72 4.05 -14.34 -8.37
N LYS A 73 4.77 -13.25 -8.05
CA LYS A 73 6.02 -13.22 -7.26
C LYS A 73 5.91 -14.06 -5.99
N CYS A 74 4.83 -13.82 -5.27
CA CYS A 74 4.60 -14.21 -3.90
C CYS A 74 3.26 -14.98 -3.72
N GLY A 75 2.32 -14.73 -4.63
CA GLY A 75 1.07 -15.46 -4.83
C GLY A 75 -0.13 -14.74 -4.23
N ASN A 76 -0.41 -13.53 -4.74
CA ASN A 76 -1.57 -12.70 -4.46
C ASN A 76 -2.21 -12.35 -5.82
N GLY A 77 -3.43 -11.82 -5.76
CA GLY A 77 -4.15 -11.16 -6.83
C GLY A 77 -4.54 -9.80 -6.32
N LEU A 78 -3.48 -9.03 -6.16
CA LEU A 78 -3.36 -7.92 -5.24
C LEU A 78 -4.38 -6.82 -5.48
N GLY A 79 -4.80 -6.69 -6.74
CA GLY A 79 -5.76 -5.66 -7.11
C GLY A 79 -6.35 -5.66 -8.51
N HIS A 80 -7.20 -4.67 -8.74
CA HIS A 80 -7.86 -4.31 -9.97
C HIS A 80 -7.22 -3.06 -10.60
N GLU A 81 -7.37 -2.91 -11.91
CA GLU A 81 -6.91 -1.82 -12.74
C GLU A 81 -7.96 -1.54 -13.81
N PHE A 82 -8.54 -0.34 -13.83
CA PHE A 82 -9.40 0.08 -14.93
C PHE A 82 -8.57 0.32 -16.19
N LEU A 83 -8.60 -0.63 -17.11
CA LEU A 83 -7.85 -0.64 -18.37
C LEU A 83 -8.74 -1.12 -19.53
N ASN A 84 -8.19 -1.06 -20.75
CA ASN A 84 -8.67 -1.65 -22.01
C ASN A 84 -9.89 -0.96 -22.62
N ASP A 85 -10.52 -0.08 -21.85
CA ASP A 85 -11.54 0.88 -22.26
C ASP A 85 -10.90 2.20 -22.69
N GLY A 86 -10.20 2.83 -21.75
CA GLY A 86 -9.63 4.16 -21.84
C GLY A 86 -8.10 4.30 -21.69
N PRO A 87 -7.23 3.31 -22.04
CA PRO A 87 -5.78 3.35 -21.79
C PRO A 87 -5.01 4.44 -22.57
N LYS A 88 -5.73 5.13 -23.44
CA LYS A 88 -5.29 6.27 -24.25
C LYS A 88 -5.40 7.62 -23.51
N ARG A 89 -6.20 7.72 -22.44
CA ARG A 89 -6.32 8.87 -21.57
C ARG A 89 -5.21 9.00 -20.53
N GLY A 90 -5.16 10.19 -19.93
CA GLY A 90 -4.27 10.53 -18.82
C GLY A 90 -4.72 10.04 -17.46
N GLN A 91 -5.92 9.48 -17.39
CA GLN A 91 -6.49 8.83 -16.22
C GLN A 91 -5.80 7.49 -15.97
N SER A 92 -5.69 7.12 -14.71
CA SER A 92 -5.06 5.89 -14.23
C SER A 92 -5.67 5.61 -12.87
N ARG A 93 -6.44 4.52 -12.78
CA ARG A 93 -7.22 4.17 -11.58
C ARG A 93 -7.16 2.67 -11.29
N PHE A 94 -6.52 2.35 -10.18
CA PHE A 94 -6.42 1.02 -9.61
C PHE A 94 -7.21 0.94 -8.30
N CYS A 95 -7.67 -0.26 -7.96
CA CYS A 95 -8.24 -0.59 -6.66
C CYS A 95 -7.59 -1.86 -6.07
N ILE A 96 -7.61 -2.05 -4.75
CA ILE A 96 -6.95 -3.17 -4.06
C ILE A 96 -7.89 -3.83 -3.06
N PHE A 97 -7.67 -5.12 -2.83
CA PHE A 97 -8.37 -5.91 -1.83
C PHE A 97 -7.86 -5.63 -0.41
N SER A 98 -8.77 -5.56 0.57
CA SER A 98 -8.42 -5.33 1.99
C SER A 98 -7.42 -6.35 2.56
N SER A 99 -7.40 -7.57 2.02
CA SER A 99 -6.54 -8.67 2.46
C SER A 99 -5.21 -8.81 1.66
N SER A 100 -4.99 -7.94 0.67
CA SER A 100 -3.85 -7.93 -0.24
C SER A 100 -2.55 -7.42 0.41
N LEU A 101 -2.69 -6.70 1.53
CA LEU A 101 -1.58 -6.04 2.21
C LEU A 101 -1.73 -5.88 3.72
N LYS A 102 -0.63 -5.48 4.37
CA LYS A 102 -0.58 -4.98 5.74
C LYS A 102 0.02 -3.57 5.82
N PHE A 103 -0.20 -2.90 6.94
CA PHE A 103 0.40 -1.63 7.31
C PHE A 103 1.21 -1.83 8.60
N VAL A 104 2.45 -1.37 8.57
CA VAL A 104 3.38 -1.33 9.71
C VAL A 104 3.63 0.12 10.14
N PRO A 105 2.91 0.63 11.17
CA PRO A 105 3.00 2.02 11.59
C PRO A 105 4.21 2.30 12.51
N LYS A 106 4.56 3.57 12.66
CA LYS A 106 5.46 4.07 13.70
C LYS A 106 4.78 4.15 15.08
N GLY A 107 5.47 4.78 16.02
CA GLY A 107 5.04 4.96 17.39
C GLY A 107 6.11 5.52 18.33
N LYS A 108 6.63 6.71 18.06
CA LYS A 108 7.80 7.28 18.75
C LYS A 108 7.54 7.70 20.20
N GLU A 109 6.34 8.23 20.40
CA GLU A 109 5.95 8.98 21.59
C GLU A 109 5.42 8.10 22.72
N ALA A 110 4.49 7.20 22.35
CA ALA A 110 3.82 6.16 23.14
C ALA A 110 3.01 6.58 24.38
N ALA A 111 3.17 7.82 24.88
CA ALA A 111 2.74 8.28 26.20
C ALA A 111 3.40 7.56 27.39
N ALA A 112 3.41 8.22 28.55
CA ALA A 112 4.47 8.12 29.56
C ALA A 112 5.87 8.53 29.04
N SER A 113 6.80 8.85 29.93
CA SER A 113 8.16 9.32 29.63
C SER A 113 9.15 8.88 30.71
N GLN A 114 9.09 7.59 31.07
CA GLN A 114 9.72 6.99 32.23
C GLN A 114 10.92 6.11 31.84
N GLY A 115 12.01 6.22 32.60
CA GLY A 115 13.22 5.42 32.40
C GLY A 115 14.39 5.83 33.30
N HIS A 116 15.38 4.97 33.41
CA HIS A 116 16.63 5.20 34.16
C HIS A 116 17.82 4.48 33.48
N LEU A 117 19.00 5.10 33.55
CA LEU A 117 20.30 4.56 33.11
C LEU A 117 21.24 4.58 34.31
N GLU A 118 21.85 3.43 34.64
CA GLU A 118 22.41 3.16 35.97
C GLU A 118 23.74 2.37 35.96
N HIS A 119 24.51 2.52 37.03
CA HIS A 119 25.92 2.11 37.11
C HIS A 119 26.39 1.80 38.54
N HIS A 120 27.48 1.04 38.67
CA HIS A 120 28.26 0.89 39.93
C HIS A 120 29.74 1.24 39.73
N HIS A 121 30.37 0.63 38.71
CA HIS A 121 31.82 0.66 38.43
C HIS A 121 32.65 0.23 39.67
N HIS A 122 33.94 0.62 39.72
CA HIS A 122 34.90 0.15 40.74
C HIS A 122 35.13 -1.37 40.67
N HIS A 123 35.90 -1.94 41.61
CA HIS A 123 35.80 -3.37 41.93
C HIS A 123 36.36 -3.74 43.31
N HIS A 124 37.65 -3.45 43.55
CA HIS A 124 38.45 -4.06 44.62
C HIS A 124 38.87 -3.08 45.73
ZN ZN B . 3.81 -9.31 -3.59
N MET A 1 2.30 3.28 20.61
CA MET A 1 2.10 3.39 19.14
C MET A 1 0.61 3.61 18.86
N SER A 2 0.12 3.44 17.64
CA SER A 2 -1.30 3.50 17.26
C SER A 2 -1.88 2.10 17.02
N PHE A 3 -2.19 1.40 18.11
CA PHE A 3 -2.67 0.01 18.11
C PHE A 3 -3.91 -0.18 19.02
N CYS A 4 -4.45 -1.41 19.09
CA CYS A 4 -5.72 -1.76 19.74
C CYS A 4 -6.94 -1.03 19.14
N SER A 5 -6.91 -0.84 17.82
CA SER A 5 -7.70 0.10 17.02
C SER A 5 -9.18 -0.29 16.77
N PHE A 6 -9.75 -1.18 17.60
CA PHE A 6 -11.16 -1.62 17.59
C PHE A 6 -11.68 -2.19 16.24
N PHE A 7 -12.99 -2.54 16.21
CA PHE A 7 -13.70 -3.05 15.03
C PHE A 7 -15.21 -2.71 15.11
N GLY A 8 -15.71 -1.85 14.22
CA GLY A 8 -17.15 -1.55 14.09
C GLY A 8 -17.65 -0.49 15.08
N GLY A 9 -16.86 0.57 15.30
CA GLY A 9 -17.24 1.73 16.12
C GLY A 9 -16.17 2.81 16.22
N GLU A 10 -15.36 3.02 15.18
CA GLU A 10 -14.11 3.74 15.26
C GLU A 10 -14.30 5.27 15.34
N VAL A 11 -13.45 5.89 16.15
CA VAL A 11 -13.46 7.35 16.46
C VAL A 11 -12.20 8.05 15.97
N PHE A 12 -11.04 7.41 16.12
CA PHE A 12 -9.74 7.79 15.58
C PHE A 12 -9.62 7.56 14.05
N GLN A 13 -10.75 7.53 13.32
CA GLN A 13 -10.80 7.25 11.88
C GLN A 13 -10.03 8.24 10.99
N ASN A 14 -9.72 9.44 11.54
CA ASN A 14 -8.96 10.51 10.89
C ASN A 14 -7.42 10.36 11.00
N HIS A 15 -6.89 9.40 11.74
CA HIS A 15 -5.45 9.15 11.91
C HIS A 15 -4.73 8.59 10.67
N PHE A 16 -4.45 9.49 9.72
CA PHE A 16 -3.61 9.27 8.54
C PHE A 16 -2.10 9.17 8.87
N GLU A 17 -1.73 8.52 9.97
CA GLU A 17 -0.39 8.53 10.56
C GLU A 17 0.70 7.87 9.66
N PRO A 18 1.98 8.28 9.78
CA PRO A 18 3.05 7.86 8.87
C PRO A 18 3.48 6.39 9.06
N GLY A 19 3.81 5.75 7.94
CA GLY A 19 4.11 4.32 7.88
C GLY A 19 4.39 3.81 6.47
N VAL A 20 4.38 2.49 6.34
CA VAL A 20 4.74 1.76 5.10
C VAL A 20 3.73 0.65 4.80
N TYR A 21 3.68 0.18 3.55
CA TYR A 21 2.85 -0.95 3.11
C TYR A 21 3.72 -2.16 2.73
N VAL A 22 3.23 -3.37 2.98
CA VAL A 22 3.98 -4.63 2.81
C VAL A 22 3.12 -5.76 2.26
N CYS A 23 3.75 -6.74 1.59
CA CYS A 23 3.06 -7.89 1.02
C CYS A 23 2.42 -8.77 2.10
N ALA A 24 1.22 -9.30 1.83
CA ALA A 24 0.56 -10.26 2.72
C ALA A 24 1.24 -11.65 2.76
N LYS A 25 2.27 -11.89 1.94
CA LYS A 25 3.02 -13.14 1.84
C LYS A 25 4.54 -12.97 1.84
N CYS A 26 5.04 -12.01 1.07
CA CYS A 26 6.46 -11.75 0.94
C CYS A 26 7.00 -10.97 2.18
N SER A 27 6.15 -10.10 2.74
CA SER A 27 6.47 -9.14 3.83
C SER A 27 7.58 -8.12 3.50
N TYR A 28 7.91 -8.01 2.21
CA TYR A 28 8.76 -6.94 1.68
C TYR A 28 8.01 -5.60 1.73
N GLU A 29 8.63 -4.55 2.27
CA GLU A 29 7.97 -3.25 2.45
C GLU A 29 8.17 -2.31 1.26
N LEU A 30 7.13 -2.03 0.47
CA LEU A 30 7.17 -1.11 -0.67
C LEU A 30 5.78 -0.57 -1.08
N PHE A 31 5.76 0.74 -1.31
CA PHE A 31 4.72 1.57 -1.92
C PHE A 31 5.23 3.00 -2.19
N SER A 32 4.38 3.88 -2.71
CA SER A 32 4.64 5.31 -2.93
C SER A 32 3.48 6.18 -2.43
N SER A 33 3.80 7.43 -2.05
CA SER A 33 2.79 8.46 -1.78
C SER A 33 1.92 8.75 -3.01
N HIS A 34 2.51 8.76 -4.21
CA HIS A 34 1.82 9.20 -5.43
C HIS A 34 0.73 8.22 -5.91
N SER A 35 0.81 6.96 -5.48
CA SER A 35 -0.15 5.90 -5.70
C SER A 35 -1.38 5.99 -4.79
N LYS A 36 -1.27 6.69 -3.65
CA LYS A 36 -2.34 6.79 -2.65
C LYS A 36 -2.75 8.24 -2.43
N TYR A 37 -3.59 8.73 -3.33
CA TYR A 37 -4.18 10.07 -3.31
C TYR A 37 -5.23 10.24 -2.19
N ALA A 38 -5.87 11.39 -2.19
CA ALA A 38 -6.95 11.76 -1.28
C ALA A 38 -8.34 11.50 -1.91
N HIS A 39 -9.14 10.61 -1.34
CA HIS A 39 -10.56 10.43 -1.62
C HIS A 39 -11.25 9.83 -0.39
N SER A 40 -12.31 10.48 0.11
CA SER A 40 -12.93 10.20 1.38
C SER A 40 -14.21 9.37 1.21
N SER A 41 -14.06 8.06 1.28
CA SER A 41 -15.10 7.03 1.08
C SER A 41 -14.70 5.72 1.79
N PRO A 42 -15.62 4.76 2.00
CA PRO A 42 -15.23 3.37 2.17
C PRO A 42 -14.40 2.88 0.98
N TRP A 43 -13.47 1.95 1.22
CA TRP A 43 -12.62 1.30 0.21
C TRP A 43 -11.95 2.29 -0.79
N PRO A 44 -11.10 3.22 -0.33
CA PRO A 44 -10.46 4.21 -1.21
C PRO A 44 -9.51 3.56 -2.23
N ALA A 45 -9.55 4.06 -3.46
CA ALA A 45 -8.80 3.52 -4.60
C ALA A 45 -7.34 4.04 -4.69
N PHE A 46 -6.56 3.48 -5.61
CA PHE A 46 -5.18 3.85 -5.93
C PHE A 46 -5.09 4.49 -7.33
N THR A 47 -4.09 5.37 -7.52
CA THR A 47 -3.74 5.97 -8.82
C THR A 47 -2.72 5.14 -9.58
N GLU A 48 -1.68 4.64 -8.90
CA GLU A 48 -0.49 4.03 -9.49
C GLU A 48 -0.09 2.72 -8.77
N THR A 49 1.00 2.16 -9.27
CA THR A 49 1.54 0.82 -9.00
C THR A 49 3.04 0.90 -8.68
N ILE A 50 3.50 0.17 -7.65
CA ILE A 50 4.87 0.34 -7.13
C ILE A 50 5.65 -0.98 -7.00
N HIS A 51 4.93 -2.09 -6.99
CA HIS A 51 5.45 -3.44 -6.79
C HIS A 51 6.36 -3.89 -7.95
N PRO A 52 7.38 -4.73 -7.71
CA PRO A 52 8.30 -5.18 -8.75
C PRO A 52 7.61 -6.07 -9.79
N ASP A 53 8.23 -6.20 -10.95
CA ASP A 53 7.77 -6.94 -12.14
C ASP A 53 7.66 -8.46 -11.91
N SER A 54 8.01 -8.92 -10.71
CA SER A 54 7.67 -10.24 -10.16
C SER A 54 6.17 -10.50 -9.99
N VAL A 55 5.40 -9.41 -9.98
CA VAL A 55 3.94 -9.41 -10.07
C VAL A 55 3.50 -9.33 -11.55
N THR A 56 2.28 -9.76 -11.79
CA THR A 56 1.67 -9.97 -13.13
C THR A 56 0.22 -9.52 -13.13
N LYS A 57 -0.35 -9.24 -14.29
CA LYS A 57 -1.78 -8.99 -14.41
C LYS A 57 -2.44 -9.72 -15.57
N CYS A 58 -3.73 -9.94 -15.37
CA CYS A 58 -4.62 -10.60 -16.33
C CYS A 58 -6.04 -10.02 -16.37
N PRO A 59 -6.77 -10.14 -17.49
CA PRO A 59 -8.15 -9.66 -17.59
C PRO A 59 -9.11 -10.47 -16.73
N GLU A 60 -10.21 -9.86 -16.32
CA GLU A 60 -11.42 -10.62 -16.03
C GLU A 60 -12.14 -11.04 -17.31
N LYS A 61 -12.85 -12.15 -17.18
CA LYS A 61 -13.42 -12.93 -18.28
C LYS A 61 -14.92 -12.76 -18.37
N ASN A 62 -15.53 -12.68 -17.20
CA ASN A 62 -16.90 -12.32 -16.90
C ASN A 62 -17.13 -10.80 -16.84
N ARG A 63 -16.04 -10.02 -16.85
CA ARG A 63 -15.95 -8.58 -16.96
C ARG A 63 -14.80 -8.15 -17.88
N PRO A 64 -14.98 -8.20 -19.21
CA PRO A 64 -13.96 -7.87 -20.21
C PRO A 64 -13.73 -6.34 -20.35
N GLU A 65 -13.55 -5.67 -19.21
CA GLU A 65 -13.63 -4.22 -19.01
C GLU A 65 -12.52 -3.61 -18.13
N ALA A 66 -11.69 -4.47 -17.55
CA ALA A 66 -10.61 -4.16 -16.62
C ALA A 66 -9.65 -5.36 -16.51
N LEU A 67 -8.50 -5.13 -15.89
CA LEU A 67 -7.57 -6.19 -15.47
C LEU A 67 -7.66 -6.41 -13.95
N LYS A 68 -7.51 -7.66 -13.50
CA LYS A 68 -7.00 -8.00 -12.18
C LYS A 68 -5.48 -8.12 -12.20
N VAL A 69 -4.82 -7.72 -11.13
CA VAL A 69 -3.36 -7.78 -10.99
C VAL A 69 -2.99 -8.64 -9.79
N SER A 70 -2.17 -9.67 -10.01
CA SER A 70 -1.76 -10.65 -8.99
C SER A 70 -0.25 -10.77 -8.72
N CYS A 71 0.09 -11.21 -7.50
CA CYS A 71 1.44 -11.55 -7.10
C CYS A 71 1.62 -13.05 -7.40
N GLY A 72 1.97 -13.38 -8.64
CA GLY A 72 2.29 -14.76 -9.02
C GLY A 72 3.63 -15.26 -8.44
N LYS A 73 4.40 -14.36 -7.82
CA LYS A 73 5.54 -14.64 -6.94
C LYS A 73 5.18 -15.60 -5.81
N CYS A 74 4.24 -15.17 -4.98
CA CYS A 74 3.82 -15.78 -3.73
C CYS A 74 2.44 -16.47 -3.87
N GLY A 75 1.71 -16.13 -4.93
CA GLY A 75 0.41 -16.65 -5.28
C GLY A 75 -0.69 -15.92 -4.52
N ASN A 76 -0.83 -14.62 -4.81
CA ASN A 76 -1.84 -13.72 -4.29
C ASN A 76 -2.61 -13.01 -5.44
N GLY A 77 -3.09 -11.79 -5.20
CA GLY A 77 -4.00 -11.03 -6.00
C GLY A 77 -4.23 -9.69 -5.34
N LEU A 78 -3.21 -8.84 -5.47
CA LEU A 78 -3.15 -7.46 -4.94
C LEU A 78 -4.46 -6.74 -5.17
N GLY A 79 -4.89 -6.74 -6.43
CA GLY A 79 -5.94 -5.84 -6.87
C GLY A 79 -6.30 -5.89 -8.35
N HIS A 80 -6.59 -4.71 -8.91
CA HIS A 80 -7.07 -4.48 -10.25
C HIS A 80 -6.45 -3.23 -10.86
N GLU A 81 -6.34 -3.20 -12.19
CA GLU A 81 -5.81 -2.11 -12.98
C GLU A 81 -6.78 -1.90 -14.15
N PHE A 82 -7.41 -0.74 -14.19
CA PHE A 82 -8.43 -0.41 -15.17
C PHE A 82 -7.77 0.29 -16.38
N LEU A 83 -7.90 -0.34 -17.55
CA LEU A 83 -7.25 0.06 -18.80
C LEU A 83 -8.27 0.03 -19.93
N ASN A 84 -7.95 0.71 -21.04
CA ASN A 84 -8.87 1.04 -22.15
C ASN A 84 -10.07 1.94 -21.74
N ASP A 85 -10.12 2.35 -20.47
CA ASP A 85 -11.24 3.01 -19.80
C ASP A 85 -11.02 4.51 -19.53
N GLY A 86 -9.75 4.90 -19.35
CA GLY A 86 -9.34 6.23 -18.90
C GLY A 86 -8.54 7.08 -19.91
N PRO A 87 -9.04 7.39 -21.12
CA PRO A 87 -8.26 8.11 -22.14
C PRO A 87 -7.97 9.57 -21.79
N LYS A 88 -8.89 10.23 -21.05
CA LYS A 88 -8.73 11.56 -20.50
C LYS A 88 -7.77 11.51 -19.32
N ARG A 89 -6.48 11.59 -19.62
CA ARG A 89 -5.34 11.67 -18.69
C ARG A 89 -5.41 12.82 -17.70
N GLY A 90 -4.41 12.79 -16.85
CA GLY A 90 -4.47 13.12 -15.43
C GLY A 90 -4.99 11.93 -14.62
N GLN A 91 -5.18 10.79 -15.29
CA GLN A 91 -5.71 9.56 -14.79
C GLN A 91 -4.81 8.35 -15.05
N SER A 92 -4.95 7.39 -14.13
CA SER A 92 -4.53 6.00 -14.10
C SER A 92 -5.32 5.42 -12.92
N ARG A 93 -5.92 4.24 -13.10
CA ARG A 93 -6.96 3.72 -12.20
C ARG A 93 -6.58 2.33 -11.68
N PHE A 94 -6.41 2.22 -10.36
CA PHE A 94 -6.06 0.96 -9.70
C PHE A 94 -6.98 0.70 -8.49
N CYS A 95 -7.48 -0.53 -8.35
CA CYS A 95 -8.41 -0.91 -7.27
C CYS A 95 -7.90 -2.12 -6.46
N ILE A 96 -7.41 -1.87 -5.24
CA ILE A 96 -6.57 -2.81 -4.47
C ILE A 96 -7.26 -3.35 -3.21
N PHE A 97 -6.78 -4.50 -2.74
CA PHE A 97 -7.26 -5.20 -1.55
C PHE A 97 -6.29 -5.08 -0.36
N SER A 98 -6.75 -4.49 0.74
CA SER A 98 -6.11 -4.61 2.07
C SER A 98 -6.02 -6.05 2.59
N SER A 99 -6.88 -6.93 2.07
CA SER A 99 -6.84 -8.38 2.30
C SER A 99 -5.61 -9.06 1.66
N SER A 100 -4.99 -8.43 0.66
CA SER A 100 -3.86 -8.91 -0.13
C SER A 100 -2.55 -8.21 0.19
N LEU A 101 -2.56 -7.01 0.76
CA LEU A 101 -1.38 -6.40 1.39
C LEU A 101 -1.71 -5.43 2.53
N LYS A 102 -0.78 -5.27 3.48
CA LYS A 102 -0.98 -4.68 4.82
C LYS A 102 -0.18 -3.40 5.06
N PHE A 103 -0.51 -2.69 6.13
CA PHE A 103 0.12 -1.46 6.59
C PHE A 103 0.86 -1.68 7.91
N VAL A 104 2.09 -1.20 7.97
CA VAL A 104 2.96 -1.10 9.14
C VAL A 104 3.29 0.36 9.46
N PRO A 105 2.67 0.97 10.50
CA PRO A 105 2.99 2.34 10.88
C PRO A 105 4.27 2.45 11.70
N LYS A 106 4.88 3.64 11.72
CA LYS A 106 6.07 3.95 12.51
C LYS A 106 5.83 4.11 14.02
N GLY A 107 6.89 4.47 14.73
CA GLY A 107 7.01 4.42 16.16
C GLY A 107 8.41 4.79 16.63
N LYS A 108 8.66 6.09 16.79
CA LYS A 108 9.86 6.69 17.38
C LYS A 108 10.01 6.42 18.87
N GLU A 109 8.89 6.53 19.58
CA GLU A 109 8.75 6.33 21.02
C GLU A 109 9.03 4.89 21.46
N ALA A 110 8.26 3.98 20.88
CA ALA A 110 8.46 2.52 20.94
C ALA A 110 8.74 1.92 22.34
N ALA A 111 7.99 2.35 23.36
CA ALA A 111 8.17 2.06 24.78
C ALA A 111 9.46 2.63 25.39
N ALA A 112 10.64 2.31 24.84
CA ALA A 112 11.96 2.81 25.23
C ALA A 112 12.20 2.83 26.75
N SER A 113 12.09 1.65 27.36
CA SER A 113 12.43 1.40 28.76
C SER A 113 13.94 1.33 29.01
N GLN A 114 14.35 1.22 30.28
CA GLN A 114 15.71 0.98 30.73
C GLN A 114 15.87 -0.44 31.30
N GLY A 115 17.11 -0.93 31.41
CA GLY A 115 17.40 -2.25 31.95
C GLY A 115 18.90 -2.56 32.00
N HIS A 116 19.22 -3.85 32.15
CA HIS A 116 20.58 -4.37 32.23
C HIS A 116 20.64 -5.83 31.75
N LEU A 117 21.69 -6.18 31.00
CA LEU A 117 22.02 -7.52 30.54
C LEU A 117 23.43 -7.87 31.03
N GLU A 118 23.57 -8.83 31.95
CA GLU A 118 24.79 -9.12 32.69
C GLU A 118 24.84 -10.59 33.16
N HIS A 119 26.02 -11.09 33.52
CA HIS A 119 26.22 -12.46 33.98
C HIS A 119 27.32 -12.55 35.06
N HIS A 120 27.28 -13.62 35.86
CA HIS A 120 28.01 -13.73 37.13
C HIS A 120 29.16 -14.75 37.08
N HIS A 121 30.09 -14.64 38.04
CA HIS A 121 31.20 -15.59 38.21
C HIS A 121 31.72 -15.63 39.66
N HIS A 122 32.47 -16.69 40.02
CA HIS A 122 33.08 -16.83 41.35
C HIS A 122 34.28 -17.80 41.36
N HIS A 123 35.24 -17.57 42.28
CA HIS A 123 36.29 -18.52 42.64
C HIS A 123 36.97 -18.14 43.98
N HIS A 124 36.54 -18.75 45.09
CA HIS A 124 37.20 -18.75 46.42
C HIS A 124 36.57 -19.81 47.34
ZN ZN B . 3.87 -11.02 -2.74
N MET A 1 -2.33 -24.72 -9.52
CA MET A 1 -3.08 -23.53 -9.09
C MET A 1 -3.94 -23.86 -7.88
N SER A 2 -3.84 -23.04 -6.84
CA SER A 2 -4.69 -23.03 -5.64
C SER A 2 -4.66 -21.65 -4.98
N PHE A 3 -5.70 -21.28 -4.23
CA PHE A 3 -5.73 -20.08 -3.40
C PHE A 3 -6.81 -20.15 -2.32
N CYS A 4 -6.73 -19.24 -1.35
CA CYS A 4 -7.77 -18.90 -0.39
C CYS A 4 -7.88 -17.37 -0.26
N SER A 5 -8.88 -16.88 0.47
CA SER A 5 -9.29 -15.47 0.50
C SER A 5 -9.62 -15.11 1.94
N PHE A 6 -8.98 -14.07 2.45
CA PHE A 6 -9.08 -13.62 3.85
C PHE A 6 -9.52 -12.14 3.97
N PHE A 7 -9.62 -11.65 5.21
CA PHE A 7 -10.08 -10.30 5.57
C PHE A 7 -9.58 -9.91 6.97
N GLY A 8 -9.85 -8.67 7.42
CA GLY A 8 -9.71 -8.33 8.83
C GLY A 8 -8.26 -8.01 9.23
N GLY A 9 -7.62 -7.16 8.44
CA GLY A 9 -6.28 -6.62 8.74
C GLY A 9 -6.35 -5.44 9.71
N GLU A 10 -6.22 -4.22 9.18
CA GLU A 10 -6.27 -2.96 9.88
C GLU A 10 -7.67 -2.32 9.75
N VAL A 11 -7.94 -1.28 10.55
CA VAL A 11 -9.22 -0.54 10.54
C VAL A 11 -9.05 0.98 10.40
N PHE A 12 -7.84 1.50 10.54
CA PHE A 12 -7.54 2.93 10.78
C PHE A 12 -7.71 3.87 9.57
N GLN A 13 -8.60 3.51 8.62
CA GLN A 13 -8.80 4.10 7.30
C GLN A 13 -8.94 5.64 7.24
N ASN A 14 -9.37 6.27 8.32
CA ASN A 14 -9.64 7.71 8.38
C ASN A 14 -8.60 8.52 9.20
N HIS A 15 -7.66 7.88 9.89
CA HIS A 15 -6.56 8.56 10.57
C HIS A 15 -5.46 8.98 9.59
N PHE A 16 -5.07 10.24 9.66
CA PHE A 16 -3.93 10.81 8.93
C PHE A 16 -2.60 10.58 9.68
N GLU A 17 -2.34 9.35 10.12
CA GLU A 17 -1.14 8.98 10.90
C GLU A 17 -0.02 8.38 10.02
N PRO A 18 1.26 8.50 10.44
CA PRO A 18 2.40 8.04 9.64
C PRO A 18 2.52 6.51 9.64
N GLY A 19 2.77 5.91 8.47
CA GLY A 19 2.84 4.46 8.30
C GLY A 19 3.02 3.99 6.86
N VAL A 20 3.07 2.67 6.65
CA VAL A 20 3.30 2.03 5.34
C VAL A 20 2.52 0.75 5.15
N TYR A 21 2.73 0.21 3.98
CA TYR A 21 2.14 -1.05 3.49
C TYR A 21 3.16 -2.20 3.47
N VAL A 22 2.72 -3.45 3.64
CA VAL A 22 3.55 -4.66 3.47
C VAL A 22 2.82 -5.79 2.77
N CYS A 23 3.55 -6.64 2.05
CA CYS A 23 2.93 -7.73 1.28
C CYS A 23 2.22 -8.74 2.19
N ALA A 24 1.13 -9.32 1.68
CA ALA A 24 0.48 -10.46 2.32
C ALA A 24 1.36 -11.72 2.33
N LYS A 25 2.43 -11.78 1.52
CA LYS A 25 3.33 -12.93 1.39
C LYS A 25 4.82 -12.64 1.41
N CYS A 26 5.27 -11.66 0.63
CA CYS A 26 6.65 -11.24 0.58
C CYS A 26 7.05 -10.61 1.94
N SER A 27 6.04 -10.07 2.64
CA SER A 27 6.08 -9.37 3.93
C SER A 27 6.90 -8.09 3.95
N TYR A 28 7.46 -7.69 2.82
CA TYR A 28 8.36 -6.55 2.73
C TYR A 28 7.59 -5.23 2.72
N GLU A 29 8.05 -4.23 3.47
CA GLU A 29 7.33 -2.98 3.71
C GLU A 29 7.74 -1.87 2.72
N LEU A 30 6.82 -1.44 1.86
CA LEU A 30 7.01 -0.45 0.82
C LEU A 30 5.67 0.09 0.29
N PHE A 31 5.67 1.37 -0.07
CA PHE A 31 4.58 2.13 -0.72
C PHE A 31 5.12 3.39 -1.42
N SER A 32 4.60 3.72 -2.61
CA SER A 32 4.94 4.98 -3.30
C SER A 32 4.08 6.17 -2.83
N SER A 33 4.62 7.38 -2.93
CA SER A 33 3.90 8.64 -2.66
C SER A 33 2.70 8.88 -3.58
N HIS A 34 2.62 8.16 -4.70
CA HIS A 34 1.69 8.42 -5.80
C HIS A 34 0.63 7.33 -6.01
N SER A 35 0.75 6.20 -5.30
CA SER A 35 -0.11 5.03 -5.36
C SER A 35 -1.52 5.30 -4.81
N LYS A 36 -1.69 6.40 -4.08
CA LYS A 36 -3.00 6.97 -3.74
C LYS A 36 -3.03 8.50 -3.90
N TYR A 37 -4.23 9.04 -4.13
CA TYR A 37 -4.55 10.48 -3.95
C TYR A 37 -5.40 10.68 -2.68
N ALA A 38 -5.57 11.94 -2.28
CA ALA A 38 -6.27 12.37 -1.05
C ALA A 38 -7.81 12.42 -1.23
N HIS A 39 -8.44 11.26 -1.47
CA HIS A 39 -9.88 11.14 -1.64
C HIS A 39 -10.59 10.84 -0.31
N SER A 40 -11.48 11.74 0.13
CA SER A 40 -12.10 11.69 1.46
C SER A 40 -13.41 10.89 1.48
N SER A 41 -13.29 9.57 1.32
CA SER A 41 -14.42 8.62 1.30
C SER A 41 -14.04 7.25 1.91
N PRO A 42 -14.99 6.41 2.32
CA PRO A 42 -14.74 4.99 2.55
C PRO A 42 -14.32 4.29 1.24
N TRP A 43 -13.50 3.22 1.37
CA TRP A 43 -12.85 2.50 0.27
C TRP A 43 -12.24 3.41 -0.81
N PRO A 44 -11.33 4.35 -0.46
CA PRO A 44 -10.74 5.28 -1.42
C PRO A 44 -9.81 4.55 -2.39
N ALA A 45 -9.90 4.89 -3.68
CA ALA A 45 -9.18 4.22 -4.76
C ALA A 45 -7.66 4.49 -4.75
N PHE A 46 -6.91 3.54 -5.31
CA PHE A 46 -5.50 3.72 -5.65
C PHE A 46 -5.37 4.25 -7.09
N THR A 47 -4.22 4.85 -7.38
CA THR A 47 -3.91 5.58 -8.63
C THR A 47 -2.73 4.96 -9.39
N GLU A 48 -1.67 4.61 -8.68
CA GLU A 48 -0.47 3.93 -9.18
C GLU A 48 -0.14 2.71 -8.29
N THR A 49 1.03 2.14 -8.54
CA THR A 49 1.66 1.09 -7.71
C THR A 49 2.91 1.65 -7.03
N ILE A 50 3.48 0.90 -6.07
CA ILE A 50 4.82 1.15 -5.55
C ILE A 50 5.84 1.12 -6.68
N HIS A 51 6.02 -0.08 -7.22
CA HIS A 51 6.74 -0.48 -8.43
C HIS A 51 6.54 -1.99 -8.64
N PRO A 52 6.43 -2.52 -9.87
CA PRO A 52 6.45 -3.96 -10.14
C PRO A 52 7.84 -4.48 -10.51
N ASP A 53 8.03 -5.80 -10.49
CA ASP A 53 9.26 -6.46 -10.88
C ASP A 53 9.16 -7.69 -11.78
N SER A 54 8.82 -8.81 -11.15
CA SER A 54 8.54 -10.12 -11.71
C SER A 54 7.04 -10.45 -11.65
N VAL A 55 6.28 -9.53 -11.06
CA VAL A 55 4.82 -9.63 -10.88
C VAL A 55 4.08 -9.47 -12.22
N THR A 56 2.80 -9.79 -12.20
CA THR A 56 1.95 -10.02 -13.40
C THR A 56 0.57 -9.40 -13.27
N LYS A 57 -0.14 -9.16 -14.38
CA LYS A 57 -1.57 -8.96 -14.43
C LYS A 57 -2.30 -9.71 -15.54
N CYS A 58 -3.56 -9.99 -15.27
CA CYS A 58 -4.49 -10.65 -16.21
C CYS A 58 -5.91 -10.04 -16.21
N PRO A 59 -6.67 -10.13 -17.32
CA PRO A 59 -8.03 -9.59 -17.40
C PRO A 59 -9.07 -10.43 -16.67
N GLU A 60 -10.17 -9.79 -16.29
CA GLU A 60 -11.40 -10.51 -15.97
C GLU A 60 -12.12 -11.13 -17.18
N LYS A 61 -13.00 -12.06 -16.84
CA LYS A 61 -13.80 -12.87 -17.76
C LYS A 61 -15.24 -12.43 -17.90
N ASN A 62 -15.82 -12.05 -16.77
CA ASN A 62 -17.15 -11.50 -16.60
C ASN A 62 -17.12 -9.97 -16.48
N ARG A 63 -15.92 -9.37 -16.55
CA ARG A 63 -15.73 -7.92 -16.53
C ARG A 63 -14.72 -7.45 -17.60
N PRO A 64 -15.07 -7.41 -18.91
CA PRO A 64 -14.13 -7.12 -20.01
C PRO A 64 -13.68 -5.64 -20.15
N GLU A 65 -13.73 -4.93 -19.03
CA GLU A 65 -13.45 -3.51 -18.80
C GLU A 65 -12.52 -3.28 -17.60
N ALA A 66 -12.23 -4.36 -16.87
CA ALA A 66 -11.49 -4.37 -15.63
C ALA A 66 -10.57 -5.60 -15.60
N LEU A 67 -9.36 -5.39 -15.11
CA LEU A 67 -8.37 -6.44 -14.98
C LEU A 67 -7.90 -6.65 -13.53
N LYS A 68 -7.36 -7.84 -13.26
CA LYS A 68 -6.90 -8.33 -11.96
C LYS A 68 -5.38 -8.51 -11.96
N VAL A 69 -4.70 -7.82 -11.06
CA VAL A 69 -3.24 -7.75 -10.98
C VAL A 69 -2.72 -8.62 -9.83
N SER A 70 -1.70 -9.43 -10.07
CA SER A 70 -1.27 -10.48 -9.12
C SER A 70 0.25 -10.65 -8.91
N CYS A 71 0.58 -11.08 -7.69
CA CYS A 71 1.95 -11.25 -7.22
C CYS A 71 2.38 -12.69 -7.50
N GLY A 72 2.68 -13.01 -8.76
CA GLY A 72 3.06 -14.38 -9.12
C GLY A 72 4.46 -14.79 -8.63
N LYS A 73 5.19 -13.87 -8.00
CA LYS A 73 6.43 -14.08 -7.27
C LYS A 73 6.28 -15.05 -6.11
N CYS A 74 5.33 -14.73 -5.25
CA CYS A 74 5.04 -15.33 -3.98
C CYS A 74 3.71 -16.14 -4.02
N GLY A 75 2.79 -15.68 -4.87
CA GLY A 75 1.51 -16.29 -5.21
C GLY A 75 0.32 -15.55 -4.61
N ASN A 76 0.22 -14.23 -4.82
CA ASN A 76 -0.84 -13.38 -4.32
C ASN A 76 -1.53 -12.59 -5.45
N GLY A 77 -2.19 -11.48 -5.14
CA GLY A 77 -3.20 -10.82 -5.92
C GLY A 77 -3.36 -9.38 -5.46
N LEU A 78 -2.34 -8.63 -5.87
CA LEU A 78 -2.01 -7.21 -5.64
C LEU A 78 -3.23 -6.29 -5.71
N GLY A 79 -4.16 -6.62 -6.60
CA GLY A 79 -5.48 -5.97 -6.66
C GLY A 79 -6.17 -6.08 -8.01
N HIS A 80 -6.83 -5.00 -8.41
CA HIS A 80 -7.52 -4.80 -9.66
C HIS A 80 -7.14 -3.46 -10.29
N GLU A 81 -7.26 -3.33 -11.61
CA GLU A 81 -6.89 -2.20 -12.42
C GLU A 81 -7.93 -2.05 -13.54
N PHE A 82 -8.69 -0.96 -13.55
CA PHE A 82 -9.73 -0.71 -14.56
C PHE A 82 -9.15 -0.06 -15.82
N LEU A 83 -9.69 -0.39 -17.00
CA LEU A 83 -9.12 -0.07 -18.31
C LEU A 83 -10.18 0.38 -19.32
N ASN A 84 -9.74 0.80 -20.51
CA ASN A 84 -10.58 1.16 -21.66
C ASN A 84 -11.49 2.38 -21.44
N ASP A 85 -11.19 3.20 -20.42
CA ASP A 85 -11.94 4.42 -20.09
C ASP A 85 -11.29 5.72 -20.58
N GLY A 86 -9.99 5.66 -20.88
CA GLY A 86 -9.19 6.69 -21.54
C GLY A 86 -7.78 6.89 -20.96
N PRO A 87 -6.96 5.82 -20.84
CA PRO A 87 -5.76 5.76 -19.97
C PRO A 87 -4.59 6.69 -20.35
N LYS A 88 -4.69 7.33 -21.51
CA LYS A 88 -3.77 8.37 -22.03
C LYS A 88 -3.61 9.59 -21.09
N ARG A 89 -4.62 9.85 -20.27
CA ARG A 89 -4.69 10.90 -19.24
C ARG A 89 -3.72 10.64 -18.06
N GLY A 90 -3.77 11.50 -17.04
CA GLY A 90 -3.23 11.21 -15.71
C GLY A 90 -4.15 10.38 -14.80
N GLN A 91 -5.29 9.97 -15.34
CA GLN A 91 -6.37 9.28 -14.67
C GLN A 91 -6.24 7.76 -14.81
N SER A 92 -6.64 7.05 -13.76
CA SER A 92 -6.47 5.65 -13.51
C SER A 92 -7.36 5.34 -12.31
N ARG A 93 -7.71 4.06 -12.21
CA ARG A 93 -8.35 3.44 -11.03
C ARG A 93 -7.75 2.06 -10.76
N PHE A 94 -7.09 1.93 -9.61
CA PHE A 94 -6.66 0.66 -9.05
C PHE A 94 -7.48 0.36 -7.78
N CYS A 95 -7.99 -0.86 -7.66
CA CYS A 95 -8.88 -1.30 -6.58
C CYS A 95 -8.33 -2.54 -5.87
N ILE A 96 -7.86 -2.35 -4.64
CA ILE A 96 -7.09 -3.32 -3.86
C ILE A 96 -7.94 -3.99 -2.76
N PHE A 97 -7.56 -5.19 -2.33
CA PHE A 97 -8.26 -6.00 -1.33
C PHE A 97 -7.43 -6.15 -0.04
N SER A 98 -8.07 -6.36 1.11
CA SER A 98 -7.37 -6.69 2.37
C SER A 98 -6.64 -8.04 2.37
N SER A 99 -7.04 -8.94 1.48
CA SER A 99 -6.31 -10.19 1.17
C SER A 99 -5.10 -10.00 0.24
N SER A 100 -4.89 -8.78 -0.29
CA SER A 100 -3.73 -8.45 -1.12
C SER A 100 -2.47 -8.17 -0.30
N LEU A 101 -2.63 -7.34 0.74
CA LEU A 101 -1.55 -6.82 1.59
C LEU A 101 -2.09 -6.20 2.89
N LYS A 102 -1.18 -5.82 3.79
CA LYS A 102 -1.45 -5.22 5.10
C LYS A 102 -0.83 -3.82 5.22
N PHE A 103 -1.09 -3.15 6.34
CA PHE A 103 -0.57 -1.85 6.71
C PHE A 103 0.06 -1.92 8.10
N VAL A 104 1.25 -1.35 8.22
CA VAL A 104 2.00 -1.20 9.46
C VAL A 104 2.29 0.29 9.74
N PRO A 105 1.71 0.87 10.81
CA PRO A 105 1.96 2.27 11.17
C PRO A 105 3.34 2.44 11.82
N LYS A 106 3.83 3.70 11.86
CA LYS A 106 5.03 4.10 12.58
C LYS A 106 6.20 3.17 12.23
N GLY A 107 6.94 2.76 13.24
CA GLY A 107 7.83 1.61 13.24
C GLY A 107 9.04 1.77 12.31
N LYS A 108 9.83 2.81 12.55
CA LYS A 108 10.99 3.22 11.74
C LYS A 108 12.31 2.59 12.18
N GLU A 109 12.48 2.43 13.49
CA GLU A 109 13.72 1.96 14.13
C GLU A 109 14.17 0.61 13.59
N ALA A 110 13.22 -0.32 13.63
CA ALA A 110 13.29 -1.67 13.06
C ALA A 110 14.51 -2.47 13.56
N ALA A 111 14.69 -2.48 14.89
CA ALA A 111 15.85 -3.01 15.57
C ALA A 111 17.15 -2.34 15.08
N ALA A 112 18.14 -3.12 14.65
CA ALA A 112 19.49 -2.64 14.33
C ALA A 112 20.07 -1.75 15.45
N SER A 113 19.98 -2.29 16.66
CA SER A 113 20.20 -1.62 17.94
C SER A 113 20.54 -2.57 19.08
N GLN A 114 21.21 -3.67 18.71
CA GLN A 114 21.46 -4.83 19.55
C GLN A 114 22.87 -4.80 20.16
N GLY A 115 22.95 -4.34 21.41
CA GLY A 115 24.22 -4.08 22.09
C GLY A 115 24.04 -3.75 23.57
N HIS A 116 23.41 -4.65 24.31
CA HIS A 116 23.28 -4.63 25.77
C HIS A 116 23.02 -6.04 26.32
N LEU A 117 23.11 -6.24 27.64
CA LEU A 117 22.89 -7.52 28.32
C LEU A 117 22.26 -7.32 29.71
N GLU A 118 21.04 -7.81 29.90
CA GLU A 118 20.26 -7.72 31.15
C GLU A 118 19.14 -8.76 31.21
N HIS A 119 18.61 -9.07 32.40
CA HIS A 119 17.28 -9.69 32.58
C HIS A 119 16.82 -9.74 34.05
N HIS A 120 15.56 -9.37 34.30
CA HIS A 120 14.83 -9.63 35.54
C HIS A 120 13.31 -9.69 35.29
N HIS A 121 12.66 -10.69 35.89
CA HIS A 121 11.21 -10.88 35.91
C HIS A 121 10.83 -11.80 37.09
N HIS A 122 9.60 -11.68 37.58
CA HIS A 122 9.14 -12.33 38.81
C HIS A 122 7.70 -12.84 38.65
N HIS A 123 7.28 -13.78 39.51
CA HIS A 123 5.89 -14.30 39.51
C HIS A 123 5.35 -14.59 40.93
N HIS A 124 6.19 -15.02 41.87
CA HIS A 124 5.87 -14.87 43.31
C HIS A 124 5.74 -13.38 43.65
ZN ZN B . 3.81 -10.69 -2.60
N MET A 1 18.56 14.73 -18.35
CA MET A 1 19.76 14.92 -19.20
C MET A 1 20.81 15.80 -18.52
N SER A 2 20.44 17.00 -18.05
CA SER A 2 21.30 17.96 -17.33
C SER A 2 20.53 18.65 -16.19
N PHE A 3 21.12 19.67 -15.54
CA PHE A 3 20.52 20.47 -14.46
C PHE A 3 20.01 19.64 -13.27
N CYS A 4 20.90 18.86 -12.65
CA CYS A 4 20.58 18.05 -11.48
C CYS A 4 20.86 18.82 -10.17
N SER A 5 19.85 18.89 -9.29
CA SER A 5 19.97 19.35 -7.90
C SER A 5 18.72 18.93 -7.13
N PHE A 6 18.89 18.30 -5.97
CA PHE A 6 17.84 17.64 -5.19
C PHE A 6 18.12 17.77 -3.68
N PHE A 7 17.09 17.66 -2.84
CA PHE A 7 17.24 17.63 -1.39
C PHE A 7 17.55 16.21 -0.88
N GLY A 8 18.24 16.14 0.26
CA GLY A 8 18.92 14.91 0.74
C GLY A 8 19.85 15.08 1.94
N GLY A 9 19.64 16.09 2.80
CA GLY A 9 20.43 16.35 4.01
C GLY A 9 19.65 17.05 5.12
N GLU A 10 18.33 16.83 5.20
CA GLU A 10 17.39 17.55 6.05
C GLU A 10 16.98 16.74 7.29
N VAL A 11 16.76 17.45 8.40
CA VAL A 11 16.53 16.85 9.73
C VAL A 11 15.24 16.01 9.78
N PHE A 12 14.25 16.33 8.94
CA PHE A 12 12.93 15.66 8.95
C PHE A 12 12.84 14.42 8.04
N GLN A 13 13.80 14.24 7.14
CA GLN A 13 13.69 13.52 5.86
C GLN A 13 13.49 11.99 5.93
N ASN A 14 13.27 11.44 7.12
CA ASN A 14 12.96 10.04 7.33
C ASN A 14 11.81 9.77 8.31
N HIS A 15 11.20 10.80 8.93
CA HIS A 15 10.09 10.70 9.87
C HIS A 15 9.01 11.77 9.64
N PHE A 16 8.57 11.88 8.40
CA PHE A 16 7.59 12.89 7.92
C PHE A 16 6.47 12.33 7.05
N GLU A 17 6.62 11.08 6.61
CA GLU A 17 5.74 10.34 5.72
C GLU A 17 4.79 9.42 6.52
N PRO A 18 3.56 9.13 6.01
CA PRO A 18 2.53 8.39 6.73
C PRO A 18 2.78 6.87 6.73
N GLY A 19 1.88 6.10 7.35
CA GLY A 19 1.99 4.64 7.47
C GLY A 19 2.06 3.89 6.12
N VAL A 20 2.52 2.64 6.19
CA VAL A 20 3.11 1.87 5.08
C VAL A 20 2.31 0.59 4.78
N TYR A 21 2.51 -0.01 3.61
CA TYR A 21 1.91 -1.29 3.22
C TYR A 21 2.97 -2.39 3.08
N VAL A 22 2.59 -3.65 3.36
CA VAL A 22 3.47 -4.82 3.28
C VAL A 22 2.71 -6.05 2.76
N CYS A 23 3.40 -7.00 2.13
CA CYS A 23 2.75 -8.18 1.57
C CYS A 23 2.07 -9.03 2.67
N ALA A 24 0.98 -9.72 2.32
CA ALA A 24 0.40 -10.71 3.23
C ALA A 24 1.32 -11.95 3.37
N LYS A 25 2.21 -12.16 2.38
CA LYS A 25 2.90 -13.44 2.14
C LYS A 25 4.42 -13.35 2.16
N CYS A 26 4.95 -12.38 1.42
CA CYS A 26 6.35 -12.00 1.45
C CYS A 26 6.65 -11.20 2.75
N SER A 27 5.63 -10.43 3.17
CA SER A 27 5.62 -9.43 4.25
C SER A 27 6.80 -8.46 4.26
N TYR A 28 7.39 -8.26 3.08
CA TYR A 28 8.30 -7.17 2.77
C TYR A 28 7.53 -5.86 2.50
N GLU A 29 8.14 -4.72 2.83
CA GLU A 29 7.42 -3.44 2.96
C GLU A 29 7.56 -2.55 1.73
N LEU A 30 6.42 -2.23 1.09
CA LEU A 30 6.37 -1.52 -0.18
C LEU A 30 4.99 -0.89 -0.49
N PHE A 31 5.07 0.37 -0.93
CA PHE A 31 4.18 1.07 -1.86
C PHE A 31 5.05 2.09 -2.62
N SER A 32 4.83 2.30 -3.92
CA SER A 32 5.43 3.41 -4.66
C SER A 32 4.93 4.74 -4.10
N SER A 33 5.81 5.64 -3.68
CA SER A 33 5.50 6.87 -2.92
C SER A 33 4.30 7.67 -3.46
N HIS A 34 4.11 7.69 -4.78
CA HIS A 34 3.10 8.45 -5.51
C HIS A 34 1.71 7.79 -5.63
N SER A 35 1.58 6.51 -5.27
CA SER A 35 0.38 5.72 -5.42
C SER A 35 -0.71 6.03 -4.38
N LYS A 36 -0.28 6.45 -3.19
CA LYS A 36 -1.15 6.51 -2.00
C LYS A 36 -1.27 7.95 -1.47
N TYR A 37 -2.10 8.76 -2.13
CA TYR A 37 -2.41 10.14 -1.75
C TYR A 37 -3.38 10.22 -0.55
N ALA A 38 -3.50 11.43 -0.03
CA ALA A 38 -4.43 11.82 1.03
C ALA A 38 -5.77 12.36 0.46
N HIS A 39 -6.87 11.71 0.84
CA HIS A 39 -8.26 12.07 0.56
C HIS A 39 -9.18 11.36 1.59
N SER A 40 -10.43 11.80 1.74
CA SER A 40 -11.44 11.16 2.59
C SER A 40 -12.80 10.95 1.91
N SER A 41 -13.06 9.70 1.51
CA SER A 41 -14.37 9.17 1.09
C SER A 41 -14.38 7.63 1.21
N PRO A 42 -15.55 6.96 1.31
CA PRO A 42 -15.63 5.51 1.51
C PRO A 42 -15.08 4.71 0.33
N TRP A 43 -14.76 3.43 0.57
CA TRP A 43 -14.18 2.48 -0.39
C TRP A 43 -13.00 3.07 -1.21
N PRO A 44 -11.93 3.55 -0.55
CA PRO A 44 -10.84 4.30 -1.19
C PRO A 44 -10.00 3.44 -2.16
N ALA A 45 -9.19 4.14 -2.97
CA ALA A 45 -8.34 3.59 -4.03
C ALA A 45 -6.97 4.29 -4.08
N PHE A 46 -6.03 3.74 -4.85
CA PHE A 46 -4.72 4.31 -5.16
C PHE A 46 -4.71 4.92 -6.58
N THR A 47 -3.78 5.84 -6.83
CA THR A 47 -3.55 6.41 -8.17
C THR A 47 -2.69 5.51 -9.06
N GLU A 48 -1.60 4.99 -8.52
CA GLU A 48 -0.65 4.09 -9.16
C GLU A 48 -0.53 2.77 -8.39
N THR A 49 0.35 1.92 -8.89
CA THR A 49 0.78 0.67 -8.24
C THR A 49 2.31 0.60 -8.20
N ILE A 50 2.87 -0.32 -7.40
CA ILE A 50 4.33 -0.48 -7.32
C ILE A 50 4.94 -1.06 -8.61
N HIS A 51 4.15 -1.82 -9.37
CA HIS A 51 4.47 -2.33 -10.72
C HIS A 51 5.88 -2.98 -10.90
N PRO A 52 6.42 -3.80 -9.95
CA PRO A 52 7.76 -4.37 -10.06
C PRO A 52 7.85 -5.56 -11.04
N ASP A 53 9.07 -5.92 -11.41
CA ASP A 53 9.40 -6.96 -12.41
C ASP A 53 9.01 -8.39 -12.01
N SER A 54 8.80 -8.55 -10.71
CA SER A 54 8.67 -9.85 -10.05
C SER A 54 7.22 -10.30 -9.89
N VAL A 55 6.32 -9.34 -10.04
CA VAL A 55 4.86 -9.55 -10.09
C VAL A 55 4.35 -9.50 -11.52
N THR A 56 3.07 -9.81 -11.70
CA THR A 56 2.36 -9.68 -12.98
C THR A 56 0.90 -9.28 -12.79
N LYS A 57 0.24 -8.88 -13.87
CA LYS A 57 -1.20 -8.68 -13.95
C LYS A 57 -1.82 -9.34 -15.16
N CYS A 58 -3.12 -9.59 -15.07
CA CYS A 58 -3.93 -10.19 -16.12
C CYS A 58 -5.32 -9.53 -16.27
N PRO A 59 -5.90 -9.51 -17.48
CA PRO A 59 -7.18 -8.86 -17.72
C PRO A 59 -8.35 -9.56 -17.03
N GLU A 60 -9.41 -8.81 -16.74
CA GLU A 60 -10.72 -9.34 -16.45
C GLU A 60 -11.45 -9.85 -17.70
N LYS A 61 -12.41 -10.75 -17.45
CA LYS A 61 -13.23 -11.49 -18.44
C LYS A 61 -14.72 -11.17 -18.38
N ASN A 62 -15.02 -10.50 -17.30
CA ASN A 62 -16.26 -10.14 -16.62
C ASN A 62 -16.27 -8.64 -16.32
N ARG A 63 -15.18 -7.95 -16.70
CA ARG A 63 -15.03 -6.51 -16.76
C ARG A 63 -14.22 -6.11 -18.01
N PRO A 64 -14.84 -5.78 -19.16
CA PRO A 64 -14.15 -5.44 -20.42
C PRO A 64 -13.43 -4.08 -20.42
N GLU A 65 -12.86 -3.68 -19.29
CA GLU A 65 -12.35 -2.34 -18.98
C GLU A 65 -11.33 -2.24 -17.82
N ALA A 66 -10.96 -3.38 -17.27
CA ALA A 66 -10.08 -3.51 -16.12
C ALA A 66 -9.27 -4.81 -16.13
N LEU A 67 -8.20 -4.76 -15.36
CA LEU A 67 -7.32 -5.88 -15.05
C LEU A 67 -7.39 -6.26 -13.57
N LYS A 68 -7.07 -7.52 -13.26
CA LYS A 68 -6.64 -7.97 -11.93
C LYS A 68 -5.12 -8.14 -11.88
N VAL A 69 -4.50 -7.75 -10.78
CA VAL A 69 -3.05 -7.88 -10.56
C VAL A 69 -2.75 -8.98 -9.55
N SER A 70 -1.63 -9.69 -9.73
CA SER A 70 -1.18 -10.76 -8.82
C SER A 70 0.34 -10.89 -8.54
N CYS A 71 0.70 -11.46 -7.38
CA CYS A 71 2.06 -11.64 -6.88
C CYS A 71 2.44 -13.11 -7.08
N GLY A 72 3.01 -13.40 -8.25
CA GLY A 72 3.54 -14.74 -8.55
C GLY A 72 4.88 -15.08 -7.86
N LYS A 73 5.38 -14.18 -7.00
CA LYS A 73 6.56 -14.37 -6.14
C LYS A 73 6.29 -15.30 -4.95
N CYS A 74 5.14 -15.09 -4.31
CA CYS A 74 4.62 -15.87 -3.22
C CYS A 74 3.36 -16.68 -3.63
N GLY A 75 2.71 -16.28 -4.73
CA GLY A 75 1.57 -16.95 -5.35
C GLY A 75 0.22 -16.38 -4.94
N ASN A 76 0.12 -15.07 -4.68
CA ASN A 76 -1.06 -14.40 -4.16
C ASN A 76 -1.83 -13.80 -5.34
N GLY A 77 -2.75 -12.87 -5.09
CA GLY A 77 -2.98 -11.83 -6.04
C GLY A 77 -2.19 -10.64 -5.53
N LEU A 78 -2.94 -9.59 -5.46
CA LEU A 78 -2.61 -8.23 -5.03
C LEU A 78 -3.89 -7.37 -5.03
N GLY A 79 -4.60 -7.32 -6.18
CA GLY A 79 -5.63 -6.30 -6.41
C GLY A 79 -6.20 -6.23 -7.84
N HIS A 80 -6.71 -5.06 -8.21
CA HIS A 80 -7.30 -4.69 -9.48
C HIS A 80 -6.76 -3.34 -10.00
N GLU A 81 -6.70 -3.19 -11.32
CA GLU A 81 -6.03 -2.10 -12.04
C GLU A 81 -6.86 -1.74 -13.29
N PHE A 82 -7.60 -0.63 -13.25
CA PHE A 82 -8.58 -0.22 -14.28
C PHE A 82 -7.92 0.59 -15.41
N LEU A 83 -7.91 0.09 -16.65
CA LEU A 83 -7.13 0.67 -17.75
C LEU A 83 -7.67 0.32 -19.15
N ASN A 84 -7.25 1.09 -20.16
CA ASN A 84 -7.50 0.92 -21.59
C ASN A 84 -8.96 1.08 -22.05
N ASP A 85 -9.82 1.67 -21.22
CA ASP A 85 -11.23 1.99 -21.57
C ASP A 85 -11.60 3.48 -21.50
N GLY A 86 -10.85 4.29 -20.76
CA GLY A 86 -11.08 5.73 -20.61
C GLY A 86 -10.13 6.69 -21.33
N PRO A 87 -9.45 6.35 -22.45
CA PRO A 87 -8.25 7.07 -22.90
C PRO A 87 -8.44 8.56 -23.26
N LYS A 88 -9.67 8.96 -23.63
CA LYS A 88 -10.05 10.35 -23.88
C LYS A 88 -10.11 11.21 -22.61
N ARG A 89 -10.26 10.61 -21.44
CA ARG A 89 -10.27 11.23 -20.13
C ARG A 89 -8.87 11.28 -19.50
N GLY A 90 -8.79 11.85 -18.31
CA GLY A 90 -7.66 11.68 -17.39
C GLY A 90 -7.68 10.39 -16.55
N GLN A 91 -8.76 9.62 -16.63
CA GLN A 91 -9.10 8.57 -15.68
C GLN A 91 -8.08 7.43 -15.62
N SER A 92 -7.78 7.09 -14.38
CA SER A 92 -6.73 6.20 -13.88
C SER A 92 -7.01 6.03 -12.38
N ARG A 93 -7.29 4.81 -11.92
CA ARG A 93 -7.60 4.50 -10.50
C ARG A 93 -7.51 3.00 -10.21
N PHE A 94 -6.75 2.60 -9.20
CA PHE A 94 -6.41 1.21 -8.94
C PHE A 94 -6.82 0.81 -7.50
N CYS A 95 -7.30 -0.42 -7.30
CA CYS A 95 -7.96 -0.84 -6.06
C CYS A 95 -7.42 -2.19 -5.53
N ILE A 96 -7.07 -2.26 -4.26
CA ILE A 96 -6.19 -3.30 -3.70
C ILE A 96 -6.80 -4.02 -2.49
N PHE A 97 -6.36 -5.24 -2.25
CA PHE A 97 -6.96 -6.13 -1.25
C PHE A 97 -6.21 -6.13 0.10
N SER A 98 -6.89 -5.72 1.18
CA SER A 98 -6.46 -5.85 2.59
C SER A 98 -6.19 -7.29 3.07
N SER A 99 -6.68 -8.25 2.32
CA SER A 99 -6.45 -9.70 2.45
C SER A 99 -5.18 -10.16 1.72
N SER A 100 -4.85 -9.55 0.59
CA SER A 100 -3.63 -9.80 -0.18
C SER A 100 -2.41 -9.05 0.36
N LEU A 101 -2.61 -7.92 1.03
CA LEU A 101 -1.55 -7.18 1.74
C LEU A 101 -2.06 -6.33 2.91
N LYS A 102 -1.17 -6.06 3.87
CA LYS A 102 -1.44 -5.46 5.19
C LYS A 102 -0.90 -4.03 5.29
N PHE A 103 -1.36 -3.29 6.30
CA PHE A 103 -0.96 -1.93 6.64
C PHE A 103 -0.22 -1.93 7.98
N VAL A 104 0.87 -1.19 8.04
CA VAL A 104 1.68 -0.91 9.23
C VAL A 104 1.85 0.60 9.45
N PRO A 105 1.21 1.19 10.48
CA PRO A 105 1.33 2.62 10.75
C PRO A 105 2.63 2.96 11.49
N LYS A 106 3.11 4.22 11.34
CA LYS A 106 4.26 4.76 12.06
C LYS A 106 5.47 3.82 11.94
N GLY A 107 6.26 3.77 13.00
CA GLY A 107 7.27 2.74 13.24
C GLY A 107 8.43 3.11 14.17
N LYS A 108 8.96 4.33 14.01
CA LYS A 108 10.15 4.83 14.70
C LYS A 108 9.85 5.26 16.14
N GLU A 109 8.73 5.96 16.28
CA GLU A 109 8.20 6.50 17.54
C GLU A 109 7.39 5.46 18.33
N ALA A 110 6.45 4.84 17.61
CA ALA A 110 5.32 4.08 18.13
C ALA A 110 4.38 4.90 19.05
N ALA A 111 3.25 4.31 19.48
CA ALA A 111 2.30 4.88 20.44
C ALA A 111 1.93 6.36 20.18
N ALA A 112 1.75 7.14 21.26
CA ALA A 112 1.54 8.60 21.27
C ALA A 112 0.42 9.13 20.38
N SER A 113 -0.73 8.45 20.49
CA SER A 113 -1.99 8.75 19.83
C SER A 113 -3.20 8.36 20.67
N GLN A 114 -3.06 8.54 21.98
CA GLN A 114 -4.05 8.18 23.00
C GLN A 114 -4.73 9.45 23.56
N GLY A 115 -6.05 9.46 23.59
CA GLY A 115 -6.86 10.55 24.15
C GLY A 115 -8.35 10.25 24.06
N HIS A 116 -9.07 10.41 25.17
CA HIS A 116 -10.49 10.13 25.33
C HIS A 116 -11.05 10.87 26.55
N LEU A 117 -12.38 10.93 26.67
CA LEU A 117 -13.06 11.08 27.95
C LEU A 117 -14.39 10.33 27.93
N GLU A 118 -14.86 9.96 29.12
CA GLU A 118 -16.16 9.35 29.37
C GLU A 118 -16.73 9.85 30.71
N HIS A 119 -18.00 9.50 31.01
CA HIS A 119 -18.67 9.82 32.26
C HIS A 119 -19.88 8.92 32.51
N HIS A 120 -20.21 8.71 33.79
CA HIS A 120 -21.47 8.12 34.27
C HIS A 120 -22.14 9.04 35.31
N HIS A 121 -23.48 9.00 35.38
CA HIS A 121 -24.33 9.74 36.33
C HIS A 121 -25.65 8.98 36.57
N HIS A 122 -26.38 9.33 37.64
CA HIS A 122 -27.76 8.86 37.87
C HIS A 122 -28.57 9.81 38.78
N HIS A 123 -29.85 9.49 38.98
CA HIS A 123 -30.79 10.15 39.88
C HIS A 123 -31.84 9.12 40.37
N HIS A 124 -32.65 9.51 41.36
CA HIS A 124 -33.96 8.90 41.65
C HIS A 124 -35.01 10.00 41.77
ZN ZN B . 3.83 -11.25 -2.21
#